data_7MX9
# 
_entry.id   7MX9 
# 
_audit_conform.dict_name       mmcif_pdbx.dic 
_audit_conform.dict_version    5.397 
_audit_conform.dict_location   http://mmcif.pdb.org/dictionaries/ascii/mmcif_pdbx.dic 
# 
loop_
_database_2.database_id 
_database_2.database_code 
_database_2.pdbx_database_accession 
_database_2.pdbx_DOI 
PDB   7MX9         pdb_00007mx9 10.2210/pdb7mx9/pdb 
WWPDB D_1000254891 ?            ?                   
# 
loop_
_pdbx_audit_revision_history.ordinal 
_pdbx_audit_revision_history.data_content_type 
_pdbx_audit_revision_history.major_revision 
_pdbx_audit_revision_history.minor_revision 
_pdbx_audit_revision_history.revision_date 
1 'Structure model' 1 0 2023-01-25 
2 'Structure model' 1 1 2023-10-25 
3 'Structure model' 1 2 2024-10-23 
# 
_pdbx_audit_revision_details.ordinal             1 
_pdbx_audit_revision_details.revision_ordinal    1 
_pdbx_audit_revision_details.data_content_type   'Structure model' 
_pdbx_audit_revision_details.provider            repository 
_pdbx_audit_revision_details.type                'Initial release' 
_pdbx_audit_revision_details.description         ? 
_pdbx_audit_revision_details.details             ? 
# 
loop_
_pdbx_audit_revision_group.ordinal 
_pdbx_audit_revision_group.revision_ordinal 
_pdbx_audit_revision_group.data_content_type 
_pdbx_audit_revision_group.group 
1 2 'Structure model' 'Data collection'        
2 2 'Structure model' 'Refinement description' 
3 3 'Structure model' 'Structure summary'      
# 
loop_
_pdbx_audit_revision_category.ordinal 
_pdbx_audit_revision_category.revision_ordinal 
_pdbx_audit_revision_category.data_content_type 
_pdbx_audit_revision_category.category 
1 2 'Structure model' chem_comp_atom                
2 2 'Structure model' chem_comp_bond                
3 2 'Structure model' pdbx_initial_refinement_model 
4 3 'Structure model' pdbx_entry_details            
5 3 'Structure model' pdbx_modification_feature     
# 
_pdbx_database_status.status_code                     REL 
_pdbx_database_status.status_code_sf                  REL 
_pdbx_database_status.status_code_mr                  ? 
_pdbx_database_status.entry_id                        7MX9 
_pdbx_database_status.recvd_initial_deposition_date   2021-05-18 
_pdbx_database_status.SG_entry                        N 
_pdbx_database_status.deposit_site                    RCSB 
_pdbx_database_status.process_site                    RCSB 
_pdbx_database_status.status_code_cs                  ? 
_pdbx_database_status.status_code_nmr_data            ? 
_pdbx_database_status.methods_development_category    ? 
_pdbx_database_status.pdb_format_compatible           Y 
# 
loop_
_audit_author.name 
_audit_author.pdbx_ordinal 
_audit_author.identifier_ORCID 
'Bailey-Elkin, B.A.' 1 0000-0001-6863-2643 
'Stetefeld, J.'      2 0000-0003-1478-3248 
# 
_citation.abstract                  ? 
_citation.abstract_id_CAS           ? 
_citation.book_id_ISBN              ? 
_citation.book_publisher            ? 
_citation.book_publisher_city       ? 
_citation.book_title                ? 
_citation.coordinate_linkage        ? 
_citation.country                   ? 
_citation.database_id_Medline       ? 
_citation.details                   ? 
_citation.id                        primary 
_citation.journal_abbrev            'To Be Published' 
_citation.journal_id_ASTM           ? 
_citation.journal_id_CSD            0353 
_citation.journal_id_ISSN           ? 
_citation.journal_full              ? 
_citation.journal_issue             ? 
_citation.journal_volume            ? 
_citation.language                  ? 
_citation.page_first                ? 
_citation.page_last                 ? 
_citation.title                     
'The unique ORF8 protein of SARS-CoV-2 binds to human dendritic cells and induces a cytokine storm' 
_citation.year                      ? 
_citation.database_id_CSD           ? 
_citation.pdbx_database_id_DOI      ? 
_citation.pdbx_database_id_PubMed   ? 
_citation.pdbx_database_id_patent   ? 
_citation.unpublished_flag          ? 
# 
loop_
_citation_author.citation_id 
_citation_author.name 
_citation_author.ordinal 
_citation_author.identifier_ORCID 
primary 'Hamdorf, M.'             1  ? 
primary 'Imhof, T.'               2  ? 
primary 'Theobald, S.J.'          3  ? 
primary 'Simonis, A.'             4  ? 
primary 'Di Cristanziano, V.'     5  ? 
primary 'Gieselmann, L.'          6  ? 
primary 'Dewald, F.'              7  ? 
primary 'Lehmann, C.'             8  ? 
primary 'Augustin, M.'            9  ? 
primary 'Klein, F.'               10 ? 
primary 'Alejandre Alcazar, M.A.' 11 ? 
primary 'Rongisch, R.'            12 ? 
primary 'Fabri, M.'               13 ? 
primary 'Cursiefen, C.'           14 ? 
primary 'Rybniker, J.'            15 ? 
primary 'Bailey-Elkin, B.A.'      16 ? 
primary 'Stetefeld, J.'           17 ? 
primary 'Koch, M.'                18 ? 
primary 'Bock, F.'                19 ? 
# 
loop_
_entity.id 
_entity.type 
_entity.src_method 
_entity.pdbx_description 
_entity.formula_weight 
_entity.pdbx_number_of_molecules 
_entity.pdbx_ec 
_entity.pdbx_mutation 
_entity.pdbx_fragment 
_entity.details 
1 polymer man 'ORF8 protein' 12906.724 1  ? ? ? ? 
2 water   nat water          18.015    11 ? ? ? ? 
# 
_entity_name_com.entity_id   1 
_entity_name_com.name        'ORF8,Non-structural protein 8,ns8' 
# 
_entity_poly.entity_id                      1 
_entity_poly.type                           'polypeptide(L)' 
_entity_poly.nstd_linkage                   no 
_entity_poly.nstd_monomer                   no 
_entity_poly.pdbx_seq_one_letter_code       
;GVRLASAFHQECSLQSCTQHQPYVVDDPCPIHFYSKWYIRVGARKSAPLIELCVDEAGSKSPIQYIDIGQYTVSCLPFTI
NCQEPKLGSLVVRCSFYEDFLEYHDVRVVLDFI
;
_entity_poly.pdbx_seq_one_letter_code_can   
;GVRLASAFHQECSLQSCTQHQPYVVDDPCPIHFYSKWYIRVGARKSAPLIELCVDEAGSKSPIQYIDIGQYTVSCLPFTI
NCQEPKLGSLVVRCSFYEDFLEYHDVRVVLDFI
;
_entity_poly.pdbx_strand_id                 A 
_entity_poly.pdbx_target_identifier         ? 
# 
_pdbx_entity_nonpoly.entity_id   2 
_pdbx_entity_nonpoly.name        water 
_pdbx_entity_nonpoly.comp_id     HOH 
# 
loop_
_entity_poly_seq.entity_id 
_entity_poly_seq.num 
_entity_poly_seq.mon_id 
_entity_poly_seq.hetero 
1 1   GLY n 
1 2   VAL n 
1 3   ARG n 
1 4   LEU n 
1 5   ALA n 
1 6   SER n 
1 7   ALA n 
1 8   PHE n 
1 9   HIS n 
1 10  GLN n 
1 11  GLU n 
1 12  CYS n 
1 13  SER n 
1 14  LEU n 
1 15  GLN n 
1 16  SER n 
1 17  CYS n 
1 18  THR n 
1 19  GLN n 
1 20  HIS n 
1 21  GLN n 
1 22  PRO n 
1 23  TYR n 
1 24  VAL n 
1 25  VAL n 
1 26  ASP n 
1 27  ASP n 
1 28  PRO n 
1 29  CYS n 
1 30  PRO n 
1 31  ILE n 
1 32  HIS n 
1 33  PHE n 
1 34  TYR n 
1 35  SER n 
1 36  LYS n 
1 37  TRP n 
1 38  TYR n 
1 39  ILE n 
1 40  ARG n 
1 41  VAL n 
1 42  GLY n 
1 43  ALA n 
1 44  ARG n 
1 45  LYS n 
1 46  SER n 
1 47  ALA n 
1 48  PRO n 
1 49  LEU n 
1 50  ILE n 
1 51  GLU n 
1 52  LEU n 
1 53  CYS n 
1 54  VAL n 
1 55  ASP n 
1 56  GLU n 
1 57  ALA n 
1 58  GLY n 
1 59  SER n 
1 60  LYS n 
1 61  SER n 
1 62  PRO n 
1 63  ILE n 
1 64  GLN n 
1 65  TYR n 
1 66  ILE n 
1 67  ASP n 
1 68  ILE n 
1 69  GLY n 
1 70  GLN n 
1 71  TYR n 
1 72  THR n 
1 73  VAL n 
1 74  SER n 
1 75  CYS n 
1 76  LEU n 
1 77  PRO n 
1 78  PHE n 
1 79  THR n 
1 80  ILE n 
1 81  ASN n 
1 82  CYS n 
1 83  GLN n 
1 84  GLU n 
1 85  PRO n 
1 86  LYS n 
1 87  LEU n 
1 88  GLY n 
1 89  SER n 
1 90  LEU n 
1 91  VAL n 
1 92  VAL n 
1 93  ARG n 
1 94  CYS n 
1 95  SER n 
1 96  PHE n 
1 97  TYR n 
1 98  GLU n 
1 99  ASP n 
1 100 PHE n 
1 101 LEU n 
1 102 GLU n 
1 103 TYR n 
1 104 HIS n 
1 105 ASP n 
1 106 VAL n 
1 107 ARG n 
1 108 VAL n 
1 109 VAL n 
1 110 LEU n 
1 111 ASP n 
1 112 PHE n 
1 113 ILE n 
# 
_entity_src_gen.entity_id                          1 
_entity_src_gen.pdbx_src_id                        1 
_entity_src_gen.pdbx_alt_source_flag               sample 
_entity_src_gen.pdbx_seq_type                      'Biological sequence' 
_entity_src_gen.pdbx_beg_seq_num                   1 
_entity_src_gen.pdbx_end_seq_num                   113 
_entity_src_gen.gene_src_common_name               '2019-nCoV, SARS-CoV-2' 
_entity_src_gen.gene_src_genus                     ? 
_entity_src_gen.pdbx_gene_src_gene                 ? 
_entity_src_gen.gene_src_species                   ? 
_entity_src_gen.gene_src_strain                    ? 
_entity_src_gen.gene_src_tissue                    ? 
_entity_src_gen.gene_src_tissue_fraction           ? 
_entity_src_gen.gene_src_details                   ? 
_entity_src_gen.pdbx_gene_src_fragment             ? 
_entity_src_gen.pdbx_gene_src_scientific_name      'Severe acute respiratory syndrome coronavirus 2' 
_entity_src_gen.pdbx_gene_src_ncbi_taxonomy_id     2697049 
_entity_src_gen.pdbx_gene_src_variant              ? 
_entity_src_gen.pdbx_gene_src_cell_line            ? 
_entity_src_gen.pdbx_gene_src_atcc                 ? 
_entity_src_gen.pdbx_gene_src_organ                ? 
_entity_src_gen.pdbx_gene_src_organelle            ? 
_entity_src_gen.pdbx_gene_src_cell                 ? 
_entity_src_gen.pdbx_gene_src_cellular_location    ? 
_entity_src_gen.host_org_common_name               ? 
_entity_src_gen.pdbx_host_org_scientific_name      'Homo sapiens' 
_entity_src_gen.pdbx_host_org_ncbi_taxonomy_id     9606 
_entity_src_gen.host_org_genus                     ? 
_entity_src_gen.pdbx_host_org_gene                 ? 
_entity_src_gen.pdbx_host_org_organ                ? 
_entity_src_gen.host_org_species                   ? 
_entity_src_gen.pdbx_host_org_tissue               ? 
_entity_src_gen.pdbx_host_org_tissue_fraction      ? 
_entity_src_gen.pdbx_host_org_strain               ? 
_entity_src_gen.pdbx_host_org_variant              ? 
_entity_src_gen.pdbx_host_org_cell_line            HEK293 
_entity_src_gen.pdbx_host_org_atcc                 ? 
_entity_src_gen.pdbx_host_org_culture_collection   ? 
_entity_src_gen.pdbx_host_org_cell                 ? 
_entity_src_gen.pdbx_host_org_organelle            ? 
_entity_src_gen.pdbx_host_org_cellular_location    ? 
_entity_src_gen.pdbx_host_org_vector_type          ? 
_entity_src_gen.pdbx_host_org_vector               ? 
_entity_src_gen.host_org_details                   ? 
_entity_src_gen.expression_system_id               ? 
_entity_src_gen.plasmid_name                       ? 
_entity_src_gen.plasmid_details                    ? 
_entity_src_gen.pdbx_description                   ? 
# 
loop_
_chem_comp.id 
_chem_comp.type 
_chem_comp.mon_nstd_flag 
_chem_comp.name 
_chem_comp.pdbx_synonyms 
_chem_comp.formula 
_chem_comp.formula_weight 
ALA 'L-peptide linking' y ALANINE         ? 'C3 H7 N O2'     89.093  
ARG 'L-peptide linking' y ARGININE        ? 'C6 H15 N4 O2 1' 175.209 
ASN 'L-peptide linking' y ASPARAGINE      ? 'C4 H8 N2 O3'    132.118 
ASP 'L-peptide linking' y 'ASPARTIC ACID' ? 'C4 H7 N O4'     133.103 
CYS 'L-peptide linking' y CYSTEINE        ? 'C3 H7 N O2 S'   121.158 
GLN 'L-peptide linking' y GLUTAMINE       ? 'C5 H10 N2 O3'   146.144 
GLU 'L-peptide linking' y 'GLUTAMIC ACID' ? 'C5 H9 N O4'     147.129 
GLY 'peptide linking'   y GLYCINE         ? 'C2 H5 N O2'     75.067  
HIS 'L-peptide linking' y HISTIDINE       ? 'C6 H10 N3 O2 1' 156.162 
HOH non-polymer         . WATER           ? 'H2 O'           18.015  
ILE 'L-peptide linking' y ISOLEUCINE      ? 'C6 H13 N O2'    131.173 
LEU 'L-peptide linking' y LEUCINE         ? 'C6 H13 N O2'    131.173 
LYS 'L-peptide linking' y LYSINE          ? 'C6 H15 N2 O2 1' 147.195 
PHE 'L-peptide linking' y PHENYLALANINE   ? 'C9 H11 N O2'    165.189 
PRO 'L-peptide linking' y PROLINE         ? 'C5 H9 N O2'     115.130 
SER 'L-peptide linking' y SERINE          ? 'C3 H7 N O3'     105.093 
THR 'L-peptide linking' y THREONINE       ? 'C4 H9 N O3'     119.119 
TRP 'L-peptide linking' y TRYPTOPHAN      ? 'C11 H12 N2 O2'  204.225 
TYR 'L-peptide linking' y TYROSINE        ? 'C9 H11 N O3'    181.189 
VAL 'L-peptide linking' y VALINE          ? 'C5 H11 N O2'    117.146 
# 
loop_
_pdbx_poly_seq_scheme.asym_id 
_pdbx_poly_seq_scheme.entity_id 
_pdbx_poly_seq_scheme.seq_id 
_pdbx_poly_seq_scheme.mon_id 
_pdbx_poly_seq_scheme.ndb_seq_num 
_pdbx_poly_seq_scheme.pdb_seq_num 
_pdbx_poly_seq_scheme.auth_seq_num 
_pdbx_poly_seq_scheme.pdb_mon_id 
_pdbx_poly_seq_scheme.auth_mon_id 
_pdbx_poly_seq_scheme.pdb_strand_id 
_pdbx_poly_seq_scheme.pdb_ins_code 
_pdbx_poly_seq_scheme.hetero 
A 1 1   GLY 1   9   ?   ?   ?   A . n 
A 1 2   VAL 2   10  ?   ?   ?   A . n 
A 1 3   ARG 3   11  ?   ?   ?   A . n 
A 1 4   LEU 4   12  ?   ?   ?   A . n 
A 1 5   ALA 5   13  ?   ?   ?   A . n 
A 1 6   SER 6   14  ?   ?   ?   A . n 
A 1 7   ALA 7   15  ?   ?   ?   A . n 
A 1 8   PHE 8   16  ?   ?   ?   A . n 
A 1 9   HIS 9   17  ?   ?   ?   A . n 
A 1 10  GLN 10  18  ?   ?   ?   A . n 
A 1 11  GLU 11  19  19  GLU GLU A . n 
A 1 12  CYS 12  20  20  CYS CYS A . n 
A 1 13  SER 13  21  21  SER SER A . n 
A 1 14  LEU 14  22  22  LEU LEU A . n 
A 1 15  GLN 15  23  23  GLN GLN A . n 
A 1 16  SER 16  24  24  SER SER A . n 
A 1 17  CYS 17  25  25  CYS CYS A . n 
A 1 18  THR 18  26  26  THR THR A . n 
A 1 19  GLN 19  27  27  GLN GLN A . n 
A 1 20  HIS 20  28  28  HIS HIS A . n 
A 1 21  GLN 21  29  29  GLN GLN A . n 
A 1 22  PRO 22  30  30  PRO PRO A . n 
A 1 23  TYR 23  31  31  TYR TYR A . n 
A 1 24  VAL 24  32  32  VAL VAL A . n 
A 1 25  VAL 25  33  33  VAL VAL A . n 
A 1 26  ASP 26  34  34  ASP ASP A . n 
A 1 27  ASP 27  35  35  ASP ASP A . n 
A 1 28  PRO 28  36  36  PRO PRO A . n 
A 1 29  CYS 29  37  37  CYS CYS A . n 
A 1 30  PRO 30  38  38  PRO PRO A . n 
A 1 31  ILE 31  39  39  ILE ILE A . n 
A 1 32  HIS 32  40  40  HIS HIS A . n 
A 1 33  PHE 33  41  41  PHE PHE A . n 
A 1 34  TYR 34  42  42  TYR TYR A . n 
A 1 35  SER 35  43  43  SER SER A . n 
A 1 36  LYS 36  44  44  LYS LYS A . n 
A 1 37  TRP 37  45  45  TRP TRP A . n 
A 1 38  TYR 38  46  46  TYR TYR A . n 
A 1 39  ILE 39  47  47  ILE ILE A . n 
A 1 40  ARG 40  48  48  ARG ARG A . n 
A 1 41  VAL 41  49  49  VAL VAL A . n 
A 1 42  GLY 42  50  50  GLY GLY A . n 
A 1 43  ALA 43  51  51  ALA ALA A . n 
A 1 44  ARG 44  52  52  ARG ARG A . n 
A 1 45  LYS 45  53  53  LYS LYS A . n 
A 1 46  SER 46  54  54  SER SER A . n 
A 1 47  ALA 47  55  55  ALA ALA A . n 
A 1 48  PRO 48  56  56  PRO PRO A . n 
A 1 49  LEU 49  57  57  LEU LEU A . n 
A 1 50  ILE 50  58  58  ILE ILE A . n 
A 1 51  GLU 51  59  59  GLU GLU A . n 
A 1 52  LEU 52  60  60  LEU LEU A . n 
A 1 53  CYS 53  61  61  CYS CYS A . n 
A 1 54  VAL 54  62  62  VAL VAL A . n 
A 1 55  ASP 55  63  ?   ?   ?   A . n 
A 1 56  GLU 56  64  ?   ?   ?   A . n 
A 1 57  ALA 57  65  ?   ?   ?   A . n 
A 1 58  GLY 58  66  ?   ?   ?   A . n 
A 1 59  SER 59  67  ?   ?   ?   A . n 
A 1 60  LYS 60  68  ?   ?   ?   A . n 
A 1 61  SER 61  69  ?   ?   ?   A . n 
A 1 62  PRO 62  70  ?   ?   ?   A . n 
A 1 63  ILE 63  71  ?   ?   ?   A . n 
A 1 64  GLN 64  72  ?   ?   ?   A . n 
A 1 65  TYR 65  73  ?   ?   ?   A . n 
A 1 66  ILE 66  74  ?   ?   ?   A . n 
A 1 67  ASP 67  75  ?   ?   ?   A . n 
A 1 68  ILE 68  76  ?   ?   ?   A . n 
A 1 69  GLY 69  77  ?   ?   ?   A . n 
A 1 70  GLN 70  78  78  GLN GLN A . n 
A 1 71  TYR 71  79  79  TYR TYR A . n 
A 1 72  THR 72  80  80  THR THR A . n 
A 1 73  VAL 73  81  81  VAL VAL A . n 
A 1 74  SER 74  82  82  SER SER A . n 
A 1 75  CYS 75  83  83  CYS CYS A . n 
A 1 76  LEU 76  84  84  LEU LEU A . n 
A 1 77  PRO 77  85  85  PRO PRO A . n 
A 1 78  PHE 78  86  86  PHE PHE A . n 
A 1 79  THR 79  87  87  THR THR A . n 
A 1 80  ILE 80  88  88  ILE ILE A . n 
A 1 81  ASN 81  89  89  ASN ASN A . n 
A 1 82  CYS 82  90  90  CYS CYS A . n 
A 1 83  GLN 83  91  91  GLN GLN A . n 
A 1 84  GLU 84  92  92  GLU GLU A . n 
A 1 85  PRO 85  93  93  PRO PRO A . n 
A 1 86  LYS 86  94  94  LYS LYS A . n 
A 1 87  LEU 87  95  95  LEU LEU A . n 
A 1 88  GLY 88  96  96  GLY GLY A . n 
A 1 89  SER 89  97  97  SER SER A . n 
A 1 90  LEU 90  98  98  LEU LEU A . n 
A 1 91  VAL 91  99  99  VAL VAL A . n 
A 1 92  VAL 92  100 100 VAL VAL A . n 
A 1 93  ARG 93  101 101 ARG ARG A . n 
A 1 94  CYS 94  102 102 CYS CYS A . n 
A 1 95  SER 95  103 103 SER SER A . n 
A 1 96  PHE 96  104 104 PHE PHE A . n 
A 1 97  TYR 97  105 105 TYR TYR A . n 
A 1 98  GLU 98  106 106 GLU GLU A . n 
A 1 99  ASP 99  107 107 ASP ASP A . n 
A 1 100 PHE 100 108 108 PHE PHE A . n 
A 1 101 LEU 101 109 109 LEU LEU A . n 
A 1 102 GLU 102 110 110 GLU GLU A . n 
A 1 103 TYR 103 111 111 TYR TYR A . n 
A 1 104 HIS 104 112 112 HIS HIS A . n 
A 1 105 ASP 105 113 113 ASP ASP A . n 
A 1 106 VAL 106 114 114 VAL VAL A . n 
A 1 107 ARG 107 115 115 ARG ARG A . n 
A 1 108 VAL 108 116 116 VAL VAL A . n 
A 1 109 VAL 109 117 117 VAL VAL A . n 
A 1 110 LEU 110 118 118 LEU LEU A . n 
A 1 111 ASP 111 119 119 ASP ASP A . n 
A 1 112 PHE 112 120 120 PHE PHE A . n 
A 1 113 ILE 113 121 121 ILE ILE A . n 
# 
loop_
_pdbx_nonpoly_scheme.asym_id 
_pdbx_nonpoly_scheme.entity_id 
_pdbx_nonpoly_scheme.mon_id 
_pdbx_nonpoly_scheme.ndb_seq_num 
_pdbx_nonpoly_scheme.pdb_seq_num 
_pdbx_nonpoly_scheme.auth_seq_num 
_pdbx_nonpoly_scheme.pdb_mon_id 
_pdbx_nonpoly_scheme.auth_mon_id 
_pdbx_nonpoly_scheme.pdb_strand_id 
_pdbx_nonpoly_scheme.pdb_ins_code 
B 2 HOH 1  201 42 HOH HOH A . 
B 2 HOH 2  202 3  HOH HOH A . 
B 2 HOH 3  203 6  HOH HOH A . 
B 2 HOH 4  204 39 HOH HOH A . 
B 2 HOH 5  205 11 HOH HOH A . 
B 2 HOH 6  206 37 HOH HOH A . 
B 2 HOH 7  207 41 HOH HOH A . 
B 2 HOH 8  208 7  HOH HOH A . 
B 2 HOH 9  209 36 HOH HOH A . 
B 2 HOH 10 210 15 HOH HOH A . 
B 2 HOH 11 211 38 HOH HOH A . 
# 
loop_
_pdbx_unobs_or_zero_occ_atoms.id 
_pdbx_unobs_or_zero_occ_atoms.PDB_model_num 
_pdbx_unobs_or_zero_occ_atoms.polymer_flag 
_pdbx_unobs_or_zero_occ_atoms.occupancy_flag 
_pdbx_unobs_or_zero_occ_atoms.auth_asym_id 
_pdbx_unobs_or_zero_occ_atoms.auth_comp_id 
_pdbx_unobs_or_zero_occ_atoms.auth_seq_id 
_pdbx_unobs_or_zero_occ_atoms.PDB_ins_code 
_pdbx_unobs_or_zero_occ_atoms.auth_atom_id 
_pdbx_unobs_or_zero_occ_atoms.label_alt_id 
_pdbx_unobs_or_zero_occ_atoms.label_asym_id 
_pdbx_unobs_or_zero_occ_atoms.label_comp_id 
_pdbx_unobs_or_zero_occ_atoms.label_seq_id 
_pdbx_unobs_or_zero_occ_atoms.label_atom_id 
1 1 Y 1 A LYS 94 ? CG ? A LYS 86 CG 
2 1 Y 1 A LYS 94 ? CD ? A LYS 86 CD 
3 1 Y 1 A LYS 94 ? CE ? A LYS 86 CE 
4 1 Y 1 A LYS 94 ? NZ ? A LYS 86 NZ 
# 
loop_
_software.citation_id 
_software.classification 
_software.compiler_name 
_software.compiler_version 
_software.contact_author 
_software.contact_author_email 
_software.date 
_software.description 
_software.dependencies 
_software.hardware 
_software.language 
_software.location 
_software.mods 
_software.name 
_software.os 
_software.os_version 
_software.type 
_software.version 
_software.pdbx_ordinal 
? refinement       ? ? ? ? ? ? ? ? ? ? ? PHENIX ? ? ? '(1.18.2-3874_3874: ???)' 1 
? 'data reduction' ? ? ? ? ? ? ? ? ? ? ? XDS    ? ? ? .                         2 
? 'data scaling'   ? ? ? ? ? ? ? ? ? ? ? XDS    ? ? ? .                         3 
? phasing          ? ? ? ? ? ? ? ? ? ? ? PHASER ? ? ? .                         4 
# 
_cell.angle_alpha                  90.00 
_cell.angle_alpha_esd              ? 
_cell.angle_beta                   90.00 
_cell.angle_beta_esd               ? 
_cell.angle_gamma                  90.00 
_cell.angle_gamma_esd              ? 
_cell.entry_id                     7MX9 
_cell.details                      ? 
_cell.formula_units_Z              ? 
_cell.length_a                     51.349 
_cell.length_a_esd                 ? 
_cell.length_b                     51.349 
_cell.length_b_esd                 ? 
_cell.length_c                     74.093 
_cell.length_c_esd                 ? 
_cell.volume                       ? 
_cell.volume_esd                   ? 
_cell.Z_PDB                        8 
_cell.reciprocal_angle_alpha       ? 
_cell.reciprocal_angle_beta        ? 
_cell.reciprocal_angle_gamma       ? 
_cell.reciprocal_angle_alpha_esd   ? 
_cell.reciprocal_angle_beta_esd    ? 
_cell.reciprocal_angle_gamma_esd   ? 
_cell.reciprocal_length_a          ? 
_cell.reciprocal_length_b          ? 
_cell.reciprocal_length_c          ? 
_cell.reciprocal_length_a_esd      ? 
_cell.reciprocal_length_b_esd      ? 
_cell.reciprocal_length_c_esd      ? 
_cell.pdbx_unique_axis             ? 
# 
_symmetry.entry_id                         7MX9 
_symmetry.cell_setting                     ? 
_symmetry.Int_Tables_number                94 
_symmetry.space_group_name_Hall            ? 
_symmetry.space_group_name_H-M             'P 42 21 2' 
_symmetry.pdbx_full_space_group_name_H-M   ? 
# 
_exptl.absorpt_coefficient_mu     ? 
_exptl.absorpt_correction_T_max   ? 
_exptl.absorpt_correction_T_min   ? 
_exptl.absorpt_correction_type    ? 
_exptl.absorpt_process_details    ? 
_exptl.entry_id                   7MX9 
_exptl.crystals_number            1 
_exptl.details                    ? 
_exptl.method                     'X-RAY DIFFRACTION' 
_exptl.method_details             ? 
# 
_exptl_crystal.colour                      ? 
_exptl_crystal.density_diffrn              ? 
_exptl_crystal.density_Matthews            1.89 
_exptl_crystal.density_method              ? 
_exptl_crystal.density_percent_sol         34.99 
_exptl_crystal.description                 ? 
_exptl_crystal.F_000                       ? 
_exptl_crystal.id                          1 
_exptl_crystal.preparation                 ? 
_exptl_crystal.size_max                    ? 
_exptl_crystal.size_mid                    ? 
_exptl_crystal.size_min                    ? 
_exptl_crystal.size_rad                    ? 
_exptl_crystal.colour_lustre               ? 
_exptl_crystal.colour_modifier             ? 
_exptl_crystal.colour_primary              ? 
_exptl_crystal.density_meas                ? 
_exptl_crystal.density_meas_esd            ? 
_exptl_crystal.density_meas_gt             ? 
_exptl_crystal.density_meas_lt             ? 
_exptl_crystal.density_meas_temp           ? 
_exptl_crystal.density_meas_temp_esd       ? 
_exptl_crystal.density_meas_temp_gt        ? 
_exptl_crystal.density_meas_temp_lt        ? 
_exptl_crystal.pdbx_crystal_image_url      ? 
_exptl_crystal.pdbx_crystal_image_format   ? 
_exptl_crystal.pdbx_mosaicity              ? 
_exptl_crystal.pdbx_mosaicity_esd          ? 
# 
_exptl_crystal_grow.apparatus       ? 
_exptl_crystal_grow.atmosphere      ? 
_exptl_crystal_grow.crystal_id      1 
_exptl_crystal_grow.details         ? 
_exptl_crystal_grow.method          'VAPOR DIFFUSION, SITTING DROP' 
_exptl_crystal_grow.method_ref      ? 
_exptl_crystal_grow.pH              6.8 
_exptl_crystal_grow.pressure        ? 
_exptl_crystal_grow.pressure_esd    ? 
_exptl_crystal_grow.seeding         ? 
_exptl_crystal_grow.seeding_ref     ? 
_exptl_crystal_grow.temp            293.15 
_exptl_crystal_grow.temp_details    ? 
_exptl_crystal_grow.temp_esd        ? 
_exptl_crystal_grow.time            ? 
_exptl_crystal_grow.pdbx_details    '0.2 M Lithium chloride, 20% (w/v) Polyethylene glycol 3350' 
_exptl_crystal_grow.pdbx_pH_range   ? 
# 
_diffrn.ambient_environment              ? 
_diffrn.ambient_temp                     93.15 
_diffrn.ambient_temp_details             ? 
_diffrn.ambient_temp_esd                 ? 
_diffrn.crystal_id                       1 
_diffrn.crystal_support                  ? 
_diffrn.crystal_treatment                ? 
_diffrn.details                          ? 
_diffrn.id                               1 
_diffrn.ambient_pressure                 ? 
_diffrn.ambient_pressure_esd             ? 
_diffrn.ambient_pressure_gt              ? 
_diffrn.ambient_pressure_lt              ? 
_diffrn.ambient_temp_gt                  ? 
_diffrn.ambient_temp_lt                  ? 
_diffrn.pdbx_serial_crystal_experiment   N 
# 
_diffrn_detector.details                      ? 
_diffrn_detector.detector                     'IMAGE PLATE' 
_diffrn_detector.diffrn_id                    1 
_diffrn_detector.type                         'RIGAKU RAXIS IV++' 
_diffrn_detector.area_resol_mean              ? 
_diffrn_detector.dtime                        ? 
_diffrn_detector.pdbx_frames_total            ? 
_diffrn_detector.pdbx_collection_time_total   ? 
_diffrn_detector.pdbx_collection_date         2021-02-02 
_diffrn_detector.pdbx_frequency               ? 
# 
_diffrn_radiation.collimation                      ? 
_diffrn_radiation.diffrn_id                        1 
_diffrn_radiation.filter_edge                      ? 
_diffrn_radiation.inhomogeneity                    ? 
_diffrn_radiation.monochromator                    ? 
_diffrn_radiation.polarisn_norm                    ? 
_diffrn_radiation.polarisn_ratio                   ? 
_diffrn_radiation.probe                            ? 
_diffrn_radiation.type                             ? 
_diffrn_radiation.xray_symbol                      ? 
_diffrn_radiation.wavelength_id                    1 
_diffrn_radiation.pdbx_monochromatic_or_laue_m_l   M 
_diffrn_radiation.pdbx_wavelength_list             ? 
_diffrn_radiation.pdbx_wavelength                  ? 
_diffrn_radiation.pdbx_diffrn_protocol             'SINGLE WAVELENGTH' 
_diffrn_radiation.pdbx_analyzer                    ? 
_diffrn_radiation.pdbx_scattering_type             x-ray 
# 
_diffrn_radiation_wavelength.id           1 
_diffrn_radiation_wavelength.wavelength   1.541870 
_diffrn_radiation_wavelength.wt           1.0 
# 
_diffrn_source.current                     ? 
_diffrn_source.details                     ? 
_diffrn_source.diffrn_id                   1 
_diffrn_source.power                       ? 
_diffrn_source.size                        ? 
_diffrn_source.source                      'ROTATING ANODE' 
_diffrn_source.target                      ? 
_diffrn_source.type                        'RIGAKU MICROMAX-007 HF' 
_diffrn_source.voltage                     ? 
_diffrn_source.take-off_angle              ? 
_diffrn_source.pdbx_wavelength_list        1.541870 
_diffrn_source.pdbx_wavelength             ? 
_diffrn_source.pdbx_synchrotron_beamline   ? 
_diffrn_source.pdbx_synchrotron_site       ? 
# 
_reflns.B_iso_Wilson_estimate                          48.13 
_reflns.entry_id                                       7MX9 
_reflns.data_reduction_details                         ? 
_reflns.data_reduction_method                          ? 
_reflns.d_resolution_high                              2.6 
_reflns.d_resolution_low                               42.2 
_reflns.details                                        ? 
_reflns.limit_h_max                                    ? 
_reflns.limit_h_min                                    ? 
_reflns.limit_k_max                                    ? 
_reflns.limit_k_min                                    ? 
_reflns.limit_l_max                                    ? 
_reflns.limit_l_min                                    ? 
_reflns.number_all                                     ? 
_reflns.number_obs                                     3379 
_reflns.observed_criterion                             ? 
_reflns.observed_criterion_F_max                       ? 
_reflns.observed_criterion_F_min                       ? 
_reflns.observed_criterion_I_max                       ? 
_reflns.observed_criterion_I_min                       ? 
_reflns.observed_criterion_sigma_F                     ? 
_reflns.observed_criterion_sigma_I                     ? 
_reflns.percent_possible_obs                           100 
_reflns.R_free_details                                 ? 
_reflns.Rmerge_F_all                                   ? 
_reflns.Rmerge_F_obs                                   ? 
_reflns.Friedel_coverage                               ? 
_reflns.number_gt                                      ? 
_reflns.threshold_expression                           ? 
_reflns.pdbx_redundancy                                13 
_reflns.pdbx_Rmerge_I_obs                              0.166 
_reflns.pdbx_Rmerge_I_all                              ? 
_reflns.pdbx_Rsym_value                                ? 
_reflns.pdbx_netI_over_av_sigmaI                       ? 
_reflns.pdbx_netI_over_sigmaI                          11.8 
_reflns.pdbx_res_netI_over_av_sigmaI_2                 ? 
_reflns.pdbx_res_netI_over_sigmaI_2                    ? 
_reflns.pdbx_chi_squared                               ? 
_reflns.pdbx_scaling_rejects                           ? 
_reflns.pdbx_d_res_high_opt                            ? 
_reflns.pdbx_d_res_low_opt                             ? 
_reflns.pdbx_d_res_opt_method                          ? 
_reflns.phase_calculation_details                      ? 
_reflns.pdbx_Rrim_I_all                                ? 
_reflns.pdbx_Rpim_I_all                                ? 
_reflns.pdbx_d_opt                                     ? 
_reflns.pdbx_number_measured_all                       ? 
_reflns.pdbx_diffrn_id                                 1 
_reflns.pdbx_ordinal                                   1 
_reflns.pdbx_CC_half                                   0.997 
_reflns.pdbx_CC_star                                   ? 
_reflns.pdbx_R_split                                   ? 
_reflns.pdbx_aniso_diffraction_limit_axis_1_ortho[1]   ? 
_reflns.pdbx_aniso_diffraction_limit_axis_1_ortho[2]   ? 
_reflns.pdbx_aniso_diffraction_limit_axis_1_ortho[3]   ? 
_reflns.pdbx_aniso_diffraction_limit_axis_2_ortho[1]   ? 
_reflns.pdbx_aniso_diffraction_limit_axis_2_ortho[2]   ? 
_reflns.pdbx_aniso_diffraction_limit_axis_2_ortho[3]   ? 
_reflns.pdbx_aniso_diffraction_limit_axis_3_ortho[1]   ? 
_reflns.pdbx_aniso_diffraction_limit_axis_3_ortho[2]   ? 
_reflns.pdbx_aniso_diffraction_limit_axis_3_ortho[3]   ? 
_reflns.pdbx_aniso_diffraction_limit_1                 ? 
_reflns.pdbx_aniso_diffraction_limit_2                 ? 
_reflns.pdbx_aniso_diffraction_limit_3                 ? 
_reflns.pdbx_aniso_B_tensor_eigenvector_1_ortho[1]     ? 
_reflns.pdbx_aniso_B_tensor_eigenvector_1_ortho[2]     ? 
_reflns.pdbx_aniso_B_tensor_eigenvector_1_ortho[3]     ? 
_reflns.pdbx_aniso_B_tensor_eigenvector_2_ortho[1]     ? 
_reflns.pdbx_aniso_B_tensor_eigenvector_2_ortho[2]     ? 
_reflns.pdbx_aniso_B_tensor_eigenvector_2_ortho[3]     ? 
_reflns.pdbx_aniso_B_tensor_eigenvector_3_ortho[1]     ? 
_reflns.pdbx_aniso_B_tensor_eigenvector_3_ortho[2]     ? 
_reflns.pdbx_aniso_B_tensor_eigenvector_3_ortho[3]     ? 
_reflns.pdbx_aniso_B_tensor_eigenvalue_1               ? 
_reflns.pdbx_aniso_B_tensor_eigenvalue_2               ? 
_reflns.pdbx_aniso_B_tensor_eigenvalue_3               ? 
_reflns.pdbx_orthogonalization_convention              ? 
_reflns.pdbx_percent_possible_ellipsoidal              ? 
_reflns.pdbx_percent_possible_spherical                ? 
_reflns.pdbx_percent_possible_ellipsoidal_anomalous    ? 
_reflns.pdbx_percent_possible_spherical_anomalous      ? 
_reflns.pdbx_redundancy_anomalous                      ? 
_reflns.pdbx_CC_half_anomalous                         ? 
_reflns.pdbx_absDiff_over_sigma_anomalous              ? 
_reflns.pdbx_percent_possible_anomalous                ? 
_reflns.pdbx_observed_signal_threshold                 ? 
_reflns.pdbx_signal_type                               ? 
_reflns.pdbx_signal_details                            ? 
_reflns.pdbx_signal_software_id                        ? 
# 
_reflns_shell.d_res_high                                    2.6 
_reflns_shell.d_res_low                                     2.72 
_reflns_shell.meanI_over_sigI_all                           ? 
_reflns_shell.meanI_over_sigI_obs                           ? 
_reflns_shell.number_measured_all                           ? 
_reflns_shell.number_measured_obs                           ? 
_reflns_shell.number_possible                               ? 
_reflns_shell.number_unique_all                             ? 
_reflns_shell.number_unique_obs                             400 
_reflns_shell.percent_possible_all                          ? 
_reflns_shell.percent_possible_obs                          ? 
_reflns_shell.Rmerge_F_all                                  ? 
_reflns_shell.Rmerge_F_obs                                  ? 
_reflns_shell.Rmerge_I_all                                  ? 
_reflns_shell.Rmerge_I_obs                                  0.796 
_reflns_shell.meanI_over_sigI_gt                            ? 
_reflns_shell.meanI_over_uI_all                             ? 
_reflns_shell.meanI_over_uI_gt                              ? 
_reflns_shell.number_measured_gt                            ? 
_reflns_shell.number_unique_gt                              ? 
_reflns_shell.percent_possible_gt                           ? 
_reflns_shell.Rmerge_F_gt                                   ? 
_reflns_shell.Rmerge_I_gt                                   ? 
_reflns_shell.pdbx_redundancy                               ? 
_reflns_shell.pdbx_Rsym_value                               ? 
_reflns_shell.pdbx_chi_squared                              ? 
_reflns_shell.pdbx_netI_over_sigmaI_all                     ? 
_reflns_shell.pdbx_netI_over_sigmaI_obs                     ? 
_reflns_shell.pdbx_Rrim_I_all                               ? 
_reflns_shell.pdbx_Rpim_I_all                               ? 
_reflns_shell.pdbx_rejects                                  ? 
_reflns_shell.pdbx_ordinal                                  1 
_reflns_shell.pdbx_diffrn_id                                1 
_reflns_shell.pdbx_CC_half                                  0.932 
_reflns_shell.pdbx_CC_star                                  ? 
_reflns_shell.pdbx_R_split                                  ? 
_reflns_shell.pdbx_percent_possible_ellipsoidal             ? 
_reflns_shell.pdbx_percent_possible_spherical               ? 
_reflns_shell.pdbx_percent_possible_ellipsoidal_anomalous   ? 
_reflns_shell.pdbx_percent_possible_spherical_anomalous     ? 
_reflns_shell.pdbx_redundancy_anomalous                     ? 
_reflns_shell.pdbx_CC_half_anomalous                        ? 
_reflns_shell.pdbx_absDiff_over_sigma_anomalous             ? 
_reflns_shell.pdbx_percent_possible_anomalous               ? 
# 
_refine.aniso_B[1][1]                            ? 
_refine.aniso_B[1][2]                            ? 
_refine.aniso_B[1][3]                            ? 
_refine.aniso_B[2][2]                            ? 
_refine.aniso_B[2][3]                            ? 
_refine.aniso_B[3][3]                            ? 
_refine.B_iso_max                                ? 
_refine.B_iso_mean                               ? 
_refine.B_iso_min                                ? 
_refine.correlation_coeff_Fo_to_Fc               ? 
_refine.correlation_coeff_Fo_to_Fc_free          ? 
_refine.details                                  ? 
_refine.diff_density_max                         ? 
_refine.diff_density_max_esd                     ? 
_refine.diff_density_min                         ? 
_refine.diff_density_min_esd                     ? 
_refine.diff_density_rms                         ? 
_refine.diff_density_rms_esd                     ? 
_refine.entry_id                                 7MX9 
_refine.pdbx_refine_id                           'X-RAY DIFFRACTION' 
_refine.ls_abs_structure_details                 ? 
_refine.ls_abs_structure_Flack                   ? 
_refine.ls_abs_structure_Flack_esd               ? 
_refine.ls_abs_structure_Rogers                  ? 
_refine.ls_abs_structure_Rogers_esd              ? 
_refine.ls_d_res_high                            2.60 
_refine.ls_d_res_low                             30.04 
_refine.ls_extinction_coef                       ? 
_refine.ls_extinction_coef_esd                   ? 
_refine.ls_extinction_expression                 ? 
_refine.ls_extinction_method                     ? 
_refine.ls_goodness_of_fit_all                   ? 
_refine.ls_goodness_of_fit_all_esd               ? 
_refine.ls_goodness_of_fit_obs                   ? 
_refine.ls_goodness_of_fit_obs_esd               ? 
_refine.ls_hydrogen_treatment                    ? 
_refine.ls_matrix_type                           ? 
_refine.ls_number_constraints                    ? 
_refine.ls_number_parameters                     ? 
_refine.ls_number_reflns_all                     ? 
_refine.ls_number_reflns_obs                     3353 
_refine.ls_number_reflns_R_free                  336 
_refine.ls_number_reflns_R_work                  ? 
_refine.ls_number_restraints                     ? 
_refine.ls_percent_reflns_obs                    99.91 
_refine.ls_percent_reflns_R_free                 10.02 
_refine.ls_R_factor_all                          ? 
_refine.ls_R_factor_obs                          0.2487 
_refine.ls_R_factor_R_free                       0.2966 
_refine.ls_R_factor_R_free_error                 ? 
_refine.ls_R_factor_R_free_error_details         ? 
_refine.ls_R_factor_R_work                       0.2432 
_refine.ls_R_Fsqd_factor_obs                     ? 
_refine.ls_R_I_factor_obs                        ? 
_refine.ls_redundancy_reflns_all                 ? 
_refine.ls_redundancy_reflns_obs                 ? 
_refine.ls_restrained_S_all                      ? 
_refine.ls_restrained_S_obs                      ? 
_refine.ls_shift_over_esd_max                    ? 
_refine.ls_shift_over_esd_mean                   ? 
_refine.ls_structure_factor_coef                 ? 
_refine.ls_weighting_details                     ? 
_refine.ls_weighting_scheme                      ? 
_refine.ls_wR_factor_all                         ? 
_refine.ls_wR_factor_obs                         ? 
_refine.ls_wR_factor_R_free                      ? 
_refine.ls_wR_factor_R_work                      ? 
_refine.occupancy_max                            ? 
_refine.occupancy_min                            ? 
_refine.solvent_model_details                    'FLAT BULK SOLVENT MODEL' 
_refine.solvent_model_param_bsol                 ? 
_refine.solvent_model_param_ksol                 ? 
_refine.pdbx_R_complete                          ? 
_refine.ls_R_factor_gt                           ? 
_refine.ls_goodness_of_fit_gt                    ? 
_refine.ls_goodness_of_fit_ref                   ? 
_refine.ls_shift_over_su_max                     ? 
_refine.ls_shift_over_su_max_lt                  ? 
_refine.ls_shift_over_su_mean                    ? 
_refine.ls_shift_over_su_mean_lt                 ? 
_refine.pdbx_ls_sigma_I                          ? 
_refine.pdbx_ls_sigma_F                          1.34 
_refine.pdbx_ls_sigma_Fsqd                       ? 
_refine.pdbx_data_cutoff_high_absF               ? 
_refine.pdbx_data_cutoff_high_rms_absF           ? 
_refine.pdbx_data_cutoff_low_absF                ? 
_refine.pdbx_isotropic_thermal_model             ? 
_refine.pdbx_ls_cross_valid_method               'FREE R-VALUE' 
_refine.pdbx_method_to_determine_struct          'MOLECULAR REPLACEMENT' 
_refine.pdbx_starting_model                      7JTL 
_refine.pdbx_stereochemistry_target_values       ML 
_refine.pdbx_R_Free_selection_details            ? 
_refine.pdbx_stereochem_target_val_spec_case     ? 
_refine.pdbx_overall_ESU_R                       ? 
_refine.pdbx_overall_ESU_R_Free                  ? 
_refine.pdbx_solvent_vdw_probe_radii             1.11 
_refine.pdbx_solvent_ion_probe_radii             ? 
_refine.pdbx_solvent_shrinkage_radii             0.90 
_refine.pdbx_real_space_R                        ? 
_refine.pdbx_density_correlation                 ? 
_refine.pdbx_pd_number_of_powder_patterns        ? 
_refine.pdbx_pd_number_of_points                 ? 
_refine.pdbx_pd_meas_number_of_points            ? 
_refine.pdbx_pd_proc_ls_prof_R_factor            ? 
_refine.pdbx_pd_proc_ls_prof_wR_factor           ? 
_refine.pdbx_pd_Marquardt_correlation_coeff      ? 
_refine.pdbx_pd_Fsqrd_R_factor                   ? 
_refine.pdbx_pd_ls_matrix_band_width             ? 
_refine.pdbx_overall_phase_error                 31.62 
_refine.pdbx_overall_SU_R_free_Cruickshank_DPI   ? 
_refine.pdbx_overall_SU_R_free_Blow_DPI          ? 
_refine.pdbx_overall_SU_R_Blow_DPI               ? 
_refine.pdbx_TLS_residual_ADP_flag               ? 
_refine.pdbx_diffrn_id                           1 
_refine.overall_SU_B                             ? 
_refine.overall_SU_ML                            0.28 
_refine.overall_SU_R_Cruickshank_DPI             ? 
_refine.overall_SU_R_free                        ? 
_refine.overall_FOM_free_R_set                   ? 
_refine.overall_FOM_work_R_set                   ? 
_refine.pdbx_average_fsc_overall                 ? 
_refine.pdbx_average_fsc_work                    ? 
_refine.pdbx_average_fsc_free                    ? 
# 
_refine_hist.pdbx_refine_id                   'X-RAY DIFFRACTION' 
_refine_hist.cycle_id                         LAST 
_refine_hist.details                          ? 
_refine_hist.d_res_high                       2.60 
_refine_hist.d_res_low                        30.04 
_refine_hist.number_atoms_solvent             11 
_refine_hist.number_atoms_total               726 
_refine_hist.number_reflns_all                ? 
_refine_hist.number_reflns_obs                ? 
_refine_hist.number_reflns_R_free             ? 
_refine_hist.number_reflns_R_work             ? 
_refine_hist.R_factor_all                     ? 
_refine_hist.R_factor_obs                     ? 
_refine_hist.R_factor_R_free                  ? 
_refine_hist.R_factor_R_work                  ? 
_refine_hist.pdbx_number_residues_total       ? 
_refine_hist.pdbx_B_iso_mean_ligand           ? 
_refine_hist.pdbx_B_iso_mean_solvent          ? 
_refine_hist.pdbx_number_atoms_protein        715 
_refine_hist.pdbx_number_atoms_nucleic_acid   0 
_refine_hist.pdbx_number_atoms_ligand         0 
_refine_hist.pdbx_number_atoms_lipid          ? 
_refine_hist.pdbx_number_atoms_carb           ? 
_refine_hist.pdbx_pseudo_atom_details         ? 
# 
loop_
_refine_ls_restr.pdbx_refine_id 
_refine_ls_restr.criterion 
_refine_ls_restr.dev_ideal 
_refine_ls_restr.dev_ideal_target 
_refine_ls_restr.number 
_refine_ls_restr.rejects 
_refine_ls_restr.type 
_refine_ls_restr.weight 
_refine_ls_restr.pdbx_restraint_function 
'X-RAY DIFFRACTION' ? 0.004 ? 759  ? f_bond_d           ? ? 
'X-RAY DIFFRACTION' ? 0.748 ? 1037 ? f_angle_d          ? ? 
'X-RAY DIFFRACTION' ? 6.864 ? 101  ? f_dihedral_angle_d ? ? 
'X-RAY DIFFRACTION' ? 0.050 ? 114  ? f_chiral_restr     ? ? 
'X-RAY DIFFRACTION' ? 0.005 ? 133  ? f_plane_restr      ? ? 
# 
loop_
_refine_ls_shell.pdbx_refine_id 
_refine_ls_shell.d_res_high 
_refine_ls_shell.d_res_low 
_refine_ls_shell.number_reflns_all 
_refine_ls_shell.number_reflns_obs 
_refine_ls_shell.number_reflns_R_free 
_refine_ls_shell.number_reflns_R_work 
_refine_ls_shell.percent_reflns_obs 
_refine_ls_shell.percent_reflns_R_free 
_refine_ls_shell.R_factor_all 
_refine_ls_shell.R_factor_obs 
_refine_ls_shell.R_factor_R_free 
_refine_ls_shell.R_factor_R_free_error 
_refine_ls_shell.R_factor_R_work 
_refine_ls_shell.redundancy_reflns_all 
_refine_ls_shell.redundancy_reflns_obs 
_refine_ls_shell.wR_factor_all 
_refine_ls_shell.wR_factor_obs 
_refine_ls_shell.wR_factor_R_free 
_refine_ls_shell.wR_factor_R_work 
_refine_ls_shell.pdbx_R_complete 
_refine_ls_shell.pdbx_total_number_of_bins_used 
_refine_ls_shell.pdbx_phase_error 
_refine_ls_shell.pdbx_fsc_work 
_refine_ls_shell.pdbx_fsc_free 
'X-RAY DIFFRACTION' 2.60 3.28  . . 161 1456 100.00 . . . 0.3725 . 0.2982 . . . . . . . . . . . 
'X-RAY DIFFRACTION' 3.28 30.04 . . 175 1561 100.00 . . . 0.2710 . 0.2240 . . . . . . . . . . . 
# 
_struct.entry_id                     7MX9 
_struct.title                        'Crystal structure of the SARS-CoV-2 ORF8 accessory protein' 
_struct.pdbx_model_details           ? 
_struct.pdbx_formula_weight          ? 
_struct.pdbx_formula_weight_method   ? 
_struct.pdbx_model_type_details      ? 
_struct.pdbx_CASP_flag               N 
# 
_struct_keywords.entry_id        7MX9 
_struct_keywords.text            'SARS-CoV-2, COVID19, ORF8, immunoglobulin fold, VIRAL PROTEIN' 
_struct_keywords.pdbx_keywords   'VIRAL PROTEIN' 
# 
loop_
_struct_asym.id 
_struct_asym.pdbx_blank_PDB_chainid_flag 
_struct_asym.pdbx_modified 
_struct_asym.entity_id 
_struct_asym.details 
A N N 1 ? 
B N N 2 ? 
# 
_struct_ref.id                         1 
_struct_ref.db_name                    UNP 
_struct_ref.db_code                    NS8_SARS2 
_struct_ref.pdbx_db_accession          P0DTC8 
_struct_ref.pdbx_db_isoform            ? 
_struct_ref.entity_id                  1 
_struct_ref.pdbx_seq_one_letter_code   
;AFHQECSLQSCTQHQPYVVDDPCPIHFYSKWYIRVGARKSAPLIELCVDEAGSKSPIQYIDIGNYTVSCLPFTINCQEPK
LGSLVVRCSFYEDFLEYHDVRVVLDFI
;
_struct_ref.pdbx_align_begin           15 
# 
_struct_ref_seq.align_id                      1 
_struct_ref_seq.ref_id                        1 
_struct_ref_seq.pdbx_PDB_id_code              7MX9 
_struct_ref_seq.pdbx_strand_id                A 
_struct_ref_seq.seq_align_beg                 7 
_struct_ref_seq.pdbx_seq_align_beg_ins_code   ? 
_struct_ref_seq.seq_align_end                 113 
_struct_ref_seq.pdbx_seq_align_end_ins_code   ? 
_struct_ref_seq.pdbx_db_accession             P0DTC8 
_struct_ref_seq.db_align_beg                  15 
_struct_ref_seq.pdbx_db_align_beg_ins_code    ? 
_struct_ref_seq.db_align_end                  121 
_struct_ref_seq.pdbx_db_align_end_ins_code    ? 
_struct_ref_seq.pdbx_auth_seq_align_beg       15 
_struct_ref_seq.pdbx_auth_seq_align_end       121 
# 
loop_
_struct_ref_seq_dif.align_id 
_struct_ref_seq_dif.pdbx_pdb_id_code 
_struct_ref_seq_dif.mon_id 
_struct_ref_seq_dif.pdbx_pdb_strand_id 
_struct_ref_seq_dif.seq_num 
_struct_ref_seq_dif.pdbx_pdb_ins_code 
_struct_ref_seq_dif.pdbx_seq_db_name 
_struct_ref_seq_dif.pdbx_seq_db_accession_code 
_struct_ref_seq_dif.db_mon_id 
_struct_ref_seq_dif.pdbx_seq_db_seq_num 
_struct_ref_seq_dif.details 
_struct_ref_seq_dif.pdbx_auth_seq_num 
_struct_ref_seq_dif.pdbx_ordinal 
1 7MX9 GLY A 1  ? UNP P0DTC8 ?   ?  'expression tag' 9  1 
1 7MX9 VAL A 2  ? UNP P0DTC8 ?   ?  'expression tag' 10 2 
1 7MX9 ARG A 3  ? UNP P0DTC8 ?   ?  'expression tag' 11 3 
1 7MX9 LEU A 4  ? UNP P0DTC8 ?   ?  'expression tag' 12 4 
1 7MX9 ALA A 5  ? UNP P0DTC8 ?   ?  'expression tag' 13 5 
1 7MX9 SER A 6  ? UNP P0DTC8 ?   ?  'expression tag' 14 6 
1 7MX9 GLN A 70 ? UNP P0DTC8 ASN 78 conflict         78 7 
# 
_pdbx_struct_assembly.id                   1 
_pdbx_struct_assembly.details              author_and_software_defined_assembly 
_pdbx_struct_assembly.method_details       PISA 
_pdbx_struct_assembly.oligomeric_details   dimeric 
_pdbx_struct_assembly.oligomeric_count     2 
# 
loop_
_pdbx_struct_assembly_prop.biol_id 
_pdbx_struct_assembly_prop.type 
_pdbx_struct_assembly_prop.value 
_pdbx_struct_assembly_prop.details 
1 'ABSA (A^2)' 1340  ? 
1 MORE         -8    ? 
1 'SSA (A^2)'  10390 ? 
# 
_pdbx_struct_assembly_gen.assembly_id       1 
_pdbx_struct_assembly_gen.oper_expression   1,2 
_pdbx_struct_assembly_gen.asym_id_list      A,B 
# 
_pdbx_struct_assembly_auth_evidence.id                     1 
_pdbx_struct_assembly_auth_evidence.assembly_id            1 
_pdbx_struct_assembly_auth_evidence.experimental_support   none 
_pdbx_struct_assembly_auth_evidence.details                ? 
# 
loop_
_pdbx_struct_oper_list.id 
_pdbx_struct_oper_list.type 
_pdbx_struct_oper_list.name 
_pdbx_struct_oper_list.symmetry_operation 
_pdbx_struct_oper_list.matrix[1][1] 
_pdbx_struct_oper_list.matrix[1][2] 
_pdbx_struct_oper_list.matrix[1][3] 
_pdbx_struct_oper_list.vector[1] 
_pdbx_struct_oper_list.matrix[2][1] 
_pdbx_struct_oper_list.matrix[2][2] 
_pdbx_struct_oper_list.matrix[2][3] 
_pdbx_struct_oper_list.vector[2] 
_pdbx_struct_oper_list.matrix[3][1] 
_pdbx_struct_oper_list.matrix[3][2] 
_pdbx_struct_oper_list.matrix[3][3] 
_pdbx_struct_oper_list.vector[3] 
1 'identity operation'         1_555 x,y,z    1.0000000000  0.0000000000  0.0000000000  0.0000000000   0.0000000000  1.0000000000 0.0000000000 0.0000000000  0.0000000000  0.0000000000 1.0000000000  0.0000000000   
2 'crystal symmetry operation' 7_556 y,x,-z+1 -0.4322965828 -0.7751831337 -0.4606634061 -14.5183194399 -0.7751831337 0.0584908820 0.6290229931 -0.2982732618 -0.4606634061 0.6290229931 -0.6261942992 -17.3898839168 
# 
loop_
_struct_conn.id 
_struct_conn.conn_type_id 
_struct_conn.pdbx_leaving_atom_flag 
_struct_conn.pdbx_PDB_id 
_struct_conn.ptnr1_label_asym_id 
_struct_conn.ptnr1_label_comp_id 
_struct_conn.ptnr1_label_seq_id 
_struct_conn.ptnr1_label_atom_id 
_struct_conn.pdbx_ptnr1_label_alt_id 
_struct_conn.pdbx_ptnr1_PDB_ins_code 
_struct_conn.pdbx_ptnr1_standard_comp_id 
_struct_conn.ptnr1_symmetry 
_struct_conn.ptnr2_label_asym_id 
_struct_conn.ptnr2_label_comp_id 
_struct_conn.ptnr2_label_seq_id 
_struct_conn.ptnr2_label_atom_id 
_struct_conn.pdbx_ptnr2_label_alt_id 
_struct_conn.pdbx_ptnr2_PDB_ins_code 
_struct_conn.ptnr1_auth_asym_id 
_struct_conn.ptnr1_auth_comp_id 
_struct_conn.ptnr1_auth_seq_id 
_struct_conn.ptnr2_auth_asym_id 
_struct_conn.ptnr2_auth_comp_id 
_struct_conn.ptnr2_auth_seq_id 
_struct_conn.ptnr2_symmetry 
_struct_conn.pdbx_ptnr3_label_atom_id 
_struct_conn.pdbx_ptnr3_label_seq_id 
_struct_conn.pdbx_ptnr3_label_comp_id 
_struct_conn.pdbx_ptnr3_label_asym_id 
_struct_conn.pdbx_ptnr3_label_alt_id 
_struct_conn.pdbx_ptnr3_PDB_ins_code 
_struct_conn.details 
_struct_conn.pdbx_dist_value 
_struct_conn.pdbx_value_order 
_struct_conn.pdbx_role 
disulf1 disulf ? ? A CYS 12 SG ? ? ? 1_555 A CYS 12 SG ? ? A CYS 20 A CYS 20  7_556 ? ? ? ? ? ? ? 2.027 ? ? 
disulf2 disulf ? ? A CYS 17 SG ? ? ? 1_555 A CYS 82 SG ? ? A CYS 25 A CYS 90  1_555 ? ? ? ? ? ? ? 2.026 ? ? 
disulf3 disulf ? ? A CYS 29 SG ? ? ? 1_555 A CYS 94 SG ? ? A CYS 37 A CYS 102 1_555 ? ? ? ? ? ? ? 2.030 ? ? 
disulf4 disulf ? ? A CYS 53 SG ? ? ? 1_555 A CYS 75 SG ? ? A CYS 61 A CYS 83  1_555 ? ? ? ? ? ? ? 2.030 ? ? 
# 
_struct_conn_type.id          disulf 
_struct_conn_type.criteria    ? 
_struct_conn_type.reference   ? 
# 
loop_
_pdbx_modification_feature.ordinal 
_pdbx_modification_feature.label_comp_id 
_pdbx_modification_feature.label_asym_id 
_pdbx_modification_feature.label_seq_id 
_pdbx_modification_feature.label_alt_id 
_pdbx_modification_feature.modified_residue_label_comp_id 
_pdbx_modification_feature.modified_residue_label_asym_id 
_pdbx_modification_feature.modified_residue_label_seq_id 
_pdbx_modification_feature.modified_residue_label_alt_id 
_pdbx_modification_feature.auth_comp_id 
_pdbx_modification_feature.auth_asym_id 
_pdbx_modification_feature.auth_seq_id 
_pdbx_modification_feature.PDB_ins_code 
_pdbx_modification_feature.symmetry 
_pdbx_modification_feature.modified_residue_auth_comp_id 
_pdbx_modification_feature.modified_residue_auth_asym_id 
_pdbx_modification_feature.modified_residue_auth_seq_id 
_pdbx_modification_feature.modified_residue_PDB_ins_code 
_pdbx_modification_feature.modified_residue_symmetry 
_pdbx_modification_feature.comp_id_linking_atom 
_pdbx_modification_feature.modified_residue_id_linking_atom 
_pdbx_modification_feature.modified_residue_id 
_pdbx_modification_feature.ref_pcm_id 
_pdbx_modification_feature.ref_comp_id 
_pdbx_modification_feature.type 
_pdbx_modification_feature.category 
1 CYS A 12 ? CYS A 12 ? CYS A 20 ? 1_555 CYS A 20  ? 7_556 SG SG . . . None 'Disulfide bridge' 
2 CYS A 17 ? CYS A 82 ? CYS A 25 ? 1_555 CYS A 90  ? 1_555 SG SG . . . None 'Disulfide bridge' 
3 CYS A 29 ? CYS A 94 ? CYS A 37 ? 1_555 CYS A 102 ? 1_555 SG SG . . . None 'Disulfide bridge' 
4 CYS A 53 ? CYS A 75 ? CYS A 61 ? 1_555 CYS A 83  ? 1_555 SG SG . . . None 'Disulfide bridge' 
# 
_struct_mon_prot_cis.pdbx_id                1 
_struct_mon_prot_cis.label_comp_id          LEU 
_struct_mon_prot_cis.label_seq_id           76 
_struct_mon_prot_cis.label_asym_id          A 
_struct_mon_prot_cis.label_alt_id           . 
_struct_mon_prot_cis.pdbx_PDB_ins_code      ? 
_struct_mon_prot_cis.auth_comp_id           LEU 
_struct_mon_prot_cis.auth_seq_id            84 
_struct_mon_prot_cis.auth_asym_id           A 
_struct_mon_prot_cis.pdbx_label_comp_id_2   PRO 
_struct_mon_prot_cis.pdbx_label_seq_id_2    77 
_struct_mon_prot_cis.pdbx_label_asym_id_2   A 
_struct_mon_prot_cis.pdbx_PDB_ins_code_2    ? 
_struct_mon_prot_cis.pdbx_auth_comp_id_2    PRO 
_struct_mon_prot_cis.pdbx_auth_seq_id_2     85 
_struct_mon_prot_cis.pdbx_auth_asym_id_2    A 
_struct_mon_prot_cis.pdbx_PDB_model_num     1 
_struct_mon_prot_cis.pdbx_omega_angle       -5.73 
# 
loop_
_struct_sheet.id 
_struct_sheet.type 
_struct_sheet.number_strands 
_struct_sheet.details 
AA1 ? 5 ? 
AA2 ? 3 ? 
# 
loop_
_struct_sheet_order.sheet_id 
_struct_sheet_order.range_id_1 
_struct_sheet_order.range_id_2 
_struct_sheet_order.offset 
_struct_sheet_order.sense 
AA1 1 2 ? parallel      
AA1 2 3 ? anti-parallel 
AA1 3 4 ? anti-parallel 
AA1 4 5 ? anti-parallel 
AA2 1 2 ? anti-parallel 
AA2 2 3 ? anti-parallel 
# 
loop_
_struct_sheet_range.sheet_id 
_struct_sheet_range.id 
_struct_sheet_range.beg_label_comp_id 
_struct_sheet_range.beg_label_asym_id 
_struct_sheet_range.beg_label_seq_id 
_struct_sheet_range.pdbx_beg_PDB_ins_code 
_struct_sheet_range.end_label_comp_id 
_struct_sheet_range.end_label_asym_id 
_struct_sheet_range.end_label_seq_id 
_struct_sheet_range.pdbx_end_PDB_ins_code 
_struct_sheet_range.beg_auth_comp_id 
_struct_sheet_range.beg_auth_asym_id 
_struct_sheet_range.beg_auth_seq_id 
_struct_sheet_range.end_auth_comp_id 
_struct_sheet_range.end_auth_asym_id 
_struct_sheet_range.end_auth_seq_id 
AA1 1 CYS A 12  ? CYS A 17  ? CYS A 20  CYS A 25  
AA1 2 HIS A 104 ? PHE A 112 ? HIS A 112 PHE A 120 
AA1 3 LEU A 90  ? SER A 95  ? LEU A 98  SER A 103 
AA1 4 TYR A 34  ? ARG A 40  ? TYR A 42  ARG A 48  
AA1 5 LEU A 49  ? LEU A 52  ? LEU A 57  LEU A 60  
AA2 1 PRO A 22  ? VAL A 24  ? PRO A 30  VAL A 32  
AA2 2 THR A 79  ? ASN A 81  ? THR A 87  ASN A 89  
AA2 3 THR A 72  ? SER A 74  ? THR A 80  SER A 82  
# 
loop_
_pdbx_struct_sheet_hbond.sheet_id 
_pdbx_struct_sheet_hbond.range_id_1 
_pdbx_struct_sheet_hbond.range_id_2 
_pdbx_struct_sheet_hbond.range_1_label_atom_id 
_pdbx_struct_sheet_hbond.range_1_label_comp_id 
_pdbx_struct_sheet_hbond.range_1_label_asym_id 
_pdbx_struct_sheet_hbond.range_1_label_seq_id 
_pdbx_struct_sheet_hbond.range_1_PDB_ins_code 
_pdbx_struct_sheet_hbond.range_1_auth_atom_id 
_pdbx_struct_sheet_hbond.range_1_auth_comp_id 
_pdbx_struct_sheet_hbond.range_1_auth_asym_id 
_pdbx_struct_sheet_hbond.range_1_auth_seq_id 
_pdbx_struct_sheet_hbond.range_2_label_atom_id 
_pdbx_struct_sheet_hbond.range_2_label_comp_id 
_pdbx_struct_sheet_hbond.range_2_label_asym_id 
_pdbx_struct_sheet_hbond.range_2_label_seq_id 
_pdbx_struct_sheet_hbond.range_2_PDB_ins_code 
_pdbx_struct_sheet_hbond.range_2_auth_atom_id 
_pdbx_struct_sheet_hbond.range_2_auth_comp_id 
_pdbx_struct_sheet_hbond.range_2_auth_asym_id 
_pdbx_struct_sheet_hbond.range_2_auth_seq_id 
AA1 1 2 N SER A 13  ? N SER A 21  O VAL A 109 ? O VAL A 117 
AA1 2 3 O HIS A 104 ? O HIS A 112 N CYS A 94  ? N CYS A 102 
AA1 3 4 O ARG A 93  ? O ARG A 101 N LYS A 36  ? N LYS A 44  
AA1 4 5 N TRP A 37  ? N TRP A 45  O LEU A 52  ? O LEU A 60  
AA2 1 2 N TYR A 23  ? N TYR A 31  O ILE A 80  ? O ILE A 88  
AA2 2 3 O THR A 79  ? O THR A 87  N SER A 74  ? N SER A 82  
# 
_pdbx_entry_details.entry_id                   7MX9 
_pdbx_entry_details.compound_details           ? 
_pdbx_entry_details.source_details             ? 
_pdbx_entry_details.nonpolymer_details         ? 
_pdbx_entry_details.sequence_details           ? 
_pdbx_entry_details.has_ligand_of_interest     ? 
_pdbx_entry_details.has_protein_modification   Y 
# 
_pdbx_validate_close_contact.id               1 
_pdbx_validate_close_contact.PDB_model_num    1 
_pdbx_validate_close_contact.auth_atom_id_1   OE1 
_pdbx_validate_close_contact.auth_asym_id_1   A 
_pdbx_validate_close_contact.auth_comp_id_1   GLU 
_pdbx_validate_close_contact.auth_seq_id_1    110 
_pdbx_validate_close_contact.PDB_ins_code_1   ? 
_pdbx_validate_close_contact.label_alt_id_1   ? 
_pdbx_validate_close_contact.auth_atom_id_2   NE2 
_pdbx_validate_close_contact.auth_asym_id_2   A 
_pdbx_validate_close_contact.auth_comp_id_2   HIS 
_pdbx_validate_close_contact.auth_seq_id_2    112 
_pdbx_validate_close_contact.PDB_ins_code_2   ? 
_pdbx_validate_close_contact.label_alt_id_2   A 
_pdbx_validate_close_contact.dist             2.18 
# 
_pdbx_validate_symm_contact.id                1 
_pdbx_validate_symm_contact.PDB_model_num     1 
_pdbx_validate_symm_contact.auth_atom_id_1    SG 
_pdbx_validate_symm_contact.auth_asym_id_1    A 
_pdbx_validate_symm_contact.auth_comp_id_1    CYS 
_pdbx_validate_symm_contact.auth_seq_id_1     20 
_pdbx_validate_symm_contact.PDB_ins_code_1    ? 
_pdbx_validate_symm_contact.label_alt_id_1    ? 
_pdbx_validate_symm_contact.site_symmetry_1   1_555 
_pdbx_validate_symm_contact.auth_atom_id_2    HG 
_pdbx_validate_symm_contact.auth_asym_id_2    A 
_pdbx_validate_symm_contact.auth_comp_id_2    CYS 
_pdbx_validate_symm_contact.auth_seq_id_2     20 
_pdbx_validate_symm_contact.PDB_ins_code_2    ? 
_pdbx_validate_symm_contact.label_alt_id_2    ? 
_pdbx_validate_symm_contact.site_symmetry_2   7_556 
_pdbx_validate_symm_contact.dist              1.58 
# 
loop_
_pdbx_validate_torsion.id 
_pdbx_validate_torsion.PDB_model_num 
_pdbx_validate_torsion.auth_comp_id 
_pdbx_validate_torsion.auth_asym_id 
_pdbx_validate_torsion.auth_seq_id 
_pdbx_validate_torsion.PDB_ins_code 
_pdbx_validate_torsion.label_alt_id 
_pdbx_validate_torsion.phi 
_pdbx_validate_torsion.psi 
1 1 HIS A 40 ? ? 80.11  -23.56 
2 1 ALA A 51 ? ? -91.25 32.31  
3 1 CYS A 90 ? ? -68.75 81.41  
# 
loop_
_space_group_symop.id 
_space_group_symop.operation_xyz 
1 x,y,z               
2 -y+1/2,x+1/2,z+1/2  
3 y+1/2,-x+1/2,z+1/2  
4 x+1/2,-y+1/2,-z+1/2 
5 -x+1/2,y+1/2,-z+1/2 
6 -x,-y,z             
7 y,x,-z              
8 -y,-x,-z            
# 
loop_
_pdbx_unobs_or_zero_occ_residues.id 
_pdbx_unobs_or_zero_occ_residues.PDB_model_num 
_pdbx_unobs_or_zero_occ_residues.polymer_flag 
_pdbx_unobs_or_zero_occ_residues.occupancy_flag 
_pdbx_unobs_or_zero_occ_residues.auth_asym_id 
_pdbx_unobs_or_zero_occ_residues.auth_comp_id 
_pdbx_unobs_or_zero_occ_residues.auth_seq_id 
_pdbx_unobs_or_zero_occ_residues.PDB_ins_code 
_pdbx_unobs_or_zero_occ_residues.label_asym_id 
_pdbx_unobs_or_zero_occ_residues.label_comp_id 
_pdbx_unobs_or_zero_occ_residues.label_seq_id 
1  1 Y 1 A GLY 9  ? A GLY 1  
2  1 Y 1 A VAL 10 ? A VAL 2  
3  1 Y 1 A ARG 11 ? A ARG 3  
4  1 Y 1 A LEU 12 ? A LEU 4  
5  1 Y 1 A ALA 13 ? A ALA 5  
6  1 Y 1 A SER 14 ? A SER 6  
7  1 Y 1 A ALA 15 ? A ALA 7  
8  1 Y 1 A PHE 16 ? A PHE 8  
9  1 Y 1 A HIS 17 ? A HIS 9  
10 1 Y 1 A GLN 18 ? A GLN 10 
11 1 Y 1 A ASP 63 ? A ASP 55 
12 1 Y 1 A GLU 64 ? A GLU 56 
13 1 Y 1 A ALA 65 ? A ALA 57 
14 1 Y 1 A GLY 66 ? A GLY 58 
15 1 Y 1 A SER 67 ? A SER 59 
16 1 Y 1 A LYS 68 ? A LYS 60 
17 1 Y 1 A SER 69 ? A SER 61 
18 1 Y 1 A PRO 70 ? A PRO 62 
19 1 Y 1 A ILE 71 ? A ILE 63 
20 1 Y 1 A GLN 72 ? A GLN 64 
21 1 Y 1 A TYR 73 ? A TYR 65 
22 1 Y 1 A ILE 74 ? A ILE 66 
23 1 Y 1 A ASP 75 ? A ASP 67 
24 1 Y 1 A ILE 76 ? A ILE 68 
25 1 Y 1 A GLY 77 ? A GLY 69 
# 
loop_
_chem_comp_atom.comp_id 
_chem_comp_atom.atom_id 
_chem_comp_atom.type_symbol 
_chem_comp_atom.pdbx_aromatic_flag 
_chem_comp_atom.pdbx_stereo_config 
_chem_comp_atom.pdbx_ordinal 
ALA N    N N N 1   
ALA CA   C N S 2   
ALA C    C N N 3   
ALA O    O N N 4   
ALA CB   C N N 5   
ALA OXT  O N N 6   
ALA H    H N N 7   
ALA H2   H N N 8   
ALA HA   H N N 9   
ALA HB1  H N N 10  
ALA HB2  H N N 11  
ALA HB3  H N N 12  
ALA HXT  H N N 13  
ARG N    N N N 14  
ARG CA   C N S 15  
ARG C    C N N 16  
ARG O    O N N 17  
ARG CB   C N N 18  
ARG CG   C N N 19  
ARG CD   C N N 20  
ARG NE   N N N 21  
ARG CZ   C N N 22  
ARG NH1  N N N 23  
ARG NH2  N N N 24  
ARG OXT  O N N 25  
ARG H    H N N 26  
ARG H2   H N N 27  
ARG HA   H N N 28  
ARG HB2  H N N 29  
ARG HB3  H N N 30  
ARG HG2  H N N 31  
ARG HG3  H N N 32  
ARG HD2  H N N 33  
ARG HD3  H N N 34  
ARG HE   H N N 35  
ARG HH11 H N N 36  
ARG HH12 H N N 37  
ARG HH21 H N N 38  
ARG HH22 H N N 39  
ARG HXT  H N N 40  
ASN N    N N N 41  
ASN CA   C N S 42  
ASN C    C N N 43  
ASN O    O N N 44  
ASN CB   C N N 45  
ASN CG   C N N 46  
ASN OD1  O N N 47  
ASN ND2  N N N 48  
ASN OXT  O N N 49  
ASN H    H N N 50  
ASN H2   H N N 51  
ASN HA   H N N 52  
ASN HB2  H N N 53  
ASN HB3  H N N 54  
ASN HD21 H N N 55  
ASN HD22 H N N 56  
ASN HXT  H N N 57  
ASP N    N N N 58  
ASP CA   C N S 59  
ASP C    C N N 60  
ASP O    O N N 61  
ASP CB   C N N 62  
ASP CG   C N N 63  
ASP OD1  O N N 64  
ASP OD2  O N N 65  
ASP OXT  O N N 66  
ASP H    H N N 67  
ASP H2   H N N 68  
ASP HA   H N N 69  
ASP HB2  H N N 70  
ASP HB3  H N N 71  
ASP HD2  H N N 72  
ASP HXT  H N N 73  
CYS N    N N N 74  
CYS CA   C N R 75  
CYS C    C N N 76  
CYS O    O N N 77  
CYS CB   C N N 78  
CYS SG   S N N 79  
CYS OXT  O N N 80  
CYS H    H N N 81  
CYS H2   H N N 82  
CYS HA   H N N 83  
CYS HB2  H N N 84  
CYS HB3  H N N 85  
CYS HG   H N N 86  
CYS HXT  H N N 87  
GLN N    N N N 88  
GLN CA   C N S 89  
GLN C    C N N 90  
GLN O    O N N 91  
GLN CB   C N N 92  
GLN CG   C N N 93  
GLN CD   C N N 94  
GLN OE1  O N N 95  
GLN NE2  N N N 96  
GLN OXT  O N N 97  
GLN H    H N N 98  
GLN H2   H N N 99  
GLN HA   H N N 100 
GLN HB2  H N N 101 
GLN HB3  H N N 102 
GLN HG2  H N N 103 
GLN HG3  H N N 104 
GLN HE21 H N N 105 
GLN HE22 H N N 106 
GLN HXT  H N N 107 
GLU N    N N N 108 
GLU CA   C N S 109 
GLU C    C N N 110 
GLU O    O N N 111 
GLU CB   C N N 112 
GLU CG   C N N 113 
GLU CD   C N N 114 
GLU OE1  O N N 115 
GLU OE2  O N N 116 
GLU OXT  O N N 117 
GLU H    H N N 118 
GLU H2   H N N 119 
GLU HA   H N N 120 
GLU HB2  H N N 121 
GLU HB3  H N N 122 
GLU HG2  H N N 123 
GLU HG3  H N N 124 
GLU HE2  H N N 125 
GLU HXT  H N N 126 
GLY N    N N N 127 
GLY CA   C N N 128 
GLY C    C N N 129 
GLY O    O N N 130 
GLY OXT  O N N 131 
GLY H    H N N 132 
GLY H2   H N N 133 
GLY HA2  H N N 134 
GLY HA3  H N N 135 
GLY HXT  H N N 136 
HIS N    N N N 137 
HIS CA   C N S 138 
HIS C    C N N 139 
HIS O    O N N 140 
HIS CB   C N N 141 
HIS CG   C Y N 142 
HIS ND1  N Y N 143 
HIS CD2  C Y N 144 
HIS CE1  C Y N 145 
HIS NE2  N Y N 146 
HIS OXT  O N N 147 
HIS H    H N N 148 
HIS H2   H N N 149 
HIS HA   H N N 150 
HIS HB2  H N N 151 
HIS HB3  H N N 152 
HIS HD1  H N N 153 
HIS HD2  H N N 154 
HIS HE1  H N N 155 
HIS HE2  H N N 156 
HIS HXT  H N N 157 
HOH O    O N N 158 
HOH H1   H N N 159 
HOH H2   H N N 160 
ILE N    N N N 161 
ILE CA   C N S 162 
ILE C    C N N 163 
ILE O    O N N 164 
ILE CB   C N S 165 
ILE CG1  C N N 166 
ILE CG2  C N N 167 
ILE CD1  C N N 168 
ILE OXT  O N N 169 
ILE H    H N N 170 
ILE H2   H N N 171 
ILE HA   H N N 172 
ILE HB   H N N 173 
ILE HG12 H N N 174 
ILE HG13 H N N 175 
ILE HG21 H N N 176 
ILE HG22 H N N 177 
ILE HG23 H N N 178 
ILE HD11 H N N 179 
ILE HD12 H N N 180 
ILE HD13 H N N 181 
ILE HXT  H N N 182 
LEU N    N N N 183 
LEU CA   C N S 184 
LEU C    C N N 185 
LEU O    O N N 186 
LEU CB   C N N 187 
LEU CG   C N N 188 
LEU CD1  C N N 189 
LEU CD2  C N N 190 
LEU OXT  O N N 191 
LEU H    H N N 192 
LEU H2   H N N 193 
LEU HA   H N N 194 
LEU HB2  H N N 195 
LEU HB3  H N N 196 
LEU HG   H N N 197 
LEU HD11 H N N 198 
LEU HD12 H N N 199 
LEU HD13 H N N 200 
LEU HD21 H N N 201 
LEU HD22 H N N 202 
LEU HD23 H N N 203 
LEU HXT  H N N 204 
LYS N    N N N 205 
LYS CA   C N S 206 
LYS C    C N N 207 
LYS O    O N N 208 
LYS CB   C N N 209 
LYS CG   C N N 210 
LYS CD   C N N 211 
LYS CE   C N N 212 
LYS NZ   N N N 213 
LYS OXT  O N N 214 
LYS H    H N N 215 
LYS H2   H N N 216 
LYS HA   H N N 217 
LYS HB2  H N N 218 
LYS HB3  H N N 219 
LYS HG2  H N N 220 
LYS HG3  H N N 221 
LYS HD2  H N N 222 
LYS HD3  H N N 223 
LYS HE2  H N N 224 
LYS HE3  H N N 225 
LYS HZ1  H N N 226 
LYS HZ2  H N N 227 
LYS HZ3  H N N 228 
LYS HXT  H N N 229 
PHE N    N N N 230 
PHE CA   C N S 231 
PHE C    C N N 232 
PHE O    O N N 233 
PHE CB   C N N 234 
PHE CG   C Y N 235 
PHE CD1  C Y N 236 
PHE CD2  C Y N 237 
PHE CE1  C Y N 238 
PHE CE2  C Y N 239 
PHE CZ   C Y N 240 
PHE OXT  O N N 241 
PHE H    H N N 242 
PHE H2   H N N 243 
PHE HA   H N N 244 
PHE HB2  H N N 245 
PHE HB3  H N N 246 
PHE HD1  H N N 247 
PHE HD2  H N N 248 
PHE HE1  H N N 249 
PHE HE2  H N N 250 
PHE HZ   H N N 251 
PHE HXT  H N N 252 
PRO N    N N N 253 
PRO CA   C N S 254 
PRO C    C N N 255 
PRO O    O N N 256 
PRO CB   C N N 257 
PRO CG   C N N 258 
PRO CD   C N N 259 
PRO OXT  O N N 260 
PRO H    H N N 261 
PRO HA   H N N 262 
PRO HB2  H N N 263 
PRO HB3  H N N 264 
PRO HG2  H N N 265 
PRO HG3  H N N 266 
PRO HD2  H N N 267 
PRO HD3  H N N 268 
PRO HXT  H N N 269 
SER N    N N N 270 
SER CA   C N S 271 
SER C    C N N 272 
SER O    O N N 273 
SER CB   C N N 274 
SER OG   O N N 275 
SER OXT  O N N 276 
SER H    H N N 277 
SER H2   H N N 278 
SER HA   H N N 279 
SER HB2  H N N 280 
SER HB3  H N N 281 
SER HG   H N N 282 
SER HXT  H N N 283 
THR N    N N N 284 
THR CA   C N S 285 
THR C    C N N 286 
THR O    O N N 287 
THR CB   C N R 288 
THR OG1  O N N 289 
THR CG2  C N N 290 
THR OXT  O N N 291 
THR H    H N N 292 
THR H2   H N N 293 
THR HA   H N N 294 
THR HB   H N N 295 
THR HG1  H N N 296 
THR HG21 H N N 297 
THR HG22 H N N 298 
THR HG23 H N N 299 
THR HXT  H N N 300 
TRP N    N N N 301 
TRP CA   C N S 302 
TRP C    C N N 303 
TRP O    O N N 304 
TRP CB   C N N 305 
TRP CG   C Y N 306 
TRP CD1  C Y N 307 
TRP CD2  C Y N 308 
TRP NE1  N Y N 309 
TRP CE2  C Y N 310 
TRP CE3  C Y N 311 
TRP CZ2  C Y N 312 
TRP CZ3  C Y N 313 
TRP CH2  C Y N 314 
TRP OXT  O N N 315 
TRP H    H N N 316 
TRP H2   H N N 317 
TRP HA   H N N 318 
TRP HB2  H N N 319 
TRP HB3  H N N 320 
TRP HD1  H N N 321 
TRP HE1  H N N 322 
TRP HE3  H N N 323 
TRP HZ2  H N N 324 
TRP HZ3  H N N 325 
TRP HH2  H N N 326 
TRP HXT  H N N 327 
TYR N    N N N 328 
TYR CA   C N S 329 
TYR C    C N N 330 
TYR O    O N N 331 
TYR CB   C N N 332 
TYR CG   C Y N 333 
TYR CD1  C Y N 334 
TYR CD2  C Y N 335 
TYR CE1  C Y N 336 
TYR CE2  C Y N 337 
TYR CZ   C Y N 338 
TYR OH   O N N 339 
TYR OXT  O N N 340 
TYR H    H N N 341 
TYR H2   H N N 342 
TYR HA   H N N 343 
TYR HB2  H N N 344 
TYR HB3  H N N 345 
TYR HD1  H N N 346 
TYR HD2  H N N 347 
TYR HE1  H N N 348 
TYR HE2  H N N 349 
TYR HH   H N N 350 
TYR HXT  H N N 351 
VAL N    N N N 352 
VAL CA   C N S 353 
VAL C    C N N 354 
VAL O    O N N 355 
VAL CB   C N N 356 
VAL CG1  C N N 357 
VAL CG2  C N N 358 
VAL OXT  O N N 359 
VAL H    H N N 360 
VAL H2   H N N 361 
VAL HA   H N N 362 
VAL HB   H N N 363 
VAL HG11 H N N 364 
VAL HG12 H N N 365 
VAL HG13 H N N 366 
VAL HG21 H N N 367 
VAL HG22 H N N 368 
VAL HG23 H N N 369 
VAL HXT  H N N 370 
# 
loop_
_chem_comp_bond.comp_id 
_chem_comp_bond.atom_id_1 
_chem_comp_bond.atom_id_2 
_chem_comp_bond.value_order 
_chem_comp_bond.pdbx_aromatic_flag 
_chem_comp_bond.pdbx_stereo_config 
_chem_comp_bond.pdbx_ordinal 
ALA N   CA   sing N N 1   
ALA N   H    sing N N 2   
ALA N   H2   sing N N 3   
ALA CA  C    sing N N 4   
ALA CA  CB   sing N N 5   
ALA CA  HA   sing N N 6   
ALA C   O    doub N N 7   
ALA C   OXT  sing N N 8   
ALA CB  HB1  sing N N 9   
ALA CB  HB2  sing N N 10  
ALA CB  HB3  sing N N 11  
ALA OXT HXT  sing N N 12  
ARG N   CA   sing N N 13  
ARG N   H    sing N N 14  
ARG N   H2   sing N N 15  
ARG CA  C    sing N N 16  
ARG CA  CB   sing N N 17  
ARG CA  HA   sing N N 18  
ARG C   O    doub N N 19  
ARG C   OXT  sing N N 20  
ARG CB  CG   sing N N 21  
ARG CB  HB2  sing N N 22  
ARG CB  HB3  sing N N 23  
ARG CG  CD   sing N N 24  
ARG CG  HG2  sing N N 25  
ARG CG  HG3  sing N N 26  
ARG CD  NE   sing N N 27  
ARG CD  HD2  sing N N 28  
ARG CD  HD3  sing N N 29  
ARG NE  CZ   sing N N 30  
ARG NE  HE   sing N N 31  
ARG CZ  NH1  sing N N 32  
ARG CZ  NH2  doub N N 33  
ARG NH1 HH11 sing N N 34  
ARG NH1 HH12 sing N N 35  
ARG NH2 HH21 sing N N 36  
ARG NH2 HH22 sing N N 37  
ARG OXT HXT  sing N N 38  
ASN N   CA   sing N N 39  
ASN N   H    sing N N 40  
ASN N   H2   sing N N 41  
ASN CA  C    sing N N 42  
ASN CA  CB   sing N N 43  
ASN CA  HA   sing N N 44  
ASN C   O    doub N N 45  
ASN C   OXT  sing N N 46  
ASN CB  CG   sing N N 47  
ASN CB  HB2  sing N N 48  
ASN CB  HB3  sing N N 49  
ASN CG  OD1  doub N N 50  
ASN CG  ND2  sing N N 51  
ASN ND2 HD21 sing N N 52  
ASN ND2 HD22 sing N N 53  
ASN OXT HXT  sing N N 54  
ASP N   CA   sing N N 55  
ASP N   H    sing N N 56  
ASP N   H2   sing N N 57  
ASP CA  C    sing N N 58  
ASP CA  CB   sing N N 59  
ASP CA  HA   sing N N 60  
ASP C   O    doub N N 61  
ASP C   OXT  sing N N 62  
ASP CB  CG   sing N N 63  
ASP CB  HB2  sing N N 64  
ASP CB  HB3  sing N N 65  
ASP CG  OD1  doub N N 66  
ASP CG  OD2  sing N N 67  
ASP OD2 HD2  sing N N 68  
ASP OXT HXT  sing N N 69  
CYS N   CA   sing N N 70  
CYS N   H    sing N N 71  
CYS N   H2   sing N N 72  
CYS CA  C    sing N N 73  
CYS CA  CB   sing N N 74  
CYS CA  HA   sing N N 75  
CYS C   O    doub N N 76  
CYS C   OXT  sing N N 77  
CYS CB  SG   sing N N 78  
CYS CB  HB2  sing N N 79  
CYS CB  HB3  sing N N 80  
CYS SG  HG   sing N N 81  
CYS OXT HXT  sing N N 82  
GLN N   CA   sing N N 83  
GLN N   H    sing N N 84  
GLN N   H2   sing N N 85  
GLN CA  C    sing N N 86  
GLN CA  CB   sing N N 87  
GLN CA  HA   sing N N 88  
GLN C   O    doub N N 89  
GLN C   OXT  sing N N 90  
GLN CB  CG   sing N N 91  
GLN CB  HB2  sing N N 92  
GLN CB  HB3  sing N N 93  
GLN CG  CD   sing N N 94  
GLN CG  HG2  sing N N 95  
GLN CG  HG3  sing N N 96  
GLN CD  OE1  doub N N 97  
GLN CD  NE2  sing N N 98  
GLN NE2 HE21 sing N N 99  
GLN NE2 HE22 sing N N 100 
GLN OXT HXT  sing N N 101 
GLU N   CA   sing N N 102 
GLU N   H    sing N N 103 
GLU N   H2   sing N N 104 
GLU CA  C    sing N N 105 
GLU CA  CB   sing N N 106 
GLU CA  HA   sing N N 107 
GLU C   O    doub N N 108 
GLU C   OXT  sing N N 109 
GLU CB  CG   sing N N 110 
GLU CB  HB2  sing N N 111 
GLU CB  HB3  sing N N 112 
GLU CG  CD   sing N N 113 
GLU CG  HG2  sing N N 114 
GLU CG  HG3  sing N N 115 
GLU CD  OE1  doub N N 116 
GLU CD  OE2  sing N N 117 
GLU OE2 HE2  sing N N 118 
GLU OXT HXT  sing N N 119 
GLY N   CA   sing N N 120 
GLY N   H    sing N N 121 
GLY N   H2   sing N N 122 
GLY CA  C    sing N N 123 
GLY CA  HA2  sing N N 124 
GLY CA  HA3  sing N N 125 
GLY C   O    doub N N 126 
GLY C   OXT  sing N N 127 
GLY OXT HXT  sing N N 128 
HIS N   CA   sing N N 129 
HIS N   H    sing N N 130 
HIS N   H2   sing N N 131 
HIS CA  C    sing N N 132 
HIS CA  CB   sing N N 133 
HIS CA  HA   sing N N 134 
HIS C   O    doub N N 135 
HIS C   OXT  sing N N 136 
HIS CB  CG   sing N N 137 
HIS CB  HB2  sing N N 138 
HIS CB  HB3  sing N N 139 
HIS CG  ND1  sing Y N 140 
HIS CG  CD2  doub Y N 141 
HIS ND1 CE1  doub Y N 142 
HIS ND1 HD1  sing N N 143 
HIS CD2 NE2  sing Y N 144 
HIS CD2 HD2  sing N N 145 
HIS CE1 NE2  sing Y N 146 
HIS CE1 HE1  sing N N 147 
HIS NE2 HE2  sing N N 148 
HIS OXT HXT  sing N N 149 
HOH O   H1   sing N N 150 
HOH O   H2   sing N N 151 
ILE N   CA   sing N N 152 
ILE N   H    sing N N 153 
ILE N   H2   sing N N 154 
ILE CA  C    sing N N 155 
ILE CA  CB   sing N N 156 
ILE CA  HA   sing N N 157 
ILE C   O    doub N N 158 
ILE C   OXT  sing N N 159 
ILE CB  CG1  sing N N 160 
ILE CB  CG2  sing N N 161 
ILE CB  HB   sing N N 162 
ILE CG1 CD1  sing N N 163 
ILE CG1 HG12 sing N N 164 
ILE CG1 HG13 sing N N 165 
ILE CG2 HG21 sing N N 166 
ILE CG2 HG22 sing N N 167 
ILE CG2 HG23 sing N N 168 
ILE CD1 HD11 sing N N 169 
ILE CD1 HD12 sing N N 170 
ILE CD1 HD13 sing N N 171 
ILE OXT HXT  sing N N 172 
LEU N   CA   sing N N 173 
LEU N   H    sing N N 174 
LEU N   H2   sing N N 175 
LEU CA  C    sing N N 176 
LEU CA  CB   sing N N 177 
LEU CA  HA   sing N N 178 
LEU C   O    doub N N 179 
LEU C   OXT  sing N N 180 
LEU CB  CG   sing N N 181 
LEU CB  HB2  sing N N 182 
LEU CB  HB3  sing N N 183 
LEU CG  CD1  sing N N 184 
LEU CG  CD2  sing N N 185 
LEU CG  HG   sing N N 186 
LEU CD1 HD11 sing N N 187 
LEU CD1 HD12 sing N N 188 
LEU CD1 HD13 sing N N 189 
LEU CD2 HD21 sing N N 190 
LEU CD2 HD22 sing N N 191 
LEU CD2 HD23 sing N N 192 
LEU OXT HXT  sing N N 193 
LYS N   CA   sing N N 194 
LYS N   H    sing N N 195 
LYS N   H2   sing N N 196 
LYS CA  C    sing N N 197 
LYS CA  CB   sing N N 198 
LYS CA  HA   sing N N 199 
LYS C   O    doub N N 200 
LYS C   OXT  sing N N 201 
LYS CB  CG   sing N N 202 
LYS CB  HB2  sing N N 203 
LYS CB  HB3  sing N N 204 
LYS CG  CD   sing N N 205 
LYS CG  HG2  sing N N 206 
LYS CG  HG3  sing N N 207 
LYS CD  CE   sing N N 208 
LYS CD  HD2  sing N N 209 
LYS CD  HD3  sing N N 210 
LYS CE  NZ   sing N N 211 
LYS CE  HE2  sing N N 212 
LYS CE  HE3  sing N N 213 
LYS NZ  HZ1  sing N N 214 
LYS NZ  HZ2  sing N N 215 
LYS NZ  HZ3  sing N N 216 
LYS OXT HXT  sing N N 217 
PHE N   CA   sing N N 218 
PHE N   H    sing N N 219 
PHE N   H2   sing N N 220 
PHE CA  C    sing N N 221 
PHE CA  CB   sing N N 222 
PHE CA  HA   sing N N 223 
PHE C   O    doub N N 224 
PHE C   OXT  sing N N 225 
PHE CB  CG   sing N N 226 
PHE CB  HB2  sing N N 227 
PHE CB  HB3  sing N N 228 
PHE CG  CD1  doub Y N 229 
PHE CG  CD2  sing Y N 230 
PHE CD1 CE1  sing Y N 231 
PHE CD1 HD1  sing N N 232 
PHE CD2 CE2  doub Y N 233 
PHE CD2 HD2  sing N N 234 
PHE CE1 CZ   doub Y N 235 
PHE CE1 HE1  sing N N 236 
PHE CE2 CZ   sing Y N 237 
PHE CE2 HE2  sing N N 238 
PHE CZ  HZ   sing N N 239 
PHE OXT HXT  sing N N 240 
PRO N   CA   sing N N 241 
PRO N   CD   sing N N 242 
PRO N   H    sing N N 243 
PRO CA  C    sing N N 244 
PRO CA  CB   sing N N 245 
PRO CA  HA   sing N N 246 
PRO C   O    doub N N 247 
PRO C   OXT  sing N N 248 
PRO CB  CG   sing N N 249 
PRO CB  HB2  sing N N 250 
PRO CB  HB3  sing N N 251 
PRO CG  CD   sing N N 252 
PRO CG  HG2  sing N N 253 
PRO CG  HG3  sing N N 254 
PRO CD  HD2  sing N N 255 
PRO CD  HD3  sing N N 256 
PRO OXT HXT  sing N N 257 
SER N   CA   sing N N 258 
SER N   H    sing N N 259 
SER N   H2   sing N N 260 
SER CA  C    sing N N 261 
SER CA  CB   sing N N 262 
SER CA  HA   sing N N 263 
SER C   O    doub N N 264 
SER C   OXT  sing N N 265 
SER CB  OG   sing N N 266 
SER CB  HB2  sing N N 267 
SER CB  HB3  sing N N 268 
SER OG  HG   sing N N 269 
SER OXT HXT  sing N N 270 
THR N   CA   sing N N 271 
THR N   H    sing N N 272 
THR N   H2   sing N N 273 
THR CA  C    sing N N 274 
THR CA  CB   sing N N 275 
THR CA  HA   sing N N 276 
THR C   O    doub N N 277 
THR C   OXT  sing N N 278 
THR CB  OG1  sing N N 279 
THR CB  CG2  sing N N 280 
THR CB  HB   sing N N 281 
THR OG1 HG1  sing N N 282 
THR CG2 HG21 sing N N 283 
THR CG2 HG22 sing N N 284 
THR CG2 HG23 sing N N 285 
THR OXT HXT  sing N N 286 
TRP N   CA   sing N N 287 
TRP N   H    sing N N 288 
TRP N   H2   sing N N 289 
TRP CA  C    sing N N 290 
TRP CA  CB   sing N N 291 
TRP CA  HA   sing N N 292 
TRP C   O    doub N N 293 
TRP C   OXT  sing N N 294 
TRP CB  CG   sing N N 295 
TRP CB  HB2  sing N N 296 
TRP CB  HB3  sing N N 297 
TRP CG  CD1  doub Y N 298 
TRP CG  CD2  sing Y N 299 
TRP CD1 NE1  sing Y N 300 
TRP CD1 HD1  sing N N 301 
TRP CD2 CE2  doub Y N 302 
TRP CD2 CE3  sing Y N 303 
TRP NE1 CE2  sing Y N 304 
TRP NE1 HE1  sing N N 305 
TRP CE2 CZ2  sing Y N 306 
TRP CE3 CZ3  doub Y N 307 
TRP CE3 HE3  sing N N 308 
TRP CZ2 CH2  doub Y N 309 
TRP CZ2 HZ2  sing N N 310 
TRP CZ3 CH2  sing Y N 311 
TRP CZ3 HZ3  sing N N 312 
TRP CH2 HH2  sing N N 313 
TRP OXT HXT  sing N N 314 
TYR N   CA   sing N N 315 
TYR N   H    sing N N 316 
TYR N   H2   sing N N 317 
TYR CA  C    sing N N 318 
TYR CA  CB   sing N N 319 
TYR CA  HA   sing N N 320 
TYR C   O    doub N N 321 
TYR C   OXT  sing N N 322 
TYR CB  CG   sing N N 323 
TYR CB  HB2  sing N N 324 
TYR CB  HB3  sing N N 325 
TYR CG  CD1  doub Y N 326 
TYR CG  CD2  sing Y N 327 
TYR CD1 CE1  sing Y N 328 
TYR CD1 HD1  sing N N 329 
TYR CD2 CE2  doub Y N 330 
TYR CD2 HD2  sing N N 331 
TYR CE1 CZ   doub Y N 332 
TYR CE1 HE1  sing N N 333 
TYR CE2 CZ   sing Y N 334 
TYR CE2 HE2  sing N N 335 
TYR CZ  OH   sing N N 336 
TYR OH  HH   sing N N 337 
TYR OXT HXT  sing N N 338 
VAL N   CA   sing N N 339 
VAL N   H    sing N N 340 
VAL N   H2   sing N N 341 
VAL CA  C    sing N N 342 
VAL CA  CB   sing N N 343 
VAL CA  HA   sing N N 344 
VAL C   O    doub N N 345 
VAL C   OXT  sing N N 346 
VAL CB  CG1  sing N N 347 
VAL CB  CG2  sing N N 348 
VAL CB  HB   sing N N 349 
VAL CG1 HG11 sing N N 350 
VAL CG1 HG12 sing N N 351 
VAL CG1 HG13 sing N N 352 
VAL CG2 HG21 sing N N 353 
VAL CG2 HG22 sing N N 354 
VAL CG2 HG23 sing N N 355 
VAL OXT HXT  sing N N 356 
# 
loop_
_pdbx_audit_support.funding_organization 
_pdbx_audit_support.country 
_pdbx_audit_support.grant_number 
_pdbx_audit_support.ordinal 
'Natural Sciences and Engineering Research Council (NSERC, Canada)' ? RGPIN-004954-2017 1 
'Canadian Institutes of Health Research (CIHR)'                     ? 201610PJT-152935  2 
# 
_pdbx_initial_refinement_model.id               1 
_pdbx_initial_refinement_model.entity_id_list   ? 
_pdbx_initial_refinement_model.type             'experimental model' 
_pdbx_initial_refinement_model.source_name      PDB 
_pdbx_initial_refinement_model.accession_code   7JTL 
_pdbx_initial_refinement_model.details          ? 
# 
_space_group.name_H-M_alt     'P 42 21 2' 
_space_group.name_Hall        'P 4n 2n' 
_space_group.IT_number        94 
_space_group.crystal_system   tetragonal 
_space_group.id               1 
# 
_atom_sites.entry_id                    7MX9 
_atom_sites.Cartn_transf_matrix[1][1]   ? 
_atom_sites.Cartn_transf_matrix[1][2]   ? 
_atom_sites.Cartn_transf_matrix[1][3]   ? 
_atom_sites.Cartn_transf_matrix[2][1]   ? 
_atom_sites.Cartn_transf_matrix[2][2]   ? 
_atom_sites.Cartn_transf_matrix[2][3]   ? 
_atom_sites.Cartn_transf_matrix[3][1]   ? 
_atom_sites.Cartn_transf_matrix[3][2]   ? 
_atom_sites.Cartn_transf_matrix[3][3]   ? 
_atom_sites.Cartn_transf_vector[1]      ? 
_atom_sites.Cartn_transf_vector[2]      ? 
_atom_sites.Cartn_transf_vector[3]      ? 
_atom_sites.fract_transf_matrix[1][1]   0.01150162 
_atom_sites.fract_transf_matrix[1][2]   -0.00119370 
_atom_sites.fract_transf_matrix[1][3]   -0.01567047 
_atom_sites.fract_transf_matrix[2][1]   0.00317204 
_atom_sites.fract_transf_matrix[2][2]   -0.01884276 
_atom_sites.fract_transf_matrix[2][3]   0.00376352 
_atom_sites.fract_transf_matrix[3][1]   -0.01066760 
_atom_sites.fract_transf_matrix[3][2]   -0.00330930 
_atom_sites.fract_transf_matrix[3][3]   -0.00757759 
_atom_sites.fract_transf_vector[1]      0.195995 
_atom_sites.fract_transf_vector[2]      0.301874 
_atom_sites.fract_transf_vector[3]      0.356199 
_atom_sites.solution_primary            ? 
_atom_sites.solution_secondary          ? 
_atom_sites.solution_hydrogens          ? 
_atom_sites.special_details             ? 
# 
loop_
_atom_type.symbol 
_atom_type.scat_dispersion_real 
_atom_type.scat_dispersion_imag 
_atom_type.scat_Cromer_Mann_a1 
_atom_type.scat_Cromer_Mann_a2 
_atom_type.scat_Cromer_Mann_a3 
_atom_type.scat_Cromer_Mann_a4 
_atom_type.scat_Cromer_Mann_b1 
_atom_type.scat_Cromer_Mann_b2 
_atom_type.scat_Cromer_Mann_b3 
_atom_type.scat_Cromer_Mann_b4 
_atom_type.scat_Cromer_Mann_c 
_atom_type.scat_source 
_atom_type.scat_dispersion_source 
C ? ? 3.54356 2.42580 ? ? 25.62398 1.50364  ? ? 0.0 
;2-Gaussian fit: Grosse-Kunstleve RW, Sauter NK, Adams PD: Newsletter of the IUCr Commission on Crystallographic Computing 2004, 3, 22-31.
;
? 
H ? ? 0.51345 0.48472 ? ? 24.73122 6.32584  ? ? 0.0 
;2-Gaussian fit: Grosse-Kunstleve RW, Sauter NK, Adams PD: Newsletter of the IUCr Commission on Crystallographic Computing 2004, 3, 22-31.
;
? 
N ? ? 4.01032 2.96436 ? ? 19.97189 1.75589  ? ? 0.0 
;2-Gaussian fit: Grosse-Kunstleve RW, Sauter NK, Adams PD: Newsletter of the IUCr Commission on Crystallographic Computing 2004, 3, 22-31.
;
? 
O ? ? 4.49882 3.47563 ? ? 15.80542 1.70748  ? ? 0.0 
;2-Gaussian fit: Grosse-Kunstleve RW, Sauter NK, Adams PD: Newsletter of the IUCr Commission on Crystallographic Computing 2004, 3, 22-31.
;
? 
S ? ? 9.55732 6.39887 ? ? 1.23737  29.19336 ? ? 0.0 
;2-Gaussian fit: Grosse-Kunstleve RW, Sauter NK, Adams PD: Newsletter of the IUCr Commission on Crystallographic Computing 2004, 3, 22-31.
;
? 
# 
loop_
_atom_site.group_PDB 
_atom_site.id 
_atom_site.type_symbol 
_atom_site.label_atom_id 
_atom_site.label_alt_id 
_atom_site.label_comp_id 
_atom_site.label_asym_id 
_atom_site.label_entity_id 
_atom_site.label_seq_id 
_atom_site.pdbx_PDB_ins_code 
_atom_site.Cartn_x 
_atom_site.Cartn_y 
_atom_site.Cartn_z 
_atom_site.occupancy 
_atom_site.B_iso_or_equiv 
_atom_site.pdbx_formal_charge 
_atom_site.auth_seq_id 
_atom_site.auth_comp_id 
_atom_site.auth_asym_id 
_atom_site.auth_atom_id 
_atom_site.pdbx_PDB_model_num 
ATOM   1    N N    . GLU A 1 11  ? 0.835   -0.544  -12.389 1.00 47.77 ? 19  GLU A N    1 
ATOM   2    C CA   . GLU A 1 11  ? 0.160   -1.749  -11.919 1.00 39.94 ? 19  GLU A CA   1 
ATOM   3    C C    . GLU A 1 11  ? -0.797  -1.426  -10.778 1.00 39.41 ? 19  GLU A C    1 
ATOM   4    O O    . GLU A 1 11  ? -0.711  -0.361  -10.166 1.00 48.32 ? 19  GLU A O    1 
ATOM   5    C CB   . GLU A 1 11  ? 1.182   -2.794  -11.474 1.00 40.02 ? 19  GLU A CB   1 
ATOM   6    C CG   . GLU A 1 11  ? 1.939   -3.435  -12.625 1.00 46.14 ? 19  GLU A CG   1 
ATOM   7    C CD   . GLU A 1 11  ? 2.809   -4.591  -12.177 1.00 50.36 ? 19  GLU A CD   1 
ATOM   8    O OE1  . GLU A 1 11  ? 2.759   -4.945  -10.979 1.00 53.42 ? 19  GLU A OE1  1 
ATOM   9    O OE2  . GLU A 1 11  ? 3.541   -5.147  -13.023 1.00 59.28 ? 19  GLU A OE2  1 
ATOM   10   H HA   . GLU A 1 11  ? -0.358  -2.130  -12.646 1.00 37.76 ? 19  GLU A HA   1 
ATOM   11   H HB2  . GLU A 1 11  ? 1.831   -2.368  -10.893 1.00 37.85 ? 19  GLU A HB2  1 
ATOM   12   H HB3  . GLU A 1 11  ? 0.720   -3.498  -10.994 1.00 37.85 ? 19  GLU A HB3  1 
ATOM   13   H HG2  . GLU A 1 11  ? 1.302   -3.773  -13.273 1.00 45.20 ? 19  GLU A HG2  1 
ATOM   14   H HG3  . GLU A 1 11  ? 2.512   -2.770  -13.037 1.00 45.20 ? 19  GLU A HG3  1 
ATOM   15   N N    . CYS A 1 12  ? -1.704  -2.357  -10.492 1.00 39.24 ? 20  CYS A N    1 
ATOM   16   C CA   . CYS A 1 12  ? -2.781  -2.117  -9.544  1.00 31.51 ? 20  CYS A CA   1 
ATOM   17   C C    . CYS A 1 12  ? -3.164  -3.435  -8.890  1.00 30.26 ? 20  CYS A C    1 
ATOM   18   O O    . CYS A 1 12  ? -3.034  -4.504  -9.492  1.00 36.51 ? 20  CYS A O    1 
ATOM   19   C CB   . CYS A 1 12  ? -3.990  -1.484  -10.243 1.00 44.20 ? 20  CYS A CB   1 
ATOM   20   S SG   . CYS A 1 12  ? -5.387  -1.123  -9.168  1.00 52.28 ? 20  CYS A SG   1 
ATOM   21   H H    . CYS A 1 12  ? -1.715  -3.144  -10.840 1.00 36.57 ? 20  CYS A H    1 
ATOM   22   H HA   . CYS A 1 12  ? -2.484  -1.517  -8.842  1.00 27.29 ? 20  CYS A HA   1 
ATOM   23   H HB2  . CYS A 1 12  ? -3.708  -0.646  -10.644 1.00 42.53 ? 20  CYS A HB2  1 
ATOM   24   H HB3  . CYS A 1 12  ? -4.302  -2.093  -10.929 1.00 42.53 ? 20  CYS A HB3  1 
ATOM   25   H HG   . CYS A 1 12  ? -6.258  -0.614  -9.816  1.00 52.22 ? 20  CYS A HG   1 
ATOM   26   N N    . SER A 1 13  ? -3.641  -3.348  -7.648  1.00 30.10 ? 21  SER A N    1 
ATOM   27   C CA   . SER A 1 13  ? -4.002  -4.522  -6.860  1.00 31.24 ? 21  SER A CA   1 
ATOM   28   C C    . SER A 1 13  ? -5.365  -4.309  -6.223  1.00 35.44 ? 21  SER A C    1 
ATOM   29   O O    . SER A 1 13  ? -5.568  -3.332  -5.495  1.00 39.88 ? 21  SER A O    1 
ATOM   30   C CB   . SER A 1 13  ? -2.953  -4.799  -5.780  1.00 29.83 ? 21  SER A CB   1 
ATOM   31   O OG   . SER A 1 13  ? -3.229  -6.016  -5.108  1.00 36.79 ? 21  SER A OG   1 
ATOM   32   H H    . SER A 1 13  ? -3.764  -2.605  -7.234  1.00 28.53 ? 21  SER A H    1 
ATOM   33   H HA   . SER A 1 13  ? -4.062  -5.288  -7.450  1.00 29.89 ? 21  SER A HA   1 
ATOM   34   H HB2  . SER A 1 13  ? -2.079  -4.860  -6.197  1.00 28.20 ? 21  SER A HB2  1 
ATOM   35   H HB3  . SER A 1 13  ? -2.964  -4.075  -5.136  1.00 28.20 ? 21  SER A HB3  1 
ATOM   36   H HG   . SER A 1 13  ? -2.633  -6.170  -4.537  1.00 36.56 ? 21  SER A HG   1 
ATOM   37   N N    . LEU A 1 14  ? -6.288  -5.230  -6.487  1.00 37.06 ? 22  LEU A N    1 
ATOM   38   C CA   . LEU A 1 14  ? -7.624  -5.206  -5.906  1.00 38.83 ? 22  LEU A CA   1 
ATOM   39   C C    . LEU A 1 14  ? -7.690  -6.246  -4.794  1.00 34.73 ? 22  LEU A C    1 
ATOM   40   O O    . LEU A 1 14  ? -7.529  -7.444  -5.051  1.00 37.45 ? 22  LEU A O    1 
ATOM   41   C CB   . LEU A 1 14  ? -8.684  -5.485  -6.970  1.00 44.97 ? 22  LEU A CB   1 
ATOM   42   C CG   . LEU A 1 14  ? -10.139 -5.526  -6.492  1.00 46.09 ? 22  LEU A CG   1 
ATOM   43   C CD1  . LEU A 1 14  ? -10.561 -4.181  -5.924  1.00 43.16 ? 22  LEU A CD1  1 
ATOM   44   C CD2  . LEU A 1 14  ? -11.063 -5.943  -7.630  1.00 41.54 ? 22  LEU A CD2  1 
ATOM   45   H H    . LEU A 1 14  ? -6.159  -5.897  -7.015  1.00 32.16 ? 22  LEU A H    1 
ATOM   46   H HA   . LEU A 1 14  ? -7.801  -4.331  -5.525  1.00 34.29 ? 22  LEU A HA   1 
ATOM   47   H HB2  . LEU A 1 14  ? -8.625  -4.790  -7.643  1.00 41.66 ? 22  LEU A HB2  1 
ATOM   48   H HB3  . LEU A 1 14  ? -8.491  -6.349  -7.368  1.00 41.66 ? 22  LEU A HB3  1 
ATOM   49   H HG   . LEU A 1 14  ? -10.216 -6.184  -5.784  1.00 43.00 ? 22  LEU A HG   1 
ATOM   50   H HD11 . LEU A 1 14  ? -11.488 -4.234  -5.645  1.00 39.48 ? 22  LEU A HD11 1 
ATOM   51   H HD12 . LEU A 1 14  ? -9.997  -3.970  -5.164  1.00 39.48 ? 22  LEU A HD12 1 
ATOM   52   H HD13 . LEU A 1 14  ? -10.460 -3.503  -6.610  1.00 39.48 ? 22  LEU A HD13 1 
ATOM   53   H HD21 . LEU A 1 14  ? -11.976 -5.963  -7.304  1.00 37.55 ? 22  LEU A HD21 1 
ATOM   54   H HD22 . LEU A 1 14  ? -10.984 -5.301  -8.353  1.00 37.55 ? 22  LEU A HD22 1 
ATOM   55   H HD23 . LEU A 1 14  ? -10.803 -6.824  -7.941  1.00 37.55 ? 22  LEU A HD23 1 
ATOM   56   N N    . GLN A 1 15  ? -7.925  -5.789  -3.569  1.00 37.36 ? 23  GLN A N    1 
ATOM   57   C CA   . GLN A 1 15  ? -7.962  -6.650  -2.396  1.00 37.36 ? 23  GLN A CA   1 
ATOM   58   C C    . GLN A 1 15  ? -9.316  -6.526  -1.715  1.00 37.36 ? 23  GLN A C    1 
ATOM   59   O O    . GLN A 1 15  ? -9.890  -5.435  -1.647  1.00 37.36 ? 23  GLN A O    1 
ATOM   60   C CB   . GLN A 1 15  ? -6.847  -6.288  -1.411  1.00 37.36 ? 23  GLN A CB   1 
ATOM   61   C CG   . GLN A 1 15  ? -5.474  -6.141  -2.048  1.00 37.36 ? 23  GLN A CG   1 
ATOM   62   C CD   . GLN A 1 15  ? -4.354  -6.616  -1.143  1.00 37.36 ? 23  GLN A CD   1 
ATOM   63   O OE1  . GLN A 1 15  ? -4.570  -6.919  0.031   1.00 37.36 ? 23  GLN A OE1  1 
ATOM   64   N NE2  . GLN A 1 15  ? -3.144  -6.678  -1.687  1.00 37.36 ? 23  GLN A NE2  1 
ATOM   65   H H    . GLN A 1 15  ? -8.070  -4.961  -3.388  1.00 30.00 ? 23  GLN A H    1 
ATOM   66   H HA   . GLN A 1 15  ? -7.842  -7.574  -2.667  1.00 30.00 ? 23  GLN A HA   1 
ATOM   67   H HB2  . GLN A 1 15  ? -7.068  -5.441  -0.992  1.00 30.00 ? 23  GLN A HB2  1 
ATOM   68   H HB3  . GLN A 1 15  ? -6.788  -6.985  -0.740  1.00 30.00 ? 23  GLN A HB3  1 
ATOM   69   H HG2  . GLN A 1 15  ? -5.446  -6.668  -2.862  1.00 30.00 ? 23  GLN A HG2  1 
ATOM   70   H HG3  . GLN A 1 15  ? -5.319  -5.206  -2.252  1.00 30.00 ? 23  GLN A HG3  1 
ATOM   71   H HE21 . GLN A 1 15  ? -3.030  -6.455  -2.510  1.00 30.00 ? 23  GLN A HE21 1 
ATOM   72   H HE22 . GLN A 1 15  ? -2.474  -6.941  -1.216  1.00 30.00 ? 23  GLN A HE22 1 
ATOM   73   N N    . SER A 1 16  ? -9.819  -7.646  -1.206  1.00 44.82 ? 24  SER A N    1 
ATOM   74   C CA   . SER A 1 16  ? -11.126 -7.707  -0.567  1.00 45.56 ? 24  SER A CA   1 
ATOM   75   C C    . SER A 1 16  ? -10.951 -7.896  0.932   1.00 39.51 ? 24  SER A C    1 
ATOM   76   O O    . SER A 1 16  ? -10.159 -8.739  1.368   1.00 34.28 ? 24  SER A O    1 
ATOM   77   C CB   . SER A 1 16  ? -11.964 -8.847  -1.153  1.00 46.28 ? 24  SER A CB   1 
ATOM   78   O OG   . SER A 1 16  ? -12.063 -8.732  -2.561  1.00 50.76 ? 24  SER A OG   1 
ATOM   79   H H    . SER A 1 16  ? -9.408  -8.402  -1.218  1.00 42.40 ? 24  SER A H    1 
ATOM   80   H HA   . SER A 1 16  ? -11.600 -6.874  -0.715  1.00 43.29 ? 24  SER A HA   1 
ATOM   81   H HB2  . SER A 1 16  ? -11.542 -9.692  -0.934  1.00 44.15 ? 24  SER A HB2  1 
ATOM   82   H HB3  . SER A 1 16  ? -12.855 -8.812  -0.770  1.00 44.15 ? 24  SER A HB3  1 
ATOM   83   H HG   . SER A 1 16  ? -12.414 -7.996  -2.766  1.00 49.53 ? 24  SER A HG   1 
ATOM   84   N N    . CYS A 1 17  ? -11.687 -7.110  1.714   1.00 33.28 ? 25  CYS A N    1 
ATOM   85   C CA   . CYS A 1 17  ? -11.646 -7.202  3.164   1.00 40.56 ? 25  CYS A CA   1 
ATOM   86   C C    . CYS A 1 17  ? -12.965 -6.694  3.726   1.00 44.01 ? 25  CYS A C    1 
ATOM   87   O O    . CYS A 1 17  ? -13.795 -6.132  3.008   1.00 37.50 ? 25  CYS A O    1 
ATOM   88   C CB   . CYS A 1 17  ? -10.466 -6.413  3.747   1.00 39.25 ? 25  CYS A CB   1 
ATOM   89   S SG   . CYS A 1 17  ? -10.282 -4.723  3.133   1.00 32.27 ? 25  CYS A SG   1 
ATOM   90   H H    . CYS A 1 17  ? -12.226 -6.506  1.421   1.00 31.65 ? 25  CYS A H    1 
ATOM   91   H HA   . CYS A 1 17  ? -11.544 -8.132  3.419   1.00 40.39 ? 25  CYS A HA   1 
ATOM   92   H HB2  . CYS A 1 17  ? -10.579 -6.361  4.709   1.00 38.82 ? 25  CYS A HB2  1 
ATOM   93   H HB3  . CYS A 1 17  ? -9.647  -6.888  3.534   1.00 38.82 ? 25  CYS A HB3  1 
ATOM   94   N N    . THR A 1 18  ? -13.152 -6.902  5.027   1.00 40.18 ? 26  THR A N    1 
ATOM   95   C CA   . THR A 1 18  ? -14.362 -6.474  5.715   1.00 40.03 ? 26  THR A CA   1 
ATOM   96   C C    . THR A 1 18  ? -14.148 -5.077  6.283   1.00 45.00 ? 26  THR A C    1 
ATOM   97   O O    . THR A 1 18  ? -13.234 -4.862  7.088   1.00 47.71 ? 26  THR A O    1 
ATOM   98   C CB   . THR A 1 18  ? -14.731 -7.457  6.826   1.00 44.92 ? 26  THR A CB   1 
ATOM   99   O OG1  . THR A 1 18  ? -15.112 -8.711  6.246   1.00 44.71 ? 26  THR A OG1  1 
ATOM   100  C CG2  . THR A 1 18  ? -15.881 -6.911  7.659   1.00 44.25 ? 26  THR A CG2  1 
ATOM   101  H H    . THR A 1 18  ? -12.582 -7.294  5.538   1.00 36.46 ? 26  THR A H    1 
ATOM   102  H HA   . THR A 1 18  ? -15.097 -6.443  5.084   1.00 36.28 ? 26  THR A HA   1 
ATOM   103  H HB   . THR A 1 18  ? -13.968 -7.590  7.409   1.00 42.15 ? 26  THR A HB   1 
ATOM   104  H HG1  . THR A 1 18  ? -15.325 -9.253  6.851   1.00 41.90 ? 26  THR A HG1  1 
ATOM   105  H HG21 . THR A 1 18  ? -16.288 -7.627  8.171   1.00 41.35 ? 26  THR A HG21 1 
ATOM   106  H HG22 . THR A 1 18  ? -15.554 -6.233  8.272   1.00 41.35 ? 26  THR A HG22 1 
ATOM   107  H HG23 . THR A 1 18  ? -16.552 -6.515  7.081   1.00 41.35 ? 26  THR A HG23 1 
ATOM   108  N N    . GLN A 1 19  ? -15.001 -4.141  5.879   1.00 44.24 ? 27  GLN A N    1 
ATOM   109  C CA   . GLN A 1 19  ? -14.794 -2.738  6.209   1.00 41.14 ? 27  GLN A CA   1 
ATOM   110  C C    . GLN A 1 19  ? -14.692 -2.527  7.713   1.00 42.68 ? 27  GLN A C    1 
ATOM   111  O O    . GLN A 1 19  ? -15.376 -3.183  8.502   1.00 46.07 ? 27  GLN A O    1 
ATOM   112  C CB   . GLN A 1 19  ? -15.938 -1.898  5.641   1.00 46.85 ? 27  GLN A CB   1 
ATOM   113  C CG   . GLN A 1 19  ? -15.830 -0.416  5.935   1.00 50.59 ? 27  GLN A CG   1 
ATOM   114  C CD   . GLN A 1 19  ? -16.465 0.430   4.852   1.00 56.10 ? 27  GLN A CD   1 
ATOM   115  O OE1  . GLN A 1 19  ? -15.778 1.151   4.129   1.00 56.18 ? 27  GLN A OE1  1 
ATOM   116  N NE2  . GLN A 1 19  ? -17.785 0.347   4.732   1.00 57.96 ? 27  GLN A NE2  1 
ATOM   117  H H    . GLN A 1 19  ? -15.708 -4.292  5.412   1.00 42.06 ? 27  GLN A H    1 
ATOM   118  H HA   . GLN A 1 19  ? -13.959 -2.443  5.812   1.00 38.35 ? 27  GLN A HA   1 
ATOM   119  H HB2  . GLN A 1 19  ? -15.952 -2.006  4.677   1.00 45.20 ? 27  GLN A HB2  1 
ATOM   120  H HB3  . GLN A 1 19  ? -16.771 -2.213  6.022   1.00 45.20 ? 27  GLN A HB3  1 
ATOM   121  H HG2  . GLN A 1 19  ? -16.281 -0.225  6.771   1.00 49.69 ? 27  GLN A HG2  1 
ATOM   122  H HG3  . GLN A 1 19  ? -14.894 -0.172  5.998   1.00 49.69 ? 27  GLN A HG3  1 
ATOM   123  H HE21 . GLN A 1 19  ? -18.232 -0.170  5.254   1.00 58.53 ? 27  GLN A HE21 1 
ATOM   124  H HE22 . GLN A 1 19  ? -18.192 0.808   4.131   1.00 58.53 ? 27  GLN A HE22 1 
ATOM   125  N N    . HIS A 1 20  ? -13.822 -1.595  8.102   1.00 48.24 ? 28  HIS A N    1 
ATOM   126  C CA   . HIS A 1 20  ? -13.645 -1.194  9.497   1.00 44.98 ? 28  HIS A CA   1 
ATOM   127  C C    . HIS A 1 20  ? -13.209 -2.361  10.380  1.00 50.77 ? 28  HIS A C    1 
ATOM   128  O O    . HIS A 1 20  ? -13.536 -2.406  11.568  1.00 55.42 ? 28  HIS A O    1 
ATOM   129  C CB   . HIS A 1 20  ? -14.921 -0.559  10.058  1.00 47.63 ? 28  HIS A CB   1 
ATOM   130  C CG   . HIS A 1 20  ? -15.347 0.680   9.337   1.00 51.77 ? 28  HIS A CG   1 
ATOM   131  N ND1  . HIS A 1 20  ? -14.448 1.593   8.828   1.00 54.66 ? 28  HIS A ND1  1 
ATOM   132  C CD2  . HIS A 1 20  ? -16.578 1.164   9.045   1.00 51.15 ? 28  HIS A CD2  1 
ATOM   133  C CE1  . HIS A 1 20  ? -15.105 2.581   8.248   1.00 55.04 ? 28  HIS A CE1  1 
ATOM   134  N NE2  . HIS A 1 20  ? -16.399 2.344   8.365   1.00 54.93 ? 28  HIS A NE2  1 
ATOM   135  H H    . HIS A 1 20  ? -13.310 -1.166  7.561   1.00 45.88 ? 28  HIS A H    1 
ATOM   136  H HA   . HIS A 1 20  ? -12.935 -0.534  9.526   1.00 41.97 ? 28  HIS A HA   1 
ATOM   137  H HB2  . HIS A 1 20  ? -15.643 -1.202  9.993   1.00 45.15 ? 28  HIS A HB2  1 
ATOM   138  H HB3  . HIS A 1 20  ? -14.768 -0.322  10.987  1.00 45.15 ? 28  HIS A HB3  1 
ATOM   139  H HD2  . HIS A 1 20  ? -17.391 0.771   9.264   1.00 49.37 ? 28  HIS A HD2  1 
ATOM   140  H HE1  . HIS A 1 20  ? -14.722 3.318   7.830   1.00 54.04 ? 28  HIS A HE1  1 
ATOM   141  H HE2  . HIS A 1 20  ? -17.028 2.848   8.063   1.00 53.91 ? 28  HIS A HE2  1 
ATOM   142  N N    . GLN A 1 21  ? -12.458 -3.303  9.822   1.00 46.25 ? 29  GLN A N    1 
ATOM   143  C CA   . GLN A 1 21  ? -11.944 -4.436  10.577  1.00 46.73 ? 29  GLN A CA   1 
ATOM   144  C C    . GLN A 1 21  ? -10.483 -4.655  10.209  1.00 41.09 ? 29  GLN A C    1 
ATOM   145  O O    . GLN A 1 21  ? -10.090 -4.406  9.064   1.00 42.34 ? 29  GLN A O    1 
ATOM   146  C CB   . GLN A 1 21  ? -12.748 -5.715  10.298  1.00 51.35 ? 29  GLN A CB   1 
ATOM   147  C CG   . GLN A 1 21  ? -14.100 -5.767  10.997  1.00 50.74 ? 29  GLN A CG   1 
ATOM   148  C CD   . GLN A 1 21  ? -13.986 -5.665  12.508  1.00 59.68 ? 29  GLN A CD   1 
ATOM   149  O OE1  . GLN A 1 21  ? -13.015 -6.133  13.103  1.00 59.07 ? 29  GLN A OE1  1 
ATOM   150  N NE2  . GLN A 1 21  ? -14.984 -5.054  13.137  1.00 56.90 ? 29  GLN A NE2  1 
ATOM   151  H H    . GLN A 1 21  ? -12.230 -3.307  8.993   1.00 46.41 ? 29  GLN A H    1 
ATOM   152  H HA   . GLN A 1 21  ? -11.995 -4.247  11.527  1.00 46.98 ? 29  GLN A HA   1 
ATOM   153  H HB2  . GLN A 1 21  ? -12.907 -5.780  9.344   1.00 52.53 ? 29  GLN A HB2  1 
ATOM   154  H HB3  . GLN A 1 21  ? -12.231 -6.478  10.602  1.00 52.53 ? 29  GLN A HB3  1 
ATOM   155  H HG2  . GLN A 1 21  ? -14.645 -5.027  10.687  1.00 51.80 ? 29  GLN A HG2  1 
ATOM   156  H HG3  . GLN A 1 21  ? -14.533 -6.609  10.785  1.00 51.80 ? 29  GLN A HG3  1 
ATOM   157  H HE21 . GLN A 1 21  ? -15.647 -4.742  12.687  1.00 59.19 ? 29  GLN A HE21 1 
ATOM   158  H HE22 . GLN A 1 21  ? -14.966 -4.971  13.992  1.00 59.19 ? 29  GLN A HE22 1 
ATOM   159  N N    . PRO A 1 22  ? -9.663  -5.107  11.155  1.00 38.79 ? 30  PRO A N    1 
ATOM   160  C CA   . PRO A 1 22  ? -8.250  -5.352  10.843  1.00 31.42 ? 30  PRO A CA   1 
ATOM   161  C C    . PRO A 1 22  ? -8.098  -6.221  9.603   1.00 33.37 ? 30  PRO A C    1 
ATOM   162  O O    . PRO A 1 22  ? -8.881  -7.143  9.366   1.00 33.19 ? 30  PRO A O    1 
ATOM   163  C CB   . PRO A 1 22  ? -7.725  -6.061  12.096  1.00 40.36 ? 30  PRO A CB   1 
ATOM   164  C CG   . PRO A 1 22  ? -8.637  -5.629  13.203  1.00 38.26 ? 30  PRO A CG   1 
ATOM   165  C CD   . PRO A 1 22  ? -9.974  -5.331  12.579  1.00 42.39 ? 30  PRO A CD   1 
ATOM   166  H HA   . PRO A 1 22  ? -7.777  -4.514  10.718  1.00 27.94 ? 30  PRO A HA   1 
ATOM   167  H HB2  . PRO A 1 22  ? -7.763  -7.022  11.971  1.00 38.66 ? 30  PRO A HB2  1 
ATOM   168  H HB3  . PRO A 1 22  ? -6.812  -5.785  12.273  1.00 38.66 ? 30  PRO A HB3  1 
ATOM   169  H HG2  . PRO A 1 22  ? -8.716  -6.345  13.852  1.00 36.14 ? 30  PRO A HG2  1 
ATOM   170  H HG3  . PRO A 1 22  ? -8.276  -4.835  13.627  1.00 36.14 ? 30  PRO A HG3  1 
ATOM   171  H HD2  . PRO A 1 22  ? -10.577 -6.084  12.684  1.00 41.09 ? 30  PRO A HD2  1 
ATOM   172  H HD3  . PRO A 1 22  ? -10.366 -4.536  12.974  1.00 41.09 ? 30  PRO A HD3  1 
ATOM   173  N N    . TYR A 1 23  ? -7.080  -5.914  8.802   1.00 35.93 ? 31  TYR A N    1 
ATOM   174  C CA   . TYR A 1 23  ? -6.821  -6.664  7.579   1.00 31.27 ? 31  TYR A CA   1 
ATOM   175  C C    . TYR A 1 23  ? -5.330  -6.647  7.294   1.00 32.70 ? 31  TYR A C    1 
ATOM   176  O O    . TYR A 1 23  ? -4.732  -5.572  7.181   1.00 35.37 ? 31  TYR A O    1 
ATOM   177  C CB   . TYR A 1 23  ? -7.592  -6.073  6.401   1.00 32.96 ? 31  TYR A CB   1 
ATOM   178  C CG   . TYR A 1 23  ? -7.233  -6.694  5.073   1.00 34.76 ? 31  TYR A CG   1 
ATOM   179  C CD1  . TYR A 1 23  ? -7.343  -8.063  4.875   1.00 25.84 ? 31  TYR A CD1  1 
ATOM   180  C CD2  . TYR A 1 23  ? -6.776  -5.915  4.019   1.00 38.61 ? 31  TYR A CD2  1 
ATOM   181  C CE1  . TYR A 1 23  ? -7.017  -8.638  3.663   1.00 26.83 ? 31  TYR A CE1  1 
ATOM   182  C CE2  . TYR A 1 23  ? -6.443  -6.481  2.801   1.00 32.28 ? 31  TYR A CE2  1 
ATOM   183  C CZ   . TYR A 1 23  ? -6.566  -7.843  2.631   1.00 33.86 ? 31  TYR A CZ   1 
ATOM   184  O OH   . TYR A 1 23  ? -6.237  -8.414  1.426   1.00 38.35 ? 31  TYR A OH   1 
ATOM   185  H H    . TYR A 1 23  ? -6.524  -5.274  8.948   1.00 34.27 ? 31  TYR A H    1 
ATOM   186  H HA   . TYR A 1 23  ? -7.099  -7.584  7.707   1.00 28.67 ? 31  TYR A HA   1 
ATOM   187  H HB2  . TYR A 1 23  ? -8.542  -6.212  6.546   1.00 30.70 ? 31  TYR A HB2  1 
ATOM   188  H HB3  . TYR A 1 23  ? -7.401  -5.124  6.346   1.00 30.70 ? 31  TYR A HB3  1 
ATOM   189  H HD1  . TYR A 1 23  ? -7.642  -8.603  5.570   1.00 22.15 ? 31  TYR A HD1  1 
ATOM   190  H HD2  . TYR A 1 23  ? -6.690  -4.995  4.133   1.00 37.49 ? 31  TYR A HD2  1 
ATOM   191  H HE1  . TYR A 1 23  ? -7.100  -9.556  3.544   1.00 23.35 ? 31  TYR A HE1  1 
ATOM   192  H HE2  . TYR A 1 23  ? -6.140  -5.947  2.103   1.00 29.88 ? 31  TYR A HE2  1 
ATOM   193  H HH   . TYR A 1 23  ? -5.881  -7.842  0.924   1.00 37.17 ? 31  TYR A HH   1 
ATOM   194  N N    . VAL A 1 24  ? -4.738  -7.832  7.174   1.00 34.85 ? 32  VAL A N    1 
ATOM   195  C CA   . VAL A 1 24  ? -3.336  -7.962  6.791   1.00 39.54 ? 32  VAL A CA   1 
ATOM   196  C C    . VAL A 1 24  ? -3.259  -7.807  5.277   1.00 40.51 ? 32  VAL A C    1 
ATOM   197  O O    . VAL A 1 24  ? -3.780  -8.640  4.531   1.00 32.89 ? 32  VAL A O    1 
ATOM   198  C CB   . VAL A 1 24  ? -2.746  -9.301  7.242   1.00 36.75 ? 32  VAL A CB   1 
ATOM   199  C CG1  . VAL A 1 24  ? -1.268  -9.373  6.882   1.00 35.70 ? 32  VAL A CG1  1 
ATOM   200  C CG2  . VAL A 1 24  ? -2.945  -9.490  8.739   1.00 36.77 ? 32  VAL A CG2  1 
ATOM   201  H H    . VAL A 1 24  ? -5.132  -8.584  7.311   1.00 31.59 ? 32  VAL A H    1 
ATOM   202  H HA   . VAL A 1 24  ? -2.821  -7.252  7.206   1.00 37.22 ? 32  VAL A HA   1 
ATOM   203  H HB   . VAL A 1 24  ? -3.206  -10.023 6.785   1.00 33.87 ? 32  VAL A HB   1 
ATOM   204  H HG11 . VAL A 1 24  ? -0.874  -10.148 7.313   1.00 32.61 ? 32  VAL A HG11 1 
ATOM   205  H HG12 . VAL A 1 24  ? -1.180  -9.450  5.920   1.00 32.61 ? 32  VAL A HG12 1 
ATOM   206  H HG13 . VAL A 1 24  ? -0.828  -8.565  7.191   1.00 32.61 ? 32  VAL A HG13 1 
ATOM   207  H HG21 . VAL A 1 24  ? -3.257  -10.394 8.904   1.00 33.90 ? 32  VAL A HG21 1 
ATOM   208  H HG22 . VAL A 1 24  ? -2.098  -9.346  9.190   1.00 33.90 ? 32  VAL A HG22 1 
ATOM   209  H HG23 . VAL A 1 24  ? -3.601  -8.850  9.053   1.00 33.90 ? 32  VAL A HG23 1 
ATOM   210  N N    . VAL A 1 25  ? -2.609  -6.738  4.818   1.00 39.16 ? 33  VAL A N    1 
ATOM   211  C CA   . VAL A 1 25  ? -2.568  -6.445  3.392   1.00 29.94 ? 33  VAL A CA   1 
ATOM   212  C C    . VAL A 1 25  ? -1.652  -7.435  2.688   1.00 32.57 ? 33  VAL A C    1 
ATOM   213  O O    . VAL A 1 25  ? -0.511  -7.662  3.112   1.00 34.90 ? 33  VAL A O    1 
ATOM   214  C CB   . VAL A 1 25  ? -2.104  -5.000  3.151   1.00 39.34 ? 33  VAL A CB   1 
ATOM   215  C CG1  . VAL A 1 25  ? -2.303  -4.617  1.692   1.00 32.40 ? 33  VAL A CG1  1 
ATOM   216  C CG2  . VAL A 1 25  ? -2.846  -4.042  4.067   1.00 32.66 ? 33  VAL A CG2  1 
ATOM   217  H H    . VAL A 1 25  ? -2.188  -6.173  5.311   1.00 38.67 ? 33  VAL A H    1 
ATOM   218  H HA   . VAL A 1 25  ? -3.463  -6.545  3.029   1.00 27.61 ? 33  VAL A HA   1 
ATOM   219  H HB   . VAL A 1 25  ? -1.158  -4.935  3.354   1.00 38.89 ? 33  VAL A HB   1 
ATOM   220  H HG11 . VAL A 1 25  ? -2.078  -3.680  1.579   1.00 30.56 ? 33  VAL A HG11 1 
ATOM   221  H HG12 . VAL A 1 25  ? -1.725  -5.166  1.140   1.00 30.56 ? 33  VAL A HG12 1 
ATOM   222  H HG13 . VAL A 1 25  ? -3.230  -4.766  1.451   1.00 30.56 ? 33  VAL A HG13 1 
ATOM   223  H HG21 . VAL A 1 25  ? -2.702  -3.134  3.758   1.00 30.87 ? 33  VAL A HG21 1 
ATOM   224  H HG22 . VAL A 1 25  ? -3.793  -4.253  4.044   1.00 30.87 ? 33  VAL A HG22 1 
ATOM   225  H HG23 . VAL A 1 25  ? -2.506  -4.143  4.971   1.00 30.87 ? 33  VAL A HG23 1 
ATOM   226  N N    . ASP A 1 26  ? -2.145  -8.023  1.600   1.00 33.18 ? 34  ASP A N    1 
ATOM   227  C CA   . ASP A 1 26  ? -1.338  -8.944  0.811   1.00 32.74 ? 34  ASP A CA   1 
ATOM   228  C C    . ASP A 1 26  ? -0.311  -8.167  -0.005  1.00 46.44 ? 34  ASP A C    1 
ATOM   229  O O    . ASP A 1 26  ? -0.661  -7.250  -0.753  1.00 37.74 ? 34  ASP A O    1 
ATOM   230  C CB   . ASP A 1 26  ? -2.228  -9.773  -0.112  1.00 34.65 ? 34  ASP A CB   1 
ATOM   231  C CG   . ASP A 1 26  ? -1.490  -10.939 -0.743  1.00 41.25 ? 34  ASP A CG   1 
ATOM   232  O OD1  . ASP A 1 26  ? -0.342  -11.210 -0.335  1.00 47.83 ? 34  ASP A OD1  1 
ATOM   233  O OD2  . ASP A 1 26  ? -2.058  -11.584 -1.647  1.00 44.11 ? 34  ASP A OD2  1 
ATOM   234  H H    . ASP A 1 26  ? -2.942  -7.904  1.299   1.00 30.81 ? 34  ASP A H    1 
ATOM   235  H HA   . ASP A 1 26  ? -0.866  -9.551  1.403   1.00 30.28 ? 34  ASP A HA   1 
ATOM   236  H HB2  . ASP A 1 26  ? -2.970  -10.130 0.403   1.00 32.58 ? 34  ASP A HB2  1 
ATOM   237  H HB3  . ASP A 1 26  ? -2.561  -9.207  -0.824  1.00 32.58 ? 34  ASP A HB3  1 
ATOM   238  N N    . ASP A 1 27  ? 0.960   -8.534  0.143   1.00 37.47 ? 35  ASP A N    1 
ATOM   239  C CA   . ASP A 1 27  ? 2.044   -7.857  -0.558  1.00 46.71 ? 35  ASP A CA   1 
ATOM   240  C C    . ASP A 1 27  ? 1.872   -8.020  -2.063  1.00 43.85 ? 35  ASP A C    1 
ATOM   241  O O    . ASP A 1 27  ? 2.065   -9.121  -2.595  1.00 41.16 ? 35  ASP A O    1 
ATOM   242  C CB   . ASP A 1 27  ? 3.400   -8.413  -0.113  1.00 47.38 ? 35  ASP A CB   1 
ATOM   243  C CG   . ASP A 1 27  ? 4.557   -7.521  -0.521  1.00 45.78 ? 35  ASP A CG   1 
ATOM   244  O OD1  . ASP A 1 27  ? 4.446   -6.840  -1.561  1.00 45.98 ? 35  ASP A OD1  1 
ATOM   245  O OD2  . ASP A 1 27  ? 5.578   -7.502  0.199   1.00 43.95 ? 35  ASP A OD2  1 
ATOM   246  H H    . ASP A 1 27  ? 1.221   -9.178  0.650   1.00 33.44 ? 35  ASP A H    1 
ATOM   247  H HA   . ASP A 1 27  ? 2.019   -6.911  -0.350  1.00 44.52 ? 35  ASP A HA   1 
ATOM   248  H HB2  . ASP A 1 27  ? 3.407   -8.491  0.854   1.00 45.34 ? 35  ASP A HB2  1 
ATOM   249  H HB3  . ASP A 1 27  ? 3.534   -9.283  -0.518  1.00 45.34 ? 35  ASP A HB3  1 
ATOM   250  N N    . PRO A 1 28  ? 1.516   -6.954  -2.788  1.00 38.71 ? 36  PRO A N    1 
ATOM   251  C CA   . PRO A 1 28  ? 1.339   -7.094  -4.242  1.00 36.43 ? 36  PRO A CA   1 
ATOM   252  C C    . PRO A 1 28  ? 2.643   -7.269  -4.997  1.00 40.11 ? 36  PRO A C    1 
ATOM   253  O O    . PRO A 1 28  ? 2.622   -7.794  -6.117  1.00 51.61 ? 36  PRO A O    1 
ATOM   254  C CB   . PRO A 1 28  ? 0.632   -5.792  -4.638  1.00 32.38 ? 36  PRO A CB   1 
ATOM   255  C CG   . PRO A 1 28  ? 1.096   -4.792  -3.618  1.00 38.31 ? 36  PRO A CG   1 
ATOM   256  C CD   . PRO A 1 28  ? 1.311   -5.563  -2.334  1.00 35.24 ? 36  PRO A CD   1 
ATOM   257  H HA   . PRO A 1 28  ? 0.754   -7.845  -4.437  1.00 37.42 ? 36  PRO A HA   1 
ATOM   258  H HB2  . PRO A 1 28  ? 0.899   -5.528  -5.532  1.00 32.56 ? 36  PRO A HB2  1 
ATOM   259  H HB3  . PRO A 1 28  ? -0.330  -5.909  -4.600  1.00 32.56 ? 36  PRO A HB3  1 
ATOM   260  H HG2  . PRO A 1 28  ? 1.924   -4.384  -3.915  1.00 39.66 ? 36  PRO A HG2  1 
ATOM   261  H HG3  . PRO A 1 28  ? 0.416   -4.111  -3.498  1.00 39.66 ? 36  PRO A HG3  1 
ATOM   262  H HD2  . PRO A 1 28  ? 2.095   -5.236  -1.864  1.00 35.98 ? 36  PRO A HD2  1 
ATOM   263  H HD3  . PRO A 1 28  ? 0.531   -5.501  -1.761  1.00 35.98 ? 36  PRO A HD3  1 
ATOM   264  N N    . CYS A 1 29  ? 3.771   -6.852  -4.424  1.00 47.30 ? 37  CYS A N    1 
ATOM   265  C CA   . CYS A 1 29  ? 5.048   -6.982  -5.104  1.00 46.46 ? 37  CYS A CA   1 
ATOM   266  C C    . CYS A 1 29  ? 5.325   -8.448  -5.429  1.00 44.65 ? 37  CYS A C    1 
ATOM   267  O O    . CYS A 1 29  ? 4.796   -9.350  -4.776  1.00 37.91 ? 37  CYS A O    1 
ATOM   268  C CB   . CYS A 1 29  ? 6.172   -6.425  -4.234  1.00 36.25 ? 37  CYS A CB   1 
ATOM   269  S SG   . CYS A 1 29  ? 5.918   -4.728  -3.674  1.00 38.22 ? 37  CYS A SG   1 
ATOM   270  H H    . CYS A 1 29  ? 3.821   -6.491  -3.645  1.00 49.10 ? 37  CYS A H    1 
ATOM   271  H HA   . CYS A 1 29  ? 5.025   -6.480  -5.933  1.00 48.09 ? 37  CYS A HA   1 
ATOM   272  H HB2  . CYS A 1 29  ? 6.258   -6.983  -3.445  1.00 35.84 ? 37  CYS A HB2  1 
ATOM   273  H HB3  . CYS A 1 29  ? 6.997   -6.444  -4.745  1.00 35.84 ? 37  CYS A HB3  1 
ATOM   274  N N    . PRO A 1 30  ? 6.146   -8.709  -6.445  1.00 50.14 ? 38  PRO A N    1 
ATOM   275  C CA   . PRO A 1 30  ? 6.577   -10.090 -6.694  1.00 51.32 ? 38  PRO A CA   1 
ATOM   276  C C    . PRO A 1 30  ? 7.301   -10.648 -5.478  1.00 46.91 ? 38  PRO A C    1 
ATOM   277  O O    . PRO A 1 30  ? 7.793   -9.911  -4.621  1.00 46.01 ? 38  PRO A O    1 
ATOM   278  C CB   . PRO A 1 30  ? 7.514   -9.973  -7.904  1.00 47.45 ? 38  PRO A CB   1 
ATOM   279  C CG   . PRO A 1 30  ? 7.225   -8.630  -8.518  1.00 45.33 ? 38  PRO A CG   1 
ATOM   280  C CD   . PRO A 1 30  ? 6.721   -7.753  -7.409  1.00 42.75 ? 38  PRO A CD   1 
ATOM   281  H HA   . PRO A 1 30  ? 5.826   -10.657 -6.930  1.00 56.11 ? 38  PRO A HA   1 
ATOM   282  H HB2  . PRO A 1 30  ? 8.437   -10.025 -7.610  1.00 51.46 ? 38  PRO A HB2  1 
ATOM   283  H HB3  . PRO A 1 30  ? 7.326   -10.686 -8.534  1.00 51.46 ? 38  PRO A HB3  1 
ATOM   284  H HG2  . PRO A 1 30  ? 8.039   -8.265  -8.898  1.00 48.92 ? 38  PRO A HG2  1 
ATOM   285  H HG3  . PRO A 1 30  ? 6.551   -8.726  -9.209  1.00 48.92 ? 38  PRO A HG3  1 
ATOM   286  H HD2  . PRO A 1 30  ? 7.449   -7.255  -7.006  1.00 45.83 ? 38  PRO A HD2  1 
ATOM   287  H HD3  . PRO A 1 30  ? 6.041   -7.143  -7.734  1.00 45.83 ? 38  PRO A HD3  1 
ATOM   288  N N    . ILE A 1 31  ? 7.348   -11.979 -5.403  1.00 48.98 ? 39  ILE A N    1 
ATOM   289  C CA   . ILE A 1 31  ? 8.013   -12.627 -4.282  1.00 52.01 ? 39  ILE A CA   1 
ATOM   290  C C    . ILE A 1 31  ? 9.437   -12.101 -4.171  1.00 48.70 ? 39  ILE A C    1 
ATOM   291  O O    . ILE A 1 31  ? 10.106  -11.845 -5.177  1.00 46.07 ? 39  ILE A O    1 
ATOM   292  C CB   . ILE A 1 31  ? 7.981   -14.157 -4.454  1.00 52.80 ? 39  ILE A CB   1 
ATOM   293  C CG1  . ILE A 1 31  ? 8.765   -14.843 -3.334  1.00 63.29 ? 39  ILE A CG1  1 
ATOM   294  C CG2  . ILE A 1 31  ? 8.535   -14.547 -5.816  1.00 54.25 ? 39  ILE A CG2  1 
ATOM   295  C CD1  . ILE A 1 31  ? 8.431   -16.316 -3.176  1.00 67.49 ? 39  ILE A CD1  1 
ATOM   296  H H    . ILE A 1 31  ? 7.006   -12.517 -5.980  1.00 50.59 ? 39  ILE A H    1 
ATOM   297  H HA   . ILE A 1 31  ? 7.543   -12.410 -3.462  1.00 54.23 ? 39  ILE A HA   1 
ATOM   298  H HB   . ILE A 1 31  ? 7.058   -14.450 -4.400  1.00 55.17 ? 39  ILE A HB   1 
ATOM   299  H HG12 . ILE A 1 31  ? 9.713   -14.772 -3.527  1.00 67.76 ? 39  ILE A HG12 1 
ATOM   300  H HG13 . ILE A 1 31  ? 8.563   -14.400 -2.494  1.00 67.76 ? 39  ILE A HG13 1 
ATOM   301  H HG21 . ILE A 1 31  ? 8.541   -15.515 -5.888  1.00 56.91 ? 39  ILE A HG21 1 
ATOM   302  H HG22 . ILE A 1 31  ? 7.971   -14.168 -6.507  1.00 56.91 ? 39  ILE A HG22 1 
ATOM   303  H HG23 . ILE A 1 31  ? 9.438   -14.203 -5.900  1.00 56.91 ? 39  ILE A HG23 1 
ATOM   304  H HD11 . ILE A 1 31  ? 8.977   -16.689 -2.466  1.00 72.80 ? 39  ILE A HD11 1 
ATOM   305  H HD12 . ILE A 1 31  ? 7.492   -16.403 -2.952  1.00 72.80 ? 39  ILE A HD12 1 
ATOM   306  H HD13 . ILE A 1 31  ? 8.616   -16.773 -4.011  1.00 72.80 ? 39  ILE A HD13 1 
ATOM   307  N N    . HIS A 1 32  ? 9.884   -11.904 -2.928  1.00 52.32 ? 40  HIS A N    1 
ATOM   308  C CA   . HIS A 1 32  ? 11.240  -11.470 -2.599  1.00 46.07 ? 40  HIS A CA   1 
ATOM   309  C C    . HIS A 1 32  ? 11.446  -9.969  -2.761  1.00 48.51 ? 40  HIS A C    1 
ATOM   310  O O    . HIS A 1 32  ? 12.359  -9.400  -2.152  1.00 39.93 ? 40  HIS A O    1 
ATOM   311  C CB   . HIS A 1 32  ? 12.281  -12.196 -3.456  1.00 45.85 ? 40  HIS A CB   1 
ATOM   312  C CG   . HIS A 1 32  ? 12.187  -13.685 -3.398  1.00 56.01 ? 40  HIS A CG   1 
ATOM   313  N ND1  . HIS A 1 32  ? 12.153  -14.471 -4.530  1.00 58.07 ? 40  HIS A ND1  1 
ATOM   314  C CD2  . HIS A 1 32  ? 12.122  -14.537 -2.347  1.00 53.23 ? 40  HIS A CD2  1 
ATOM   315  C CE1  . HIS A 1 32  ? 12.070  -15.740 -4.179  1.00 54.31 ? 40  HIS A CE1  1 
ATOM   316  N NE2  . HIS A 1 32  ? 12.049  -15.809 -2.860  1.00 55.55 ? 40  HIS A NE2  1 
ATOM   317  H H    . HIS A 1 32  ? 9.399   -12.019 -2.228  1.00 53.29 ? 40  HIS A H    1 
ATOM   318  H HA   . HIS A 1 32  ? 11.370  -11.694 -1.664  1.00 45.79 ? 40  HIS A HA   1 
ATOM   319  H HB2  . HIS A 1 32  ? 12.162  -11.928 -4.381  1.00 45.52 ? 40  HIS A HB2  1 
ATOM   320  H HB3  . HIS A 1 32  ? 13.165  -11.944 -3.149  1.00 45.52 ? 40  HIS A HB3  1 
ATOM   321  H HD2  . HIS A 1 32  ? 12.127  -14.305 -1.447  1.00 54.38 ? 40  HIS A HD2  1 
ATOM   322  H HE1  . HIS A 1 32  ? 12.033  -16.463 -4.762  1.00 55.68 ? 40  HIS A HE1  1 
ATOM   323  H HE2  . HIS A 1 32  ? 11.998  -16.532 -2.398  1.00 57.16 ? 40  HIS A HE2  1 
ATOM   324  N N    . PHE A 1 33  ? 10.631  -9.320  -3.588  1.00 42.22 ? 41  PHE A N    1 
ATOM   325  C CA   . PHE A 1 33  ? 10.803  -7.892  -3.826  1.00 45.50 ? 41  PHE A CA   1 
ATOM   326  C C    . PHE A 1 33  ? 10.682  -7.111  -2.520  1.00 50.72 ? 41  PHE A C    1 
ATOM   327  O O    . PHE A 1 33  ? 9.927   -7.481  -1.617  1.00 44.77 ? 41  PHE A O    1 
ATOM   328  C CB   . PHE A 1 33  ? 9.767   -7.402  -4.841  1.00 46.66 ? 41  PHE A CB   1 
ATOM   329  C CG   . PHE A 1 33  ? 10.203  -7.544  -6.272  1.00 47.57 ? 41  PHE A CG   1 
ATOM   330  C CD1  . PHE A 1 33  ? 10.641  -8.762  -6.760  1.00 53.39 ? 41  PHE A CD1  1 
ATOM   331  C CD2  . PHE A 1 33  ? 10.172  -6.456  -7.132  1.00 51.88 ? 41  PHE A CD2  1 
ATOM   332  C CE1  . PHE A 1 33  ? 11.040  -8.895  -8.078  1.00 50.47 ? 41  PHE A CE1  1 
ATOM   333  C CE2  . PHE A 1 33  ? 10.571  -6.583  -8.450  1.00 44.57 ? 41  PHE A CE2  1 
ATOM   334  C CZ   . PHE A 1 33  ? 11.006  -7.804  -8.923  1.00 53.97 ? 41  PHE A CZ   1 
ATOM   335  H H    . PHE A 1 33  ? 9.980   -9.679  -4.019  1.00 39.41 ? 41  PHE A H    1 
ATOM   336  H HA   . PHE A 1 33  ? 11.685  -7.724  -4.191  1.00 43.34 ? 41  PHE A HA   1 
ATOM   337  H HB2  . PHE A 1 33  ? 8.953   -7.918  -4.728  1.00 44.73 ? 41  PHE A HB2  1 
ATOM   338  H HB3  . PHE A 1 33  ? 9.591   -6.463  -4.676  1.00 44.73 ? 41  PHE A HB3  1 
ATOM   339  H HD1  . PHE A 1 33  ? 10.668  -9.501  -6.196  1.00 52.81 ? 41  PHE A HD1  1 
ATOM   340  H HD2  . PHE A 1 33  ? 9.880   -5.631  -6.818  1.00 51.00 ? 41  PHE A HD2  1 
ATOM   341  H HE1  . PHE A 1 33  ? 11.330  -9.720  -8.395  1.00 49.31 ? 41  PHE A HE1  1 
ATOM   342  H HE2  . PHE A 1 33  ? 10.547  -5.846  -9.018  1.00 42.22 ? 41  PHE A HE2  1 
ATOM   343  H HZ   . PHE A 1 33  ? 11.275  -7.892  -9.809  1.00 53.50 ? 41  PHE A HZ   1 
ATOM   344  N N    . TYR A 1 34  ? 11.450  -6.026  -2.423  1.00 48.77 ? 42  TYR A N    1 
ATOM   345  C CA   . TYR A 1 34  ? 11.433  -5.166  -1.252  1.00 36.25 ? 42  TYR A CA   1 
ATOM   346  C C    . TYR A 1 34  ? 10.269  -4.192  -1.337  1.00 42.86 ? 42  TYR A C    1 
ATOM   347  O O    . TYR A 1 34  ? 9.828   -3.793  -2.424  1.00 42.91 ? 42  TYR A O    1 
ATOM   348  C CB   . TYR A 1 34  ? 12.760  -4.423  -1.122  1.00 45.05 ? 42  TYR A CB   1 
ATOM   349  C CG   . TYR A 1 34  ? 13.937  -5.356  -0.957  1.00 49.42 ? 42  TYR A CG   1 
ATOM   350  C CD1  . TYR A 1 34  ? 14.554  -5.931  -2.063  1.00 46.94 ? 42  TYR A CD1  1 
ATOM   351  C CD2  . TYR A 1 34  ? 14.421  -5.674  0.301   1.00 46.41 ? 42  TYR A CD2  1 
ATOM   352  C CE1  . TYR A 1 34  ? 15.628  -6.789  -1.913  1.00 45.36 ? 42  TYR A CE1  1 
ATOM   353  C CE2  . TYR A 1 34  ? 15.491  -6.531  0.461   1.00 46.60 ? 42  TYR A CE2  1 
ATOM   354  C CZ   . TYR A 1 34  ? 16.092  -7.086  -0.649  1.00 43.45 ? 42  TYR A CZ   1 
ATOM   355  O OH   . TYR A 1 34  ? 17.159  -7.940  -0.495  1.00 53.27 ? 42  TYR A OH   1 
ATOM   356  H H    . TYR A 1 34  ? 11.996  -5.766  -3.034  1.00 51.35 ? 42  TYR A H    1 
ATOM   357  H HA   . TYR A 1 34  ? 11.317  -5.694  -0.447  1.00 36.33 ? 42  TYR A HA   1 
ATOM   358  H HB2  . TYR A 1 34  ? 12.906  -3.895  -1.923  1.00 46.89 ? 42  TYR A HB2  1 
ATOM   359  H HB3  . TYR A 1 34  ? 12.725  -3.844  -0.345  1.00 46.89 ? 42  TYR A HB3  1 
ATOM   360  H HD1  . TYR A 1 34  ? 14.242  -5.734  -2.916  1.00 49.16 ? 42  TYR A HD1  1 
ATOM   361  H HD2  . TYR A 1 34  ? 14.018  -5.301  1.052   1.00 48.52 ? 42  TYR A HD2  1 
ATOM   362  H HE1  . TYR A 1 34  ? 16.035  -7.164  -2.661  1.00 47.26 ? 42  TYR A HE1  1 
ATOM   363  H HE2  . TYR A 1 34  ? 15.804  -6.734  1.313   1.00 48.76 ? 42  TYR A HE2  1 
ATOM   364  H HH   . TYR A 1 34  ? 17.421  -8.210  -1.247  1.00 56.75 ? 42  TYR A HH   1 
ATOM   365  N N    . SER A 1 35  ? 9.795   -3.795  -0.163  1.00 38.60 ? 43  SER A N    1 
ATOM   366  C CA   . SER A 1 35  ? 8.483   -3.193  -0.002  1.00 33.49 ? 43  SER A CA   1 
ATOM   367  C C    . SER A 1 35  ? 8.616   -1.844  0.692   1.00 32.55 ? 43  SER A C    1 
ATOM   368  O O    . SER A 1 35  ? 9.291   -1.740  1.722   1.00 38.54 ? 43  SER A O    1 
ATOM   369  C CB   . SER A 1 35  ? 7.593   -4.119  0.855   1.00 33.23 ? 43  SER A CB   1 
ATOM   370  O OG   . SER A 1 35  ? 7.332   -5.315  0.164   1.00 52.29 ? 43  SER A OG   1 
ATOM   371  H H    . SER A 1 35  ? 10.229  -3.865  0.577   1.00 36.90 ? 43  SER A H    1 
ATOM   372  H HA   . SER A 1 35  ? 8.077   -3.047  -0.871  1.00 30.78 ? 43  SER A HA   1 
ATOM   373  H HB2  . SER A 1 35  ? 8.053   -4.324  1.684   1.00 30.46 ? 43  SER A HB2  1 
ATOM   374  H HB3  . SER A 1 35  ? 6.754   -3.670  1.043   1.00 30.46 ? 43  SER A HB3  1 
ATOM   375  H HG   . SER A 1 35  ? 7.228   -5.944  0.711   1.00 53.33 ? 43  SER A HG   1 
ATOM   376  N N    . LYS A 1 36  ? 7.999   -0.805  0.126   1.00 36.25 ? 44  LYS A N    1 
ATOM   377  C CA   . LYS A 1 36  ? 7.771   0.437   0.860   1.00 38.92 ? 44  LYS A CA   1 
ATOM   378  C C    . LYS A 1 36  ? 6.303   0.804   0.714   1.00 38.33 ? 44  LYS A C    1 
ATOM   379  O O    . LYS A 1 36  ? 5.759   0.729   -0.392  1.00 32.81 ? 44  LYS A O    1 
ATOM   380  C CB   . LYS A 1 36  ? 8.653   1.597   0.376   1.00 39.21 ? 44  LYS A CB   1 
ATOM   381  C CG   . LYS A 1 36  ? 10.079  1.588   0.914   1.00 39.28 ? 44  LYS A CG   1 
ATOM   382  C CD   . LYS A 1 36  ? 10.973  2.475   0.054   1.00 42.68 ? 44  LYS A CD   1 
ATOM   383  C CE   . LYS A 1 36  ? 12.013  3.227   0.872   1.00 37.59 ? 44  LYS A CE   1 
ATOM   384  N NZ   . LYS A 1 36  ? 13.258  2.435   1.064   1.00 50.70 ? 44  LYS A NZ   1 
ATOM   385  H H    . LYS A 1 36  ? 7.705   -0.798  -0.682  1.00 36.95 ? 44  LYS A H    1 
ATOM   386  H HA   . LYS A 1 36  ? 7.987   0.293   1.795   1.00 40.15 ? 44  LYS A HA   1 
ATOM   387  H HB2  . LYS A 1 36  ? 8.707   1.558   -0.592  1.00 40.51 ? 44  LYS A HB2  1 
ATOM   388  H HB3  . LYS A 1 36  ? 8.244   2.430   0.653   1.00 40.51 ? 44  LYS A HB3  1 
ATOM   389  H HG2  . LYS A 1 36  ? 10.087  1.928   1.822   1.00 40.58 ? 44  LYS A HG2  1 
ATOM   390  H HG3  . LYS A 1 36  ? 10.430  0.684   0.894   1.00 40.58 ? 44  LYS A HG3  1 
ATOM   391  H HD2  . LYS A 1 36  ? 11.441  1.922   -0.591  1.00 44.67 ? 44  LYS A HD2  1 
ATOM   392  H HD3  . LYS A 1 36  ? 10.423  3.128   -0.406  1.00 44.67 ? 44  LYS A HD3  1 
ATOM   393  H HE2  . LYS A 1 36  ? 12.245  4.049   0.413   1.00 38.56 ? 44  LYS A HE2  1 
ATOM   394  H HE3  . LYS A 1 36  ? 11.645  3.428   1.748   1.00 38.56 ? 44  LYS A HE3  1 
ATOM   395  H HZ1  . LYS A 1 36  ? 13.610  2.225   0.274   1.00 54.30 ? 44  LYS A HZ1  1 
ATOM   396  H HZ2  . LYS A 1 36  ? 13.852  2.907   1.528   1.00 54.30 ? 44  LYS A HZ2  1 
ATOM   397  H HZ3  . LYS A 1 36  ? 13.076  1.684   1.507   1.00 54.30 ? 44  LYS A HZ3  1 
ATOM   398  N N    . TRP A 1 37  ? 5.661   1.180   1.814   1.00 30.56 ? 45  TRP A N    1 
ATOM   399  C CA   . TRP A 1 37  ? 4.228   1.453   1.837   1.00 28.63 ? 45  TRP A CA   1 
ATOM   400  C C    . TRP A 1 37  ? 3.992   2.945   2.017   1.00 29.43 ? 45  TRP A C    1 
ATOM   401  O O    . TRP A 1 37  ? 4.589   3.567   2.901   1.00 29.52 ? 45  TRP A O    1 
ATOM   402  C CB   . TRP A 1 37  ? 3.544   0.666   2.954   1.00 31.85 ? 45  TRP A CB   1 
ATOM   403  C CG   . TRP A 1 37  ? 3.732   -0.808  2.815   1.00 31.03 ? 45  TRP A CG   1 
ATOM   404  C CD1  . TRP A 1 37  ? 4.822   -1.537  3.194   1.00 37.26 ? 45  TRP A CD1  1 
ATOM   405  C CD2  . TRP A 1 37  ? 2.804   -1.738  2.251   1.00 34.42 ? 45  TRP A CD2  1 
ATOM   406  N NE1  . TRP A 1 37  ? 4.628   -2.865  2.903   1.00 39.94 ? 45  TRP A NE1  1 
ATOM   407  C CE2  . TRP A 1 37  ? 3.395   -3.014  2.324   1.00 35.50 ? 45  TRP A CE2  1 
ATOM   408  C CE3  . TRP A 1 37  ? 1.529   -1.615  1.693   1.00 42.20 ? 45  TRP A CE3  1 
ATOM   409  C CZ2  . TRP A 1 37  ? 2.754   -4.160  1.861   1.00 36.30 ? 45  TRP A CZ2  1 
ATOM   410  C CZ3  . TRP A 1 37  ? 0.893   -2.752  1.236   1.00 38.66 ? 45  TRP A CZ3  1 
ATOM   411  C CH2  . TRP A 1 37  ? 1.507   -4.008  1.319   1.00 36.43 ? 45  TRP A CH2  1 
ATOM   412  H H    . TRP A 1 37  ? 6.042   1.287   2.578   1.00 29.58 ? 45  TRP A H    1 
ATOM   413  H HA   . TRP A 1 37  ? 3.834   1.190   0.990   1.00 27.26 ? 45  TRP A HA   1 
ATOM   414  H HB2  . TRP A 1 37  ? 3.918   0.938   3.807   1.00 31.12 ? 45  TRP A HB2  1 
ATOM   415  H HB3  . TRP A 1 37  ? 2.592   0.852   2.935   1.00 31.12 ? 45  TRP A HB3  1 
ATOM   416  H HD1  . TRP A 1 37  ? 5.586   -1.185  3.592   1.00 37.62 ? 45  TRP A HD1  1 
ATOM   417  H HE1  . TRP A 1 37  ? 5.188   -3.499  3.058   1.00 40.83 ? 45  TRP A HE1  1 
ATOM   418  H HE3  . TRP A 1 37  ? 1.117   -0.784  1.630   1.00 43.54 ? 45  TRP A HE3  1 
ATOM   419  H HZ2  . TRP A 1 37  ? 3.158   -4.996  1.917   1.00 36.46 ? 45  TRP A HZ2  1 
ATOM   420  H HZ3  . TRP A 1 37  ? 0.042   -2.683  0.867   1.00 39.29 ? 45  TRP A HZ3  1 
ATOM   421  H HH2  . TRP A 1 37  ? 1.056   -4.756  0.999   1.00 36.62 ? 45  TRP A HH2  1 
ATOM   422  N N    . TYR A 1 38  ? 3.126   3.514   1.182   1.00 29.59 ? 46  TYR A N    1 
ATOM   423  C CA   . TYR A 1 38  ? 2.886   4.947   1.176   1.00 31.91 ? 46  TYR A CA   1 
ATOM   424  C C    . TYR A 1 38  ? 1.392   5.244   1.124   1.00 34.55 ? 46  TYR A C    1 
ATOM   425  O O    . TYR A 1 38  ? 0.564   4.374   0.847   1.00 37.84 ? 46  TYR A O    1 
ATOM   426  C CB   . TYR A 1 38  ? 3.554   5.631   -0.029  1.00 32.40 ? 46  TYR A CB   1 
ATOM   427  C CG   . TYR A 1 38  ? 5.049   5.483   -0.116  1.00 34.54 ? 46  TYR A CG   1 
ATOM   428  C CD1  . TYR A 1 38  ? 5.623   4.379   -0.728  1.00 37.94 ? 46  TYR A CD1  1 
ATOM   429  C CD2  . TYR A 1 38  ? 5.889   6.460   0.393   1.00 34.09 ? 46  TYR A CD2  1 
ATOM   430  C CE1  . TYR A 1 38  ? 6.993   4.247   -0.820  1.00 39.62 ? 46  TYR A CE1  1 
ATOM   431  C CE2  . TYR A 1 38  ? 7.257   6.338   0.309   1.00 36.98 ? 46  TYR A CE2  1 
ATOM   432  C CZ   . TYR A 1 38  ? 7.805   5.230   -0.297  1.00 39.29 ? 46  TYR A CZ   1 
ATOM   433  O OH   . TYR A 1 38  ? 9.173   5.111   -0.379  1.00 44.20 ? 46  TYR A OH   1 
ATOM   434  H H    . TYR A 1 38  ? 2.659   3.081   0.604   1.00 27.24 ? 46  TYR A H    1 
ATOM   435  H HA   . TYR A 1 38  ? 3.248   5.307   2.001   1.00 30.03 ? 46  TYR A HA   1 
ATOM   436  H HB2  . TYR A 1 38  ? 3.179   5.252   -0.839  1.00 30.62 ? 46  TYR A HB2  1 
ATOM   437  H HB3  . TYR A 1 38  ? 3.360   6.580   0.014   1.00 30.62 ? 46  TYR A HB3  1 
ATOM   438  H HD1  . TYR A 1 38  ? 5.074   3.717   -1.083  1.00 37.27 ? 46  TYR A HD1  1 
ATOM   439  H HD2  . TYR A 1 38  ? 5.521   7.213   0.797   1.00 32.64 ? 46  TYR A HD2  1 
ATOM   440  H HE1  . TYR A 1 38  ? 7.365   3.500   -1.230  1.00 39.28 ? 46  TYR A HE1  1 
ATOM   441  H HE2  . TYR A 1 38  ? 7.807   7.000   0.659   1.00 36.11 ? 46  TYR A HE2  1 
ATOM   442  H HH   . TYR A 1 38  ? 9.540   5.784   -0.036  1.00 44.77 ? 46  TYR A HH   1 
ATOM   443  N N    . ILE A 1 39  ? 1.067   6.509   1.378   1.00 30.93 ? 47  ILE A N    1 
ATOM   444  C CA   . ILE A 1 39  ? -0.242  7.085   1.097   1.00 32.22 ? 47  ILE A CA   1 
ATOM   445  C C    . ILE A 1 39  ? -0.008  8.273   0.174   1.00 37.53 ? 47  ILE A C    1 
ATOM   446  O O    . ILE A 1 39  ? 0.738   9.195   0.527   1.00 36.77 ? 47  ILE A O    1 
ATOM   447  C CB   . ILE A 1 39  ? -0.965  7.530   2.377   1.00 35.89 ? 47  ILE A CB   1 
ATOM   448  C CG1  . ILE A 1 39  ? -1.196  6.341   3.313   1.00 37.08 ? 47  ILE A CG1  1 
ATOM   449  C CG2  . ILE A 1 39  ? -2.291  8.199   2.025   1.00 34.88 ? 47  ILE A CG2  1 
ATOM   450  C CD1  . ILE A 1 39  ? -2.247  5.372   2.831   1.00 36.65 ? 47  ILE A CD1  1 
ATOM   451  H H    . ILE A 1 39  ? 1.613   7.075   1.727   1.00 30.92 ? 47  ILE A H    1 
ATOM   452  H HA   . ILE A 1 39  ? -0.800  6.432   0.649   1.00 32.47 ? 47  ILE A HA   1 
ATOM   453  H HB   . ILE A 1 39  ? -0.402  8.171   2.838   1.00 36.87 ? 47  ILE A HB   1 
ATOM   454  H HG12 . ILE A 1 39  ? -0.363  5.851   3.404   1.00 38.30 ? 47  ILE A HG12 1 
ATOM   455  H HG13 . ILE A 1 39  ? -1.479  6.677   4.178   1.00 38.30 ? 47  ILE A HG13 1 
ATOM   456  H HG21 . ILE A 1 39  ? -2.848  8.235   2.818   1.00 35.66 ? 47  ILE A HG21 1 
ATOM   457  H HG22 . ILE A 1 39  ? -2.116  9.097   1.703   1.00 35.66 ? 47  ILE A HG22 1 
ATOM   458  H HG23 . ILE A 1 39  ? -2.733  7.680   1.334   1.00 35.66 ? 47  ILE A HG23 1 
ATOM   459  H HD11 . ILE A 1 39  ? -2.074  4.500   3.218   1.00 37.78 ? 47  ILE A HD11 1 
ATOM   460  H HD12 . ILE A 1 39  ? -3.121  5.691   3.108   1.00 37.78 ? 47  ILE A HD12 1 
ATOM   461  H HD13 . ILE A 1 39  ? -2.206  5.319   1.863   1.00 37.78 ? 47  ILE A HD13 1 
ATOM   462  N N    . ARG A 1 40  ? -0.620  8.249   -1.005  1.00 42.03 ? 48  ARG A N    1 
ATOM   463  C CA   . ARG A 1 40  ? -0.501  9.371   -1.923  1.00 40.25 ? 48  ARG A CA   1 
ATOM   464  C C    . ARG A 1 40  ? -1.568  10.411  -1.588  1.00 47.16 ? 48  ARG A C    1 
ATOM   465  O O    . ARG A 1 40  ? -2.392  10.223  -0.694  1.00 47.45 ? 48  ARG A O    1 
ATOM   466  C CB   . ARG A 1 40  ? -0.592  8.893   -3.370  1.00 39.89 ? 48  ARG A CB   1 
ATOM   467  C CG   . ARG A 1 40  ? -1.956  8.427   -3.829  1.00 49.11 ? 48  ARG A CG   1 
ATOM   468  C CD   . ARG A 1 40  ? -1.808  7.514   -5.048  1.00 57.50 ? 48  ARG A CD   1 
ATOM   469  N NE   . ARG A 1 40  ? -0.816  8.024   -5.996  1.00 59.06 ? 48  ARG A NE   1 
ATOM   470  C CZ   . ARG A 1 40  ? -1.107  8.708   -7.101  1.00 55.42 ? 48  ARG A CZ   1 
ATOM   471  N NH1  . ARG A 1 40  ? -2.367  8.971   -7.409  1.00 58.23 ? 48  ARG A NH1  1 
ATOM   472  N NH2  . ARG A 1 40  ? -0.132  9.130   -7.896  1.00 56.50 ? 48  ARG A NH2  1 
ATOM   473  H H    . ARG A 1 40  ? -1.105  7.599   -1.292  1.00 38.58 ? 48  ARG A H    1 
ATOM   474  H HA   . ARG A 1 40  ? 0.369   9.785   -1.815  1.00 36.45 ? 48  ARG A HA   1 
ATOM   475  H HB2  . ARG A 1 40  ? -0.330  9.626   -3.948  1.00 36.02 ? 48  ARG A HB2  1 
ATOM   476  H HB3  . ARG A 1 40  ? 0.019   8.148   -3.482  1.00 36.02 ? 48  ARG A HB3  1 
ATOM   477  H HG2  . ARG A 1 40  ? -2.389  7.929   -3.117  1.00 47.08 ? 48  ARG A HG2  1 
ATOM   478  H HG3  . ARG A 1 40  ? -2.499  9.192   -4.075  1.00 47.08 ? 48  ARG A HG3  1 
ATOM   479  H HD2  . ARG A 1 40  ? -1.524  6.634   -4.756  1.00 57.15 ? 48  ARG A HD2  1 
ATOM   480  H HD3  . ARG A 1 40  ? -2.661  7.451   -5.506  1.00 57.15 ? 48  ARG A HD3  1 
ATOM   481  H HE   . ARG A 1 40  ? 0.014   7.873   -5.827  1.00 59.02 ? 48  ARG A HE   1 
ATOM   482  H HH11 . ARG A 1 40  ? -3.002  8.702   -6.895  1.00 58.02 ? 48  ARG A HH11 1 
ATOM   483  H HH12 . ARG A 1 40  ? -2.552  9.413   -8.124  1.00 58.02 ? 48  ARG A HH12 1 
ATOM   484  H HH21 . ARG A 1 40  ? 0.688   8.962   -7.697  1.00 55.95 ? 48  ARG A HH21 1 
ATOM   485  H HH22 . ARG A 1 40  ? -0.320  9.570   -8.610  1.00 55.95 ? 48  ARG A HH22 1 
ATOM   486  N N    . VAL A 1 41  ? -1.542  11.537  -2.296  1.00 48.90 ? 49  VAL A N    1 
ATOM   487  C CA   . VAL A 1 41  ? -2.455  12.648  -2.047  1.00 43.50 ? 49  VAL A CA   1 
ATOM   488  C C    . VAL A 1 41  ? -3.210  12.936  -3.334  1.00 50.48 ? 49  VAL A C    1 
ATOM   489  O O    . VAL A 1 41  ? -2.603  13.286  -4.354  1.00 60.70 ? 49  VAL A O    1 
ATOM   490  C CB   . VAL A 1 41  ? -1.714  13.901  -1.556  1.00 52.76 ? 49  VAL A CB   1 
ATOM   491  C CG1  . VAL A 1 41  ? -2.710  15.003  -1.209  1.00 51.77 ? 49  VAL A CG1  1 
ATOM   492  C CG2  . VAL A 1 41  ? -0.841  13.563  -0.356  1.00 53.40 ? 49  VAL A CG2  1 
ATOM   493  H H    . VAL A 1 41  ? -0.991  11.684  -2.941  1.00 49.19 ? 49  VAL A H    1 
ATOM   494  H HA   . VAL A 1 41  ? -3.096  12.385  -1.369  1.00 42.71 ? 49  VAL A HA   1 
ATOM   495  H HB   . VAL A 1 41  ? -1.139  14.230  -2.264  1.00 53.82 ? 49  VAL A HB   1 
ATOM   496  H HG11 . VAL A 1 41  ? -2.223  15.777  -0.885  1.00 52.62 ? 49  VAL A HG11 1 
ATOM   497  H HG12 . VAL A 1 41  ? -3.211  15.237  -2.005  1.00 52.62 ? 49  VAL A HG12 1 
ATOM   498  H HG13 . VAL A 1 41  ? -3.313  14.679  -0.521  1.00 52.62 ? 49  VAL A HG13 1 
ATOM   499  H HG21 . VAL A 1 41  ? -0.394  14.370  -0.053  1.00 54.58 ? 49  VAL A HG21 1 
ATOM   500  H HG22 . VAL A 1 41  ? -1.401  13.210  0.353   1.00 54.58 ? 49  VAL A HG22 1 
ATOM   501  H HG23 . VAL A 1 41  ? -0.185  12.901  -0.620  1.00 54.58 ? 49  VAL A HG23 1 
ATOM   502  N N    . GLY A 1 42  ? -4.531  12.801  -3.286  1.00 56.55 ? 50  GLY A N    1 
ATOM   503  C CA   . GLY A 1 42  ? -5.347  13.036  -4.457  1.00 52.47 ? 50  GLY A CA   1 
ATOM   504  C C    . GLY A 1 42  ? -5.212  11.925  -5.477  1.00 46.22 ? 50  GLY A C    1 
ATOM   505  O O    . GLY A 1 42  ? -4.387  11.021  -5.317  1.00 52.63 ? 50  GLY A O    1 
ATOM   506  H H    . GLY A 1 42  ? -4.973  12.575  -2.584  1.00 54.43 ? 50  GLY A H    1 
ATOM   507  H HA2  . GLY A 1 42  ? -6.277  13.099  -4.194  1.00 49.53 ? 50  GLY A HA2  1 
ATOM   508  H HA3  . GLY A 1 42  ? -5.078  13.870  -4.875  1.00 49.53 ? 50  GLY A HA3  1 
ATOM   509  N N    . ALA A 1 43  ? -6.026  11.983  -6.531  1.00 58.18 ? 51  ALA A N    1 
ATOM   510  C CA   . ALA A 1 43  ? -6.008  10.985  -7.593  1.00 54.51 ? 51  ALA A CA   1 
ATOM   511  C C    . ALA A 1 43  ? -5.067  11.362  -8.727  1.00 54.67 ? 51  ALA A C    1 
ATOM   512  O O    . ALA A 1 43  ? -5.331  11.014  -9.886  1.00 58.75 ? 51  ALA A O    1 
ATOM   513  C CB   . ALA A 1 43  ? -7.425  10.772  -8.132  1.00 62.52 ? 51  ALA A CB   1 
ATOM   514  H H    . ALA A 1 43  ? -6.608  12.604  -6.654  1.00 54.43 ? 51  ALA A H    1 
ATOM   515  H HA   . ALA A 1 43  ? -5.701  10.146  -7.218  1.00 50.03 ? 51  ALA A HA   1 
ATOM   516  H HB1  . ALA A 1 43  ? -7.399  10.098  -8.829  1.00 59.64 ? 51  ALA A HB1  1 
ATOM   517  H HB2  . ALA A 1 43  ? -7.998  10.478  -7.408  1.00 59.64 ? 51  ALA A HB2  1 
ATOM   518  H HB3  . ALA A 1 43  ? -7.754  11.610  -8.495  1.00 59.64 ? 51  ALA A HB3  1 
ATOM   519  N N    . ARG A 1 44  ? -3.971  12.052  -8.429  1.00 51.67 ? 52  ARG A N    1 
ATOM   520  C CA   . ARG A 1 44  ? -3.151  12.679  -9.453  1.00 50.89 ? 52  ARG A CA   1 
ATOM   521  C C    . ARG A 1 44  ? -1.823  11.949  -9.602  1.00 48.30 ? 52  ARG A C    1 
ATOM   522  O O    . ARG A 1 44  ? -1.200  11.560  -8.610  1.00 46.18 ? 52  ARG A O    1 
ATOM   523  C CB   . ARG A 1 44  ? -2.928  14.154  -9.127  1.00 50.47 ? 52  ARG A CB   1 
ATOM   524  C CG   . ARG A 1 44  ? -2.930  15.001  -10.372 1.00 53.57 ? 52  ARG A CG   1 
ATOM   525  C CD   . ARG A 1 44  ? -3.332  16.446  -10.135 1.00 60.80 ? 52  ARG A CD   1 
ATOM   526  N NE   . ARG A 1 44  ? -3.238  17.162  -11.403 1.00 62.74 ? 52  ARG A NE   1 
ATOM   527  C CZ   . ARG A 1 44  ? -2.136  17.766  -11.832 1.00 64.32 ? 52  ARG A CZ   1 
ATOM   528  N NH1  . ARG A 1 44  ? -1.039  17.747  -11.088 1.00 64.93 ? 52  ARG A NH1  1 
ATOM   529  N NH2  . ARG A 1 44  ? -2.125  18.381  -13.007 1.00 60.62 ? 52  ARG A NH2  1 
ATOM   530  H H    . ARG A 1 44  ? -3.681  12.172  -7.628  1.00 46.72 ? 52  ARG A H    1 
ATOM   531  H HA   . ARG A 1 44  ? -3.599  12.621  -10.311 1.00 45.79 ? 52  ARG A HA   1 
ATOM   532  H HB2  . ARG A 1 44  ? -3.638  14.465  -8.545  1.00 45.28 ? 52  ARG A HB2  1 
ATOM   533  H HB3  . ARG A 1 44  ? -2.070  14.260  -8.688  1.00 45.28 ? 52  ARG A HB3  1 
ATOM   534  H HG2  . ARG A 1 44  ? -2.037  15.001  -10.750 1.00 49.00 ? 52  ARG A HG2  1 
ATOM   535  H HG3  . ARG A 1 44  ? -3.558  14.621  -11.006 1.00 49.00 ? 52  ARG A HG3  1 
ATOM   536  H HD2  . ARG A 1 44  ? -4.246  16.490  -9.812  1.00 57.67 ? 52  ARG A HD2  1 
ATOM   537  H HD3  . ARG A 1 44  ? -2.733  16.858  -9.493  1.00 57.67 ? 52  ARG A HD3  1 
ATOM   538  H HE   . ARG A 1 44  ? -3.938  17.193  -11.902 1.00 60.01 ? 52  ARG A HE   1 
ATOM   539  H HH11 . ARG A 1 44  ? -1.042  17.343  -10.329 1.00 62.63 ? 52  ARG A HH11 1 
ATOM   540  H HH12 . ARG A 1 44  ? -0.325  18.137  -11.365 1.00 62.63 ? 52  ARG A HH12 1 
ATOM   541  H HH21 . ARG A 1 44  ? -2.834  18.389  -13.494 1.00 57.47 ? 52  ARG A HH21 1 
ATOM   542  H HH22 . ARG A 1 44  ? -1.409  18.771  -13.282 1.00 57.47 ? 52  ARG A HH22 1 
ATOM   543  N N    . LYS A 1 45  ? -1.393  11.792  -10.857 1.00 54.00 ? 53  LYS A N    1 
ATOM   544  C CA   . LYS A 1 45  ? -0.305  10.875  -11.182 1.00 53.35 ? 53  LYS A CA   1 
ATOM   545  C C    . LYS A 1 45  ? 0.923   11.135  -10.322 1.00 49.40 ? 53  LYS A C    1 
ATOM   546  O O    . LYS A 1 45  ? 1.431   10.229  -9.650  1.00 55.42 ? 53  LYS A O    1 
ATOM   547  C CB   . LYS A 1 45  ? 0.039   10.986  -12.670 1.00 57.07 ? 53  LYS A CB   1 
ATOM   548  C CG   . LYS A 1 45  ? 0.755   9.763   -13.226 1.00 57.48 ? 53  LYS A CG   1 
ATOM   549  C CD   . LYS A 1 45  ? 0.987   9.870   -14.728 1.00 56.16 ? 53  LYS A CD   1 
ATOM   550  C CE   . LYS A 1 45  ? 1.654   8.612   -15.272 1.00 58.74 ? 53  LYS A CE   1 
ATOM   551  N NZ   . LYS A 1 45  ? 2.942   8.317   -14.581 1.00 64.49 ? 53  LYS A NZ   1 
ATOM   552  H H    . LYS A 1 45  ? -1.715  12.207  -11.537 1.00 55.23 ? 53  LYS A H    1 
ATOM   553  H HA   . LYS A 1 45  ? -0.603  9.968   -11.005 1.00 54.44 ? 53  LYS A HA   1 
ATOM   554  H HB2  . LYS A 1 45  ? -0.784  11.102  -13.171 1.00 58.91 ? 53  LYS A HB2  1 
ATOM   555  H HB3  . LYS A 1 45  ? 0.617   11.753  -12.799 1.00 58.91 ? 53  LYS A HB3  1 
ATOM   556  H HG2  . LYS A 1 45  ? 1.618   9.673   -12.793 1.00 59.41 ? 53  LYS A HG2  1 
ATOM   557  H HG3  . LYS A 1 45  ? 0.216   8.973   -13.059 1.00 59.41 ? 53  LYS A HG3  1 
ATOM   558  H HD2  . LYS A 1 45  ? 0.135   9.983   -15.178 1.00 57.82 ? 53  LYS A HD2  1 
ATOM   559  H HD3  . LYS A 1 45  ? 1.564   10.628  -14.912 1.00 57.82 ? 53  LYS A HD3  1 
ATOM   560  H HE2  . LYS A 1 45  ? 1.062   7.856   -15.144 1.00 60.92 ? 53  LYS A HE2  1 
ATOM   561  H HE3  . LYS A 1 45  ? 1.839   8.733   -16.217 1.00 60.92 ? 53  LYS A HE3  1 
ATOM   562  H HZ1  . LYS A 1 45  ? 3.336   7.614   -14.958 1.00 67.82 ? 53  LYS A HZ1  1 
ATOM   563  H HZ2  . LYS A 1 45  ? 3.488   9.018   -14.639 1.00 67.82 ? 53  LYS A HZ2  1 
ATOM   564  H HZ3  . LYS A 1 45  ? 2.793   8.138   -13.722 1.00 67.82 ? 53  LYS A HZ3  1 
ATOM   565  N N    . SER A 1 46  ? 1.423   12.371  -10.331 1.00 47.97 ? 54  SER A N    1 
ATOM   566  C CA   . SER A 1 46  ? 2.586   12.737  -9.526  1.00 52.06 ? 54  SER A CA   1 
ATOM   567  C C    . SER A 1 46  ? 2.102   13.488  -8.289  1.00 55.34 ? 54  SER A C    1 
ATOM   568  O O    . SER A 1 46  ? 2.089   14.718  -8.232  1.00 63.38 ? 54  SER A O    1 
ATOM   569  C CB   . SER A 1 46  ? 3.571   13.566  -10.346 1.00 53.88 ? 54  SER A CB   1 
ATOM   570  O OG   . SER A 1 46  ? 4.130   12.794  -11.395 1.00 59.72 ? 54  SER A OG   1 
ATOM   571  H H    . SER A 1 46  ? 1.103   13.018  -10.798 1.00 49.84 ? 54  SER A H    1 
ATOM   572  H HA   . SER A 1 46  ? 3.036   11.928  -9.236  1.00 54.75 ? 54  SER A HA   1 
ATOM   573  H HB2  . SER A 1 46  ? 3.104   14.325  -10.728 1.00 56.94 ? 54  SER A HB2  1 
ATOM   574  H HB3  . SER A 1 46  ? 4.285   13.873  -9.765  1.00 56.94 ? 54  SER A HB3  1 
ATOM   575  H HG   . SER A 1 46  ? 4.913   13.053  -11.557 1.00 63.95 ? 54  SER A HG   1 
ATOM   576  N N    . ALA A 1 47  ? 1.694   12.717  -7.283  1.00 51.75 ? 55  ALA A N    1 
ATOM   577  C CA   . ALA A 1 47  ? 1.265   13.252  -6.004  1.00 52.16 ? 55  ALA A CA   1 
ATOM   578  C C    . ALA A 1 47  ? 2.307   12.953  -4.929  1.00 49.60 ? 55  ALA A C    1 
ATOM   579  O O    . ALA A 1 47  ? 3.022   11.949  -5.016  1.00 43.32 ? 55  ALA A O    1 
ATOM   580  C CB   . ALA A 1 47  ? -0.083  12.656  -5.581  1.00 54.04 ? 55  ALA A CB   1 
ATOM   581  H H    . ALA A 1 47  ? 1.658   11.859  -7.322  1.00 52.61 ? 55  ALA A H    1 
ATOM   582  H HA   . ALA A 1 47  ? 1.158   14.213  -6.071  1.00 53.11 ? 55  ALA A HA   1 
ATOM   583  H HB1  . ALA A 1 47  ? -0.312  12.988  -4.699  1.00 55.37 ? 55  ALA A HB1  1 
ATOM   584  H HB2  . ALA A 1 47  ? -0.760  12.924  -6.222  1.00 55.37 ? 55  ALA A HB2  1 
ATOM   585  H HB3  . ALA A 1 47  ? -0.008  11.690  -5.562  1.00 55.37 ? 55  ALA A HB3  1 
ATOM   586  N N    . PRO A 1 48  ? 2.433   13.806  -3.915  1.00 41.05 ? 56  PRO A N    1 
ATOM   587  C CA   . PRO A 1 48  ? 3.370   13.509  -2.825  1.00 42.08 ? 56  PRO A CA   1 
ATOM   588  C C    . PRO A 1 48  ? 2.948   12.261  -2.066  1.00 45.04 ? 56  PRO A C    1 
ATOM   589  O O    . PRO A 1 48  ? 1.769   11.903  -2.016  1.00 39.52 ? 56  PRO A O    1 
ATOM   590  C CB   . PRO A 1 48  ? 3.300   14.759  -1.936  1.00 51.50 ? 56  PRO A CB   1 
ATOM   591  C CG   . PRO A 1 48  ? 1.982   15.403  -2.265  1.00 48.88 ? 56  PRO A CG   1 
ATOM   592  C CD   . PRO A 1 48  ? 1.709   15.075  -3.708  1.00 47.58 ? 56  PRO A CD   1 
ATOM   593  H HA   . PRO A 1 48  ? 4.275   13.404  -3.158  1.00 40.69 ? 56  PRO A HA   1 
ATOM   594  H HB2  . PRO A 1 48  ? 3.337   14.502  -1.002  1.00 51.99 ? 56  PRO A HB2  1 
ATOM   595  H HB3  . PRO A 1 48  ? 4.037   15.354  -2.146  1.00 51.99 ? 56  PRO A HB3  1 
ATOM   596  H HG2  . PRO A 1 48  ? 1.288   15.037  -1.694  1.00 48.84 ? 56  PRO A HG2  1 
ATOM   597  H HG3  . PRO A 1 48  ? 2.045   16.362  -2.138  1.00 48.84 ? 56  PRO A HG3  1 
ATOM   598  H HD2  . PRO A 1 48  ? 0.758   14.959  -3.861  1.00 47.29 ? 56  PRO A HD2  1 
ATOM   599  H HD3  . PRO A 1 48  ? 2.055   15.769  -4.291  1.00 47.29 ? 56  PRO A HD3  1 
ATOM   600  N N    . LEU A 1 49  ? 3.931   11.597  -1.467  1.00 34.44 ? 57  LEU A N    1 
ATOM   601  C CA   . LEU A 1 49  ? 3.720   10.321  -0.800  1.00 44.03 ? 57  LEU A CA   1 
ATOM   602  C C    . LEU A 1 49  ? 4.082   10.423  0.675   1.00 32.81 ? 57  LEU A C    1 
ATOM   603  O O    . LEU A 1 49  ? 5.104   11.015  1.038   1.00 40.47 ? 57  LEU A O    1 
ATOM   604  C CB   . LEU A 1 49  ? 4.550   9.217   -1.460  1.00 36.56 ? 57  LEU A CB   1 
ATOM   605  C CG   . LEU A 1 49  ? 4.305   8.995   -2.953  1.00 39.94 ? 57  LEU A CG   1 
ATOM   606  C CD1  . LEU A 1 49  ? 5.513   8.341   -3.611  1.00 40.15 ? 57  LEU A CD1  1 
ATOM   607  C CD2  . LEU A 1 49  ? 3.054   8.157   -3.167  1.00 40.20 ? 57  LEU A CD2  1 
ATOM   608  H H    . LEU A 1 49  ? 4.745   11.873  -1.435  1.00 33.13 ? 57  LEU A H    1 
ATOM   609  H HA   . LEU A 1 49  ? 2.781   10.085  -0.857  1.00 44.63 ? 57  LEU A HA   1 
ATOM   610  H HB2  . LEU A 1 49  ? 5.488   9.437   -1.353  1.00 35.67 ? 57  LEU A HB2  1 
ATOM   611  H HB3  . LEU A 1 49  ? 4.353   8.380   -1.010  1.00 35.67 ? 57  LEU A HB3  1 
ATOM   612  H HG   . LEU A 1 49  ? 4.169   9.855   -3.379  1.00 39.73 ? 57  LEU A HG   1 
ATOM   613  H HD11 . LEU A 1 49  ? 5.321   8.199   -4.551  1.00 39.98 ? 57  LEU A HD11 1 
ATOM   614  H HD12 . LEU A 1 49  ? 6.280   8.926   -3.514  1.00 39.98 ? 57  LEU A HD12 1 
ATOM   615  H HD13 . LEU A 1 49  ? 5.687   7.491   -3.176  1.00 39.98 ? 57  LEU A HD13 1 
ATOM   616  H HD21 . LEU A 1 49  ? 2.913   8.037   -4.120  1.00 40.04 ? 57  LEU A HD21 1 
ATOM   617  H HD22 . LEU A 1 49  ? 3.176   7.294   -2.740  1.00 40.04 ? 57  LEU A HD22 1 
ATOM   618  H HD23 . LEU A 1 49  ? 2.295   8.616   -2.775  1.00 40.04 ? 57  LEU A HD23 1 
ATOM   619  N N    . ILE A 1 50  ? 3.239   9.834   1.517   1.00 38.34 ? 58  ILE A N    1 
ATOM   620  C CA   . ILE A 1 50  ? 3.468   9.754   2.954   1.00 32.86 ? 58  ILE A CA   1 
ATOM   621  C C    . ILE A 1 50  ? 3.915   8.330   3.257   1.00 40.18 ? 58  ILE A C    1 
ATOM   622  O O    . ILE A 1 50  ? 3.127   7.388   3.130   1.00 30.74 ? 58  ILE A O    1 
ATOM   623  C CB   . ILE A 1 50  ? 2.209   10.112  3.755   1.00 38.78 ? 58  ILE A CB   1 
ATOM   624  C CG1  . ILE A 1 50  ? 1.621   11.445  3.288   1.00 39.38 ? 58  ILE A CG1  1 
ATOM   625  C CG2  . ILE A 1 50  ? 2.525   10.157  5.247   1.00 41.97 ? 58  ILE A CG2  1 
ATOM   626  C CD1  . ILE A 1 50  ? 0.113   11.525  3.449   1.00 44.49 ? 58  ILE A CD1  1 
ATOM   627  H H    . ILE A 1 50  ? 2.504   9.462   1.270   1.00 37.47 ? 58  ILE A H    1 
ATOM   628  H HA   . ILE A 1 50  ? 4.174   10.371  3.202   1.00 30.89 ? 58  ILE A HA   1 
ATOM   629  H HB   . ILE A 1 50  ? 1.546   9.423   3.597   1.00 38.00 ? 58  ILE A HB   1 
ATOM   630  H HG12 . ILE A 1 50  ? 2.014   12.162  3.809   1.00 38.72 ? 58  ILE A HG12 1 
ATOM   631  H HG13 . ILE A 1 50  ? 1.827   11.567  2.347   1.00 38.72 ? 58  ILE A HG13 1 
ATOM   632  H HG21 . ILE A 1 50  ? 1.736   10.449  5.728   1.00 41.82 ? 58  ILE A HG21 1 
ATOM   633  H HG22 . ILE A 1 50  ? 2.782   9.268   5.541   1.00 41.82 ? 58  ILE A HG22 1 
ATOM   634  H HG23 . ILE A 1 50  ? 3.255   10.779  5.397   1.00 41.82 ? 58  ILE A HG23 1 
ATOM   635  H HD11 . ILE A 1 50  ? -0.193  12.393  3.142   1.00 44.85 ? 58  ILE A HD11 1 
ATOM   636  H HD12 . ILE A 1 50  ? -0.299  10.823  2.921   1.00 44.85 ? 58  ILE A HD12 1 
ATOM   637  H HD13 . ILE A 1 50  ? -0.111  11.406  4.386   1.00 44.85 ? 58  ILE A HD13 1 
ATOM   638  N N    . GLU A 1 51  ? 5.171   8.160   3.661   1.00 37.00 ? 59  GLU A N    1 
ATOM   639  C CA   . GLU A 1 51  ? 5.704   6.825   3.891   1.00 41.52 ? 59  GLU A CA   1 
ATOM   640  C C    . GLU A 1 51  ? 5.193   6.266   5.213   1.00 39.93 ? 59  GLU A C    1 
ATOM   641  O O    . GLU A 1 51  ? 5.251   6.938   6.248   1.00 35.48 ? 59  GLU A O    1 
ATOM   642  C CB   . GLU A 1 51  ? 7.231   6.838   3.888   1.00 43.45 ? 59  GLU A CB   1 
ATOM   643  C CG   . GLU A 1 51  ? 7.835   5.455   4.115   1.00 41.41 ? 59  GLU A CG   1 
ATOM   644  C CD   . GLU A 1 51  ? 9.286   5.366   3.691   1.00 46.57 ? 59  GLU A CD   1 
ATOM   645  O OE1  . GLU A 1 51  ? 9.841   6.387   3.234   1.00 44.83 ? 59  GLU A OE1  1 
ATOM   646  O OE2  . GLU A 1 51  ? 9.870   4.266   3.806   1.00 44.08 ? 59  GLU A OE2  1 
ATOM   647  H H    . GLU A 1 51  ? 5.728   8.798   3.807   1.00 30.31 ? 59  GLU A H    1 
ATOM   648  H HA   . GLU A 1 51  ? 5.402   6.245   3.175   1.00 35.73 ? 59  GLU A HA   1 
ATOM   649  H HB2  . GLU A 1 51  ? 7.541   7.163   3.028   1.00 38.05 ? 59  GLU A HB2  1 
ATOM   650  H HB3  . GLU A 1 51  ? 7.542   7.421   4.596   1.00 38.05 ? 59  GLU A HB3  1 
ATOM   651  H HG2  . GLU A 1 51  ? 7.786   5.242   5.060   1.00 35.60 ? 59  GLU A HG2  1 
ATOM   652  H HG3  . GLU A 1 51  ? 7.332   4.804   3.601   1.00 35.60 ? 59  GLU A HG3  1 
ATOM   653  N N    . LEU A 1 52  ? 4.713   5.030   5.176   1.00 37.93 ? 60  LEU A N    1 
ATOM   654  C CA   . LEU A 1 52  ? 4.161   4.359   6.341   1.00 39.86 ? 60  LEU A CA   1 
ATOM   655  C C    . LEU A 1 52  ? 5.195   3.418   6.946   1.00 31.92 ? 60  LEU A C    1 
ATOM   656  O O    . LEU A 1 52  ? 6.032   2.846   6.244   1.00 35.78 ? 60  LEU A O    1 
ATOM   657  C CB   . LEU A 1 52  ? 2.907   3.571   5.961   1.00 29.85 ? 60  LEU A CB   1 
ATOM   658  C CG   . LEU A 1 52  ? 1.549   4.253   6.137   1.00 35.41 ? 60  LEU A CG   1 
ATOM   659  C CD1  . LEU A 1 52  ? 1.548   5.643   5.539   1.00 35.60 ? 60  LEU A CD1  1 
ATOM   660  C CD2  . LEU A 1 52  ? 0.462   3.389   5.503   1.00 25.34 ? 60  LEU A CD2  1 
ATOM   661  H H    . LEU A 1 52  ? 4.697   4.546   4.465   1.00 38.27 ? 60  LEU A H    1 
ATOM   662  H HA   . LEU A 1 52  ? 3.920   5.018   7.011   1.00 40.58 ? 60  LEU A HA   1 
ATOM   663  H HB2  . LEU A 1 52  ? 2.981   3.336   5.022   1.00 28.57 ? 60  LEU A HB2  1 
ATOM   664  H HB3  . LEU A 1 52  ? 2.889   2.768   6.504   1.00 28.57 ? 60  LEU A HB3  1 
ATOM   665  H HG   . LEU A 1 52  ? 1.363   4.352   7.084   1.00 35.24 ? 60  LEU A HG   1 
ATOM   666  H HD11 . LEU A 1 52  ? 0.646   5.999   5.572   1.00 35.47 ? 60  LEU A HD11 1 
ATOM   667  H HD12 . LEU A 1 52  ? 2.146   6.208   6.052   1.00 35.47 ? 60  LEU A HD12 1 
ATOM   668  H HD13 . LEU A 1 52  ? 1.849   5.591   4.618   1.00 35.47 ? 60  LEU A HD13 1 
ATOM   669  H HD21 . LEU A 1 52  ? -0.396  3.824   5.624   1.00 23.15 ? 60  LEU A HD21 1 
ATOM   670  H HD22 . LEU A 1 52  ? 0.652   3.288   4.558   1.00 23.15 ? 60  LEU A HD22 1 
ATOM   671  H HD23 . LEU A 1 52  ? 0.457   2.521   5.935   1.00 23.15 ? 60  LEU A HD23 1 
ATOM   672  N N    . CYS A 1 53  ? 5.127   3.264   8.268   1.00 29.08 ? 61  CYS A N    1 
ATOM   673  C CA   . CYS A 1 53  ? 5.996   2.353   9.005   1.00 33.27 ? 61  CYS A CA   1 
ATOM   674  C C    . CYS A 1 53  ? 7.472   2.669   8.748   1.00 37.77 ? 61  CYS A C    1 
ATOM   675  O O    . CYS A 1 53  ? 8.234   1.847   8.235   1.00 44.82 ? 61  CYS A O    1 
ATOM   676  C CB   . CYS A 1 53  ? 5.683   0.897   8.646   1.00 37.67 ? 61  CYS A CB   1 
ATOM   677  S SG   . CYS A 1 53  ? 4.037   0.343   9.118   1.00 45.50 ? 61  CYS A SG   1 
ATOM   678  H H    . CYS A 1 53  ? 4.571   3.687   8.769   1.00 28.37 ? 61  CYS A H    1 
ATOM   679  H HA   . CYS A 1 53  ? 5.832   2.480   9.952   1.00 33.40 ? 61  CYS A HA   1 
ATOM   680  H HB2  . CYS A 1 53  ? 5.762   0.792   7.686   1.00 38.68 ? 61  CYS A HB2  1 
ATOM   681  H HB3  . CYS A 1 53  ? 6.324   0.324   9.097   1.00 38.68 ? 61  CYS A HB3  1 
ATOM   682  N N    . VAL A 1 54  ? 7.863   3.881   9.122   1.00 35.69 ? 62  VAL A N    1 
ATOM   683  C CA   . VAL A 1 54  ? 9.254   4.293   9.008   1.00 39.32 ? 62  VAL A CA   1 
ATOM   684  C C    . VAL A 1 54  ? 10.019  3.835   10.239  1.00 47.52 ? 62  VAL A C    1 
ATOM   685  O O    . VAL A 1 54  ? 9.940   4.459   11.297  1.00 47.11 ? 62  VAL A O    1 
ATOM   686  C CB   . VAL A 1 54  ? 9.379   5.810   8.825   1.00 40.18 ? 62  VAL A CB   1 
ATOM   687  C CG1  . VAL A 1 54  ? 10.846  6.218   8.854   1.00 50.59 ? 62  VAL A CG1  1 
ATOM   688  C CG2  . VAL A 1 54  ? 8.722   6.237   7.521   1.00 39.98 ? 62  VAL A CG2  1 
ATOM   689  H H    . VAL A 1 54  ? 7.342   4.483   9.445   1.00 36.19 ? 62  VAL A H    1 
ATOM   690  H HA   . VAL A 1 54  ? 9.642   3.878   8.222   1.00 40.56 ? 62  VAL A HA   1 
ATOM   691  H HB   . VAL A 1 54  ? 8.924   6.263   9.551   1.00 41.58 ? 62  VAL A HB   1 
ATOM   692  H HG11 . VAL A 1 54  ? 10.933  7.108   8.480   1.00 54.08 ? 62  VAL A HG11 1 
ATOM   693  H HG12 . VAL A 1 54  ? 11.156  6.214   9.774   1.00 54.08 ? 62  VAL A HG12 1 
ATOM   694  H HG13 . VAL A 1 54  ? 11.361  5.586   8.329   1.00 54.08 ? 62  VAL A HG13 1 
ATOM   695  H HG21 . VAL A 1 54  ? 8.802   7.200   7.428   1.00 41.34 ? 62  VAL A HG21 1 
ATOM   696  H HG22 . VAL A 1 54  ? 9.168   5.795   6.782   1.00 41.34 ? 62  VAL A HG22 1 
ATOM   697  H HG23 . VAL A 1 54  ? 7.786   5.983   7.542   1.00 41.34 ? 62  VAL A HG23 1 
ATOM   698  N N    . GLN A 1 70  ? -8.658  4.778   13.124  1.00 44.48 ? 78  GLN A N    1 
ATOM   699  C CA   . GLN A 1 70  ? -7.230  4.511   12.998  1.00 49.63 ? 78  GLN A CA   1 
ATOM   700  C C    . GLN A 1 70  ? -6.970  3.629   11.784  1.00 50.42 ? 78  GLN A C    1 
ATOM   701  O O    . GLN A 1 70  ? -7.558  2.558   11.649  1.00 47.74 ? 78  GLN A O    1 
ATOM   702  C CB   . GLN A 1 70  ? -6.693  3.846   14.264  1.00 44.97 ? 78  GLN A CB   1 
ATOM   703  C CG   . GLN A 1 70  ? -5.190  3.631   14.261  1.00 43.52 ? 78  GLN A CG   1 
ATOM   704  C CD   . GLN A 1 70  ? -4.650  3.302   15.640  1.00 50.09 ? 78  GLN A CD   1 
ATOM   705  O OE1  . GLN A 1 70  ? -5.102  3.852   16.645  1.00 52.78 ? 78  GLN A OE1  1 
ATOM   706  N NE2  . GLN A 1 70  ? -3.678  2.399   15.695  1.00 38.44 ? 78  GLN A NE2  1 
ATOM   707  H HA   . GLN A 1 70  ? -6.750  5.346   12.883  1.00 47.03 ? 78  GLN A HA   1 
ATOM   708  H HB2  . GLN A 1 70  ? -6.910  4.407   15.025  1.00 41.44 ? 78  GLN A HB2  1 
ATOM   709  H HB3  . GLN A 1 70  ? -7.114  2.978   14.361  1.00 41.44 ? 78  GLN A HB3  1 
ATOM   710  H HG2  . GLN A 1 70  ? -4.976  2.893   13.669  1.00 39.69 ? 78  GLN A HG2  1 
ATOM   711  H HG3  . GLN A 1 70  ? -4.754  4.441   13.953  1.00 39.69 ? 78  GLN A HG3  1 
ATOM   712  H HE21 . GLN A 1 70  ? -3.387  2.035   14.971  1.00 33.60 ? 78  GLN A HE21 1 
ATOM   713  H HE22 . GLN A 1 70  ? -3.338  2.178   16.453  1.00 33.60 ? 78  GLN A HE22 1 
ATOM   714  N N    . TYR A 1 71  ? -6.084  4.083   10.898  1.00 50.07 ? 79  TYR A N    1 
ATOM   715  C CA   . TYR A 1 71  ? -5.818  3.362   9.657   1.00 39.32 ? 79  TYR A CA   1 
ATOM   716  C C    . TYR A 1 71  ? -4.758  2.280   9.843   1.00 42.19 ? 79  TYR A C    1 
ATOM   717  O O    . TYR A 1 71  ? -5.006  1.105   9.557   1.00 43.64 ? 79  TYR A O    1 
ATOM   718  C CB   . TYR A 1 71  ? -5.382  4.339   8.561   1.00 41.60 ? 79  TYR A CB   1 
ATOM   719  C CG   . TYR A 1 71  ? -5.107  3.669   7.234   1.00 33.70 ? 79  TYR A CG   1 
ATOM   720  C CD1  . TYR A 1 71  ? -6.147  3.189   6.452   1.00 36.39 ? 79  TYR A CD1  1 
ATOM   721  C CD2  . TYR A 1 71  ? -3.809  3.505   6.772   1.00 35.06 ? 79  TYR A CD2  1 
ATOM   722  C CE1  . TYR A 1 71  ? -5.903  2.574   5.242   1.00 38.32 ? 79  TYR A CE1  1 
ATOM   723  C CE2  . TYR A 1 71  ? -3.554  2.888   5.561   1.00 36.09 ? 79  TYR A CE2  1 
ATOM   724  C CZ   . TYR A 1 71  ? -4.606  2.425   4.801   1.00 37.94 ? 79  TYR A CZ   1 
ATOM   725  O OH   . TYR A 1 71  ? -4.362  1.810   3.595   1.00 44.51 ? 79  TYR A OH   1 
ATOM   726  H H    . TYR A 1 71  ? -5.626  4.805   10.993  1.00 48.17 ? 79  TYR A H    1 
ATOM   727  H HA   . TYR A 1 71  ? -6.643  2.934   9.378   1.00 35.28 ? 79  TYR A HA   1 
ATOM   728  H HB2  . TYR A 1 71  ? -6.085  4.993   8.425   1.00 38.02 ? 79  TYR A HB2  1 
ATOM   729  H HB3  . TYR A 1 71  ? -4.567  4.783   8.845   1.00 38.02 ? 79  TYR A HB3  1 
ATOM   730  H HD1  . TYR A 1 71  ? -7.023  3.283   6.748   1.00 31.76 ? 79  TYR A HD1  1 
ATOM   731  H HD2  . TYR A 1 71  ? -3.097  3.814   7.285   1.00 30.16 ? 79  TYR A HD2  1 
ATOM   732  H HE1  . TYR A 1 71  ? -6.612  2.260   4.726   1.00 34.07 ? 79  TYR A HE1  1 
ATOM   733  H HE2  . TYR A 1 71  ? -2.679  2.788   5.262   1.00 31.39 ? 79  TYR A HE2  1 
ATOM   734  H HH   . TYR A 1 71  ? -5.080  1.513   3.274   1.00 41.50 ? 79  TYR A HH   1 
ATOM   735  N N    . THR A 1 72  ? -3.572  2.665   10.306  1.00 49.90 ? 80  THR A N    1 
ATOM   736  C CA   . THR A 1 72  ? -2.471  1.724   10.462  1.00 45.68 ? 80  THR A CA   1 
ATOM   737  C C    . THR A 1 72  ? -2.629  0.966   11.774  1.00 42.02 ? 80  THR A C    1 
ATOM   738  O O    . THR A 1 72  ? -2.737  1.578   12.843  1.00 39.97 ? 80  THR A O    1 
ATOM   739  C CB   . THR A 1 72  ? -1.132  2.456   10.419  1.00 47.70 ? 80  THR A CB   1 
ATOM   740  O OG1  . THR A 1 72  ? -1.141  3.408   9.347   1.00 50.73 ? 80  THR A OG1  1 
ATOM   741  C CG2  . THR A 1 72  ? 0.009   1.470   10.209  1.00 49.25 ? 80  THR A CG2  1 
ATOM   742  H H    . THR A 1 72  ? -3.380  3.471   10.538  1.00 45.36 ? 80  THR A H    1 
ATOM   743  H HA   . THR A 1 72  ? -2.490  1.085   9.732   1.00 40.29 ? 80  THR A HA   1 
ATOM   744  H HB   . THR A 1 72  ? -0.989  2.917   11.261  1.00 42.72 ? 80  THR A HB   1 
ATOM   745  H HG1  . THR A 1 72  ? -0.395  3.790   9.297   1.00 46.35 ? 80  THR A HG1  1 
ATOM   746  H HG21 . THR A 1 72  ? 0.852   1.946   10.145  1.00 44.57 ? 80  THR A HG21 1 
ATOM   747  H HG22 . THR A 1 72  ? 0.053   0.850   10.953  1.00 44.57 ? 80  THR A HG22 1 
ATOM   748  H HG23 . THR A 1 72  ? -0.132  0.969   9.389   1.00 44.57 ? 80  THR A HG23 1 
ATOM   749  N N    . VAL A 1 73  ? -2.642  -0.359  11.692  1.00 44.50 ? 81  VAL A N    1 
ATOM   750  C CA   . VAL A 1 73  ? -2.834  -1.219  12.854  1.00 41.98 ? 81  VAL A CA   1 
ATOM   751  C C    . VAL A 1 73  ? -1.516  -1.821  13.325  1.00 50.43 ? 81  VAL A C    1 
ATOM   752  O O    . VAL A 1 73  ? -1.224  -1.838  14.520  1.00 45.41 ? 81  VAL A O    1 
ATOM   753  C CB   . VAL A 1 73  ? -3.866  -2.324  12.527  1.00 42.12 ? 81  VAL A CB   1 
ATOM   754  C CG1  . VAL A 1 73  ? -3.819  -3.424  13.576  1.00 44.49 ? 81  VAL A CG1  1 
ATOM   755  C CG2  . VAL A 1 73  ? -5.265  -1.732  12.421  1.00 45.15 ? 81  VAL A CG2  1 
ATOM   756  H H    . VAL A 1 73  ? -2.540  -0.793  10.958  1.00 43.98 ? 81  VAL A H    1 
ATOM   757  H HA   . VAL A 1 73  ? -3.186  -0.683  13.581  1.00 40.96 ? 81  VAL A HA   1 
ATOM   758  H HB   . VAL A 1 73  ? -3.643  -2.719  11.670  1.00 41.13 ? 81  VAL A HB   1 
ATOM   759  H HG11 . VAL A 1 73  ? -4.632  -3.949  13.520  1.00 43.98 ? 81  VAL A HG11 1 
ATOM   760  H HG12 . VAL A 1 73  ? -3.048  -3.988  13.409  1.00 43.98 ? 81  VAL A HG12 1 
ATOM   761  H HG13 . VAL A 1 73  ? -3.747  -3.019  14.455  1.00 43.98 ? 81  VAL A HG13 1 
ATOM   762  H HG21 . VAL A 1 73  ? -5.888  -2.437  12.185  1.00 44.77 ? 81  VAL A HG21 1 
ATOM   763  H HG22 . VAL A 1 73  ? -5.510  -1.345  13.276  1.00 44.77 ? 81  VAL A HG22 1 
ATOM   764  H HG23 . VAL A 1 73  ? -5.267  -1.046  11.735  1.00 44.77 ? 81  VAL A HG23 1 
ATOM   765  N N    . SER A 1 74  ? -0.713  -2.330  12.396  1.00 42.95 ? 82  SER A N    1 
ATOM   766  C CA   . SER A 1 74  ? 0.559   -2.947  12.743  1.00 35.47 ? 82  SER A CA   1 
ATOM   767  C C    . SER A 1 74  ? 1.474   -2.883  11.532  1.00 32.93 ? 82  SER A C    1 
ATOM   768  O O    . SER A 1 74  ? 1.020   -2.779  10.390  1.00 39.09 ? 82  SER A O    1 
ATOM   769  C CB   . SER A 1 74  ? 0.371   -4.397  13.207  1.00 41.44 ? 82  SER A CB   1 
ATOM   770  O OG   . SER A 1 74  ? 1.602   -5.098  13.207  1.00 46.92 ? 82  SER A OG   1 
ATOM   771  H H    . SER A 1 74  ? -0.882  -2.329  11.554  1.00 45.55 ? 82  SER A H    1 
ATOM   772  H HA   . SER A 1 74  ? 0.975   -2.450  13.466  1.00 36.57 ? 82  SER A HA   1 
ATOM   773  H HB2  . SER A 1 74  ? 0.010   -4.394  14.107  1.00 43.74 ? 82  SER A HB2  1 
ATOM   774  H HB3  . SER A 1 74  ? -0.245  -4.842  12.604  1.00 43.74 ? 82  SER A HB3  1 
ATOM   775  H HG   . SER A 1 74  ? 2.136   -4.743  13.750  1.00 50.31 ? 82  SER A HG   1 
ATOM   776  N N    . CYS A 1 75  ? 2.777   -2.940  11.798  1.00 37.31 ? 83  CYS A N    1 
ATOM   777  C CA   . CYS A 1 75  ? 3.784   -2.926  10.750  1.00 37.21 ? 83  CYS A CA   1 
ATOM   778  C C    . CYS A 1 75  ? 4.473   -4.273  10.583  1.00 39.42 ? 83  CYS A C    1 
ATOM   779  O O    . CYS A 1 75  ? 5.352   -4.398  9.725   1.00 31.65 ? 83  CYS A O    1 
ATOM   780  C CB   . CYS A 1 75  ? 4.840   -1.854  11.043  1.00 36.99 ? 83  CYS A CB   1 
ATOM   781  S SG   . CYS A 1 75  ? 4.224   -0.158  11.076  1.00 52.17 ? 83  CYS A SG   1 
ATOM   782  H H    . CYS A 1 75  ? 3.104   -2.987  12.592  1.00 37.27 ? 83  CYS A H    1 
ATOM   783  H HA   . CYS A 1 75  ? 3.353   -2.699  9.910   1.00 37.16 ? 83  CYS A HA   1 
ATOM   784  H HB2  . CYS A 1 75  ? 5.229   -2.038  11.913  1.00 36.89 ? 83  CYS A HB2  1 
ATOM   785  H HB3  . CYS A 1 75  ? 5.524   -1.902  10.357  1.00 36.89 ? 83  CYS A HB3  1 
ATOM   786  N N    . LEU A 1 76  ? 4.090   -5.281  11.361  1.00 62.76 ? 84  LEU A N    1 
ATOM   787  C CA   . LEU A 1 76  ? 4.849   -6.531  11.458  1.00 57.96 ? 84  LEU A CA   1 
ATOM   788  C C    . LEU A 1 76  ? 3.898   -7.683  11.731  1.00 57.48 ? 84  LEU A C    1 
ATOM   789  O O    . LEU A 1 76  ? 3.743   -8.129  12.874  1.00 66.71 ? 84  LEU A O    1 
ATOM   790  C CB   . LEU A 1 76  ? 5.887   -6.431  12.577  1.00 33.08 ? 84  LEU A CB   1 
ATOM   791  C CG   . LEU A 1 76  ? 7.006   -5.387  12.491  1.00 33.08 ? 84  LEU A CG   1 
ATOM   792  C CD1  . LEU A 1 76  ? 7.694   -5.308  13.876  1.00 33.08 ? 84  LEU A CD1  1 
ATOM   793  C CD2  . LEU A 1 76  ? 8.032   -5.717  11.426  1.00 33.08 ? 84  LEU A CD2  1 
ATOM   794  H H    . LEU A 1 76  ? 3.384   -5.268  11.853  1.00 60.85 ? 84  LEU A H    1 
ATOM   795  H HA   . LEU A 1 76  ? 5.292   -6.702  10.611  1.00 55.08 ? 84  LEU A HA   1 
ATOM   796  H HB2  . LEU A 1 76  ? 5.406   -6.244  13.399  1.00 30.00 ? 84  LEU A HB2  1 
ATOM   797  H HB3  . LEU A 1 76  ? 6.326   -7.293  12.639  1.00 30.00 ? 84  LEU A HB3  1 
ATOM   798  H HG   . LEU A 1 76  ? 6.620   -4.533  12.242  1.00 30.00 ? 84  LEU A HG   1 
ATOM   799  H HD11 . LEU A 1 76  ? 8.372   -4.615  13.852  1.00 30.00 ? 84  LEU A HD11 1 
ATOM   800  H HD12 . LEU A 1 76  ? 7.028   -5.095  14.548  1.00 30.00 ? 84  LEU A HD12 1 
ATOM   801  H HD13 . LEU A 1 76  ? 8.103   -6.165  14.075  1.00 30.00 ? 84  LEU A HD13 1 
ATOM   802  H HD21 . LEU A 1 76  ? 8.697   -5.010  11.401  1.00 30.00 ? 84  LEU A HD21 1 
ATOM   803  H HD22 . LEU A 1 76  ? 8.457   -6.560  11.647  1.00 30.00 ? 84  LEU A HD22 1 
ATOM   804  H HD23 . LEU A 1 76  ? 7.587   -5.784  10.567  1.00 30.00 ? 84  LEU A HD23 1 
ATOM   805  N N    . PRO A 1 77  ? 3.229   -8.207  10.692  1.00 53.08 ? 85  PRO A N    1 
ATOM   806  C CA   . PRO A 1 77  ? 3.180   -7.764  9.291   1.00 39.31 ? 85  PRO A CA   1 
ATOM   807  C C    . PRO A 1 77  ? 2.342   -6.504  9.108   1.00 33.89 ? 85  PRO A C    1 
ATOM   808  O O    . PRO A 1 77  ? 1.611   -6.120  10.019  1.00 48.54 ? 85  PRO A O    1 
ATOM   809  C CB   . PRO A 1 77  ? 2.534   -8.952  8.573   1.00 40.63 ? 85  PRO A CB   1 
ATOM   810  C CG   . PRO A 1 77  ? 1.660   -9.578  9.635   1.00 49.08 ? 85  PRO A CG   1 
ATOM   811  C CD   . PRO A 1 77  ? 2.461   -9.448  10.905  1.00 51.91 ? 85  PRO A CD   1 
ATOM   812  H HA   . PRO A 1 77  ? 4.073   -7.615  8.942   1.00 40.26 ? 85  PRO A HA   1 
ATOM   813  H HB2  . PRO A 1 77  ? 2.006   -8.642  7.820   1.00 41.84 ? 85  PRO A HB2  1 
ATOM   814  H HB3  . PRO A 1 77  ? 3.215   -9.571  8.267   1.00 41.84 ? 85  PRO A HB3  1 
ATOM   815  H HG2  . PRO A 1 77  ? 0.820   -9.096  9.701   1.00 51.98 ? 85  PRO A HG2  1 
ATOM   816  H HG3  . PRO A 1 77  ? 1.492   -10.509 9.422   1.00 51.98 ? 85  PRO A HG3  1 
ATOM   817  H HD2  . PRO A 1 77  ? 1.877   -9.365  11.674  1.00 55.38 ? 85  PRO A HD2  1 
ATOM   818  H HD3  . PRO A 1 77  ? 3.054   -10.206 11.018  1.00 55.38 ? 85  PRO A HD3  1 
ATOM   819  N N    . PHE A 1 78  ? 2.443   -5.874  7.940   1.00 37.08 ? 86  PHE A N    1 
ATOM   820  C CA   . PHE A 1 78  ? 1.706   -4.640  7.668   1.00 45.82 ? 86  PHE A CA   1 
ATOM   821  C C    . PHE A 1 78  ? 0.212   -4.933  7.636   1.00 42.52 ? 86  PHE A C    1 
ATOM   822  O O    . PHE A 1 78  ? -0.286  -5.549  6.689   1.00 35.42 ? 86  PHE A O    1 
ATOM   823  C CB   . PHE A 1 78  ? 2.167   -4.034  6.348   1.00 36.25 ? 86  PHE A CB   1 
ATOM   824  C CG   . PHE A 1 78  ? 1.431   -2.785  5.970   1.00 35.24 ? 86  PHE A CG   1 
ATOM   825  C CD1  . PHE A 1 78  ? 1.527   -1.645  6.748   1.00 40.54 ? 86  PHE A CD1  1 
ATOM   826  C CD2  . PHE A 1 78  ? 0.632   -2.754  4.841   1.00 40.34 ? 86  PHE A CD2  1 
ATOM   827  C CE1  . PHE A 1 78  ? 0.844   -0.494  6.404   1.00 40.22 ? 86  PHE A CE1  1 
ATOM   828  C CE2  . PHE A 1 78  ? -0.056  -1.605  4.493   1.00 36.73 ? 86  PHE A CE2  1 
ATOM   829  C CZ   . PHE A 1 78  ? 0.052   -0.475  5.276   1.00 36.00 ? 86  PHE A CZ   1 
ATOM   830  H H    . PHE A 1 78  ? 2.934   -6.141  7.286   1.00 33.77 ? 86  PHE A H    1 
ATOM   831  H HA   . PHE A 1 78  ? 1.881   -4.003  8.378   1.00 44.27 ? 86  PHE A HA   1 
ATOM   832  H HB2  . PHE A 1 78  ? 3.109   -3.812  6.419   1.00 32.78 ? 86  PHE A HB2  1 
ATOM   833  H HB3  . PHE A 1 78  ? 2.031   -4.683  5.641   1.00 32.78 ? 86  PHE A HB3  1 
ATOM   834  H HD1  . PHE A 1 78  ? 2.057   -1.653  7.512   1.00 37.92 ? 86  PHE A HD1  1 
ATOM   835  H HD2  . PHE A 1 78  ? 0.556   -3.514  4.311   1.00 37.68 ? 86  PHE A HD2  1 
ATOM   836  H HE1  . PHE A 1 78  ? 0.918   0.266   6.933   1.00 37.54 ? 86  PHE A HE1  1 
ATOM   837  H HE2  . PHE A 1 78  ? -0.590  -1.595  3.732   1.00 33.35 ? 86  PHE A HE2  1 
ATOM   838  H HZ   . PHE A 1 78  ? -0.407  0.300   5.042   1.00 32.47 ? 86  PHE A HZ   1 
ATOM   839  N N    . THR A 1 79  ? -0.504  -4.500  8.671   1.00 33.41 ? 87  THR A N    1 
ATOM   840  C CA   . THR A 1 79  ? -1.948  -4.657  8.746   1.00 31.29 ? 87  THR A CA   1 
ATOM   841  C C    . THR A 1 79  ? -2.605  -3.294  8.917   1.00 35.60 ? 87  THR A C    1 
ATOM   842  O O    . THR A 1 79  ? -2.041  -2.389  9.538   1.00 38.36 ? 87  THR A O    1 
ATOM   843  C CB   . THR A 1 79  ? -2.367  -5.564  9.906   1.00 36.32 ? 87  THR A CB   1 
ATOM   844  O OG1  . THR A 1 79  ? -2.181  -4.874  11.148  1.00 51.16 ? 87  THR A OG1  1 
ATOM   845  C CG2  . THR A 1 79  ? -1.540  -6.840  9.917   1.00 39.84 ? 87  THR A CG2  1 
ATOM   846  H H    . THR A 1 79  ? -0.166  -4.104  9.355   1.00 33.33 ? 87  THR A H    1 
ATOM   847  H HA   . THR A 1 79  ? -2.262  -5.058  7.921   1.00 30.79 ? 87  THR A HA   1 
ATOM   848  H HB   . THR A 1 79  ? -3.301  -5.806  9.805   1.00 36.82 ? 87  THR A HB   1 
ATOM   849  H HG1  . THR A 1 79  ? -2.584  -5.278  11.765  1.00 54.63 ? 87  THR A HG1  1 
ATOM   850  H HG21 . THR A 1 79  ? -1.992  -7.525  10.435  1.00 41.05 ? 87  THR A HG21 1 
ATOM   851  H HG22 . THR A 1 79  ? -1.417  -7.163  9.010   1.00 41.05 ? 87  THR A HG22 1 
ATOM   852  H HG23 . THR A 1 79  ? -0.671  -6.670  10.311  1.00 41.05 ? 87  THR A HG23 1 
ATOM   853  N N    . ILE A 1 80  ? -3.813  -3.161  8.373   1.00 42.69 ? 88  ILE A N    1 
ATOM   854  C CA   . ILE A 1 80  ? -4.565  -1.916  8.426   1.00 35.42 ? 88  ILE A CA   1 
ATOM   855  C C    . ILE A 1 80  ? -6.005  -2.221  8.821   1.00 35.20 ? 88  ILE A C    1 
ATOM   856  O O    . ILE A 1 80  ? -6.452  -3.367  8.795   1.00 39.56 ? 88  ILE A O    1 
ATOM   857  C CB   . ILE A 1 80  ? -4.535  -1.161  7.080   1.00 34.00 ? 88  ILE A CB   1 
ATOM   858  C CG1  . ILE A 1 80  ? -5.145  -2.028  5.973   1.00 42.87 ? 88  ILE A CG1  1 
ATOM   859  C CG2  . ILE A 1 80  ? -3.114  -0.775  6.704   1.00 34.65 ? 88  ILE A CG2  1 
ATOM   860  C CD1  . ILE A 1 80  ? -5.744  -1.238  4.822   1.00 39.59 ? 88  ILE A CD1  1 
ATOM   861  H H    . ILE A 1 80  ? -4.225  -3.793  7.961   1.00 43.70 ? 88  ILE A H    1 
ATOM   862  H HA   . ILE A 1 80  ? -4.176  -1.349  9.109   1.00 34.97 ? 88  ILE A HA   1 
ATOM   863  H HB   . ILE A 1 80  ? -5.060  -0.351  7.181   1.00 33.27 ? 88  ILE A HB   1 
ATOM   864  H HG12 . ILE A 1 80  ? -4.450  -2.598  5.607   1.00 43.91 ? 88  ILE A HG12 1 
ATOM   865  H HG13 . ILE A 1 80  ? -5.851  -2.569  6.358   1.00 43.91 ? 88  ILE A HG13 1 
ATOM   866  H HG21 . ILE A 1 80  ? -3.128  -0.306  5.855   1.00 34.05 ? 88  ILE A HG21 1 
ATOM   867  H HG22 . ILE A 1 80  ? -2.750  -0.200  7.395   1.00 34.05 ? 88  ILE A HG22 1 
ATOM   868  H HG23 . ILE A 1 80  ? -2.578  -1.581  6.628   1.00 34.05 ? 88  ILE A HG23 1 
ATOM   869  H HD11 . ILE A 1 80  ? -6.110  -1.858  4.171   1.00 39.98 ? 88  ILE A HD11 1 
ATOM   870  H HD12 . ILE A 1 80  ? -6.447  -0.665  5.164   1.00 39.98 ? 88  ILE A HD12 1 
ATOM   871  H HD13 . ILE A 1 80  ? -5.049  -0.701  4.412   1.00 39.98 ? 88  ILE A HD13 1 
ATOM   872  N N    . ASN A 1 81  ? -6.730  -1.167  9.186   1.00 39.76 ? 89  ASN A N    1 
ATOM   873  C CA   . ASN A 1 81  ? -8.183  -1.236  9.263   1.00 40.97 ? 89  ASN A CA   1 
ATOM   874  C C    . ASN A 1 81  ? -8.745  -1.073  7.860   1.00 42.48 ? 89  ASN A C    1 
ATOM   875  O O    . ASN A 1 81  ? -8.401  -0.115  7.150   1.00 44.50 ? 89  ASN A O    1 
ATOM   876  C CB   . ASN A 1 81  ? -8.734  -0.164  10.196  1.00 43.77 ? 89  ASN A CB   1 
ATOM   877  C CG   . ASN A 1 81  ? -8.852  -0.650  11.629  1.00 51.38 ? 89  ASN A CG   1 
ATOM   878  O OD1  . ASN A 1 81  ? -9.487  -1.668  11.900  1.00 49.40 ? 89  ASN A OD1  1 
ATOM   879  N ND2  . ASN A 1 81  ? -8.237  0.079   12.555  1.00 50.22 ? 89  ASN A ND2  1 
ATOM   880  H H    . ASN A 1 81  ? -6.403  -0.400  9.395   1.00 34.67 ? 89  ASN A H    1 
ATOM   881  H HA   . ASN A 1 81  ? -8.459  -2.093  9.624   1.00 36.13 ? 89  ASN A HA   1 
ATOM   882  H HB2  . ASN A 1 81  ? -8.140  0.602   10.184  1.00 39.49 ? 89  ASN A HB2  1 
ATOM   883  H HB3  . ASN A 1 81  ? -9.617  0.097   9.892   1.00 39.49 ? 89  ASN A HB3  1 
ATOM   884  H HD21 . ASN A 1 81  ? -8.275  -0.155  13.382  1.00 47.23 ? 89  ASN A HD21 1 
ATOM   885  H HD22 . ASN A 1 81  ? -7.801  0.785   12.328  1.00 47.23 ? 89  ASN A HD22 1 
ATOM   886  N N    . CYS A 1 82  ? -9.592  -2.021  7.453   1.00 39.71 ? 90  CYS A N    1 
ATOM   887  C CA   . CYS A 1 82  ? -10.060 -2.112  6.065   1.00 40.30 ? 90  CYS A CA   1 
ATOM   888  C C    . CYS A 1 82  ? -10.975 -0.938  5.731   1.00 40.88 ? 90  CYS A C    1 
ATOM   889  O O    . CYS A 1 82  ? -12.206 -1.030  5.796   1.00 46.05 ? 90  CYS A O    1 
ATOM   890  C CB   . CYS A 1 82  ? -10.754 -3.464  5.835   1.00 38.39 ? 90  CYS A CB   1 
ATOM   891  S SG   . CYS A 1 82  ? -11.568 -3.622  4.246   1.00 36.69 ? 90  CYS A SG   1 
ATOM   892  H H    . CYS A 1 82  ? -9.913  -2.631  7.967   1.00 39.28 ? 90  CYS A H    1 
ATOM   893  H HA   . CYS A 1 82  ? -9.293  -2.043  5.475   1.00 39.99 ? 90  CYS A HA   1 
ATOM   894  H HB2  . CYS A 1 82  ? -10.088 -4.167  5.894   1.00 37.69 ? 90  CYS A HB2  1 
ATOM   895  H HB3  . CYS A 1 82  ? -11.427 -3.587  6.522   1.00 37.69 ? 90  CYS A HB3  1 
ATOM   896  N N    . GLN A 1 83  ? -10.356 0.209   5.410   1.00 46.69 ? 91  GLN A N    1 
ATOM   897  C CA   . GLN A 1 83  ? -11.023 1.262   4.679   1.00 41.49 ? 91  GLN A CA   1 
ATOM   898  C C    . GLN A 1 83  ? -10.068 2.012   3.770   1.00 42.42 ? 91  GLN A C    1 
ATOM   899  O O    . GLN A 1 83  ? -8.850  1.864   3.874   1.00 45.18 ? 91  GLN A O    1 
ATOM   900  C CB   . GLN A 1 83  ? -11.665 2.306   5.611   1.00 40.04 ? 91  GLN A CB   1 
ATOM   901  C CG   . GLN A 1 83  ? -10.596 2.979   6.457   1.00 47.43 ? 91  GLN A CG   1 
ATOM   902  C CD   . GLN A 1 83  ? -10.547 2.441   7.912   1.00 48.98 ? 91  GLN A CD   1 
ATOM   903  O OE1  . GLN A 1 83  ? -11.343 1.574   8.324   1.00 61.25 ? 91  GLN A OE1  1 
ATOM   904  N NE2  . GLN A 1 83  ? -9.514  2.828   8.631   1.00 50.29 ? 91  GLN A NE2  1 
ATOM   905  H H    . GLN A 1 83  ? -9.540  0.390   5.615   1.00 48.67 ? 91  GLN A H    1 
ATOM   906  H HA   . GLN A 1 83  ? -11.691 0.810   4.138   1.00 42.43 ? 91  GLN A HA   1 
ATOM   907  H HB2  . GLN A 1 83  ? -12.115 2.982   5.081   1.00 40.68 ? 91  GLN A HB2  1 
ATOM   908  H HB3  . GLN A 1 83  ? -12.299 1.869   6.200   1.00 40.68 ? 91  GLN A HB3  1 
ATOM   909  H HG2  . GLN A 1 83  ? -9.728  2.823   6.052   1.00 49.55 ? 91  GLN A HG2  1 
ATOM   910  H HG3  . GLN A 1 83  ? -10.777 3.931   6.496   1.00 49.55 ? 91  GLN A HG3  1 
ATOM   911  H HE21 . GLN A 1 83  ? -8.922  3.346   8.286   1.00 52.99 ? 91  GLN A HE21 1 
ATOM   912  H HE22 . GLN A 1 83  ? -9.434  2.562   9.444   1.00 52.99 ? 91  GLN A HE22 1 
ATOM   913  N N    . GLU A 1 84  ? -10.646 2.908   2.957   1.00 42.73 ? 92  GLU A N    1 
ATOM   914  C CA   . GLU A 1 84  ? -9.845  3.815   2.141   1.00 43.02 ? 92  GLU A CA   1 
ATOM   915  C C    . GLU A 1 84  ? -9.355  4.992   2.984   1.00 45.24 ? 92  GLU A C    1 
ATOM   916  O O    . GLU A 1 84  ? -10.154 5.614   3.689   1.00 44.82 ? 92  GLU A O    1 
ATOM   917  C CB   . GLU A 1 84  ? -10.652 4.346   0.954   1.00 39.76 ? 92  GLU A CB   1 
ATOM   918  C CG   . GLU A 1 84  ? -10.671 3.441   -0.259  1.00 49.52 ? 92  GLU A CG   1 
ATOM   919  C CD   . GLU A 1 84  ? -9.316  3.320   -0.920  1.00 43.15 ? 92  GLU A CD   1 
ATOM   920  O OE1  . GLU A 1 84  ? -8.595  4.340   -0.991  1.00 49.07 ? 92  GLU A OE1  1 
ATOM   921  O OE2  . GLU A 1 84  ? -8.974  2.210   -1.376  1.00 47.18 ? 92  GLU A OE2  1 
ATOM   922  H H    . GLU A 1 84  ? -11.495 3.008   2.866   1.00 41.80 ? 92  GLU A H    1 
ATOM   923  H HA   . GLU A 1 84  ? -9.078  3.331   1.798   1.00 42.15 ? 92  GLU A HA   1 
ATOM   924  H HB2  . GLU A 1 84  ? -11.572 4.471   1.239   1.00 38.24 ? 92  GLU A HB2  1 
ATOM   925  H HB3  . GLU A 1 84  ? -10.272 5.194   0.679   1.00 38.24 ? 92  GLU A HB3  1 
ATOM   926  H HG2  . GLU A 1 84  ? -10.953 2.553   0.014   1.00 49.95 ? 92  GLU A HG2  1 
ATOM   927  H HG3  . GLU A 1 84  ? -11.293 3.799   -0.912  1.00 49.95 ? 92  GLU A HG3  1 
ATOM   928  N N    . PRO A 1 85  ? -8.063  5.335   2.938   1.00 39.57 ? 93  PRO A N    1 
ATOM   929  C CA   . PRO A 1 85  ? -7.594  6.511   3.686   1.00 35.27 ? 93  PRO A CA   1 
ATOM   930  C C    . PRO A 1 85  ? -8.192  7.794   3.128   1.00 43.90 ? 93  PRO A C    1 
ATOM   931  O O    . PRO A 1 85  ? -8.518  7.892   1.944   1.00 39.78 ? 93  PRO A O    1 
ATOM   932  C CB   . PRO A 1 85  ? -6.069  6.479   3.513   1.00 43.08 ? 93  PRO A CB   1 
ATOM   933  C CG   . PRO A 1 85  ? -5.812  5.605   2.330   1.00 47.21 ? 93  PRO A CG   1 
ATOM   934  C CD   . PRO A 1 85  ? -6.972  4.660   2.208   1.00 39.26 ? 93  PRO A CD   1 
ATOM   935  H HA   . PRO A 1 85  ? -7.808  6.429   4.629   1.00 35.18 ? 93  PRO A HA   1 
ATOM   936  H HB2  . PRO A 1 85  ? -5.739  7.378   3.355   1.00 44.55 ? 93  PRO A HB2  1 
ATOM   937  H HB3  . PRO A 1 85  ? -5.657  6.111   4.310   1.00 44.55 ? 93  PRO A HB3  1 
ATOM   938  H HG2  . PRO A 1 85  ? -5.740  6.155   1.534   1.00 49.51 ? 93  PRO A HG2  1 
ATOM   939  H HG3  . PRO A 1 85  ? -4.988  5.112   2.469   1.00 49.51 ? 93  PRO A HG3  1 
ATOM   940  H HD2  . PRO A 1 85  ? -7.212  4.531   1.277   1.00 39.97 ? 93  PRO A HD2  1 
ATOM   941  H HD3  . PRO A 1 85  ? -6.763  3.807   2.618   1.00 39.97 ? 93  PRO A HD3  1 
ATOM   942  N N    . LYS A 1 86  ? -8.310  8.795   4.003   1.00 40.29 ? 94  LYS A N    1 
ATOM   943  C CA   . LYS A 1 86  ? -9.182  9.928   3.708   1.00 41.73 ? 94  LYS A CA   1 
ATOM   944  C C    . LYS A 1 86  ? -8.625  10.838  2.620   1.00 42.18 ? 94  LYS A C    1 
ATOM   945  O O    . LYS A 1 86  ? -9.402  11.483  1.906   1.00 47.16 ? 94  LYS A O    1 
ATOM   946  C CB   . LYS A 1 86  ? -9.429  10.737  4.984   1.00 42.93 ? 94  LYS A CB   1 
ATOM   947  H H    . LYS A 1 86  ? -7.904  8.841   4.760   1.00 39.74 ? 94  LYS A H    1 
ATOM   948  H HA   . LYS A 1 86  ? -10.027 9.577   3.388   1.00 41.46 ? 94  LYS A HA   1 
ATOM   949  N N    . LEU A 1 87  ? -7.303  10.918  2.475   1.00 43.28 ? 95  LEU A N    1 
ATOM   950  C CA   . LEU A 1 87  ? -6.704  11.886  1.570   1.00 49.90 ? 95  LEU A CA   1 
ATOM   951  C C    . LEU A 1 87  ? -6.061  11.274  0.332   1.00 46.08 ? 95  LEU A C    1 
ATOM   952  O O    . LEU A 1 87  ? -5.617  12.025  -0.538  1.00 43.18 ? 95  LEU A O    1 
ATOM   953  C CB   . LEU A 1 87  ? -5.654  12.729  2.318   1.00 45.99 ? 95  LEU A CB   1 
ATOM   954  C CG   . LEU A 1 87  ? -4.434  12.023  2.913   1.00 48.34 ? 95  LEU A CG   1 
ATOM   955  C CD1  . LEU A 1 87  ? -3.328  11.861  1.886   1.00 57.74 ? 95  LEU A CD1  1 
ATOM   956  C CD2  . LEU A 1 87  ? -3.939  12.792  4.136   1.00 44.35 ? 95  LEU A CD2  1 
ATOM   957  H H    . LEU A 1 87  ? -6.737  10.422  2.891   1.00 43.48 ? 95  LEU A H    1 
ATOM   958  H HA   . LEU A 1 87  ? -7.404  12.480  1.259   1.00 51.43 ? 95  LEU A HA   1 
ATOM   959  H HB2  . LEU A 1 87  ? -5.314  13.391  1.697   1.00 46.74 ? 95  LEU A HB2  1 
ATOM   960  H HB3  . LEU A 1 87  ? -6.106  13.167  3.057   1.00 46.74 ? 95  LEU A HB3  1 
ATOM   961  H HG   . LEU A 1 87  ? -4.690  11.129  3.190   1.00 49.55 ? 95  LEU A HG   1 
ATOM   962  H HD11 . LEU A 1 87  ? -2.562  11.443  2.309   1.00 60.84 ? 95  LEU A HD11 1 
ATOM   963  H HD12 . LEU A 1 87  ? -3.650  11.304  1.160   1.00 60.84 ? 95  LEU A HD12 1 
ATOM   964  H HD13 . LEU A 1 87  ? -3.082  12.736  1.548   1.00 60.84 ? 95  LEU A HD13 1 
ATOM   965  H HD21 . LEU A 1 87  ? -3.164  12.338  4.502   1.00 44.77 ? 95  LEU A HD21 1 
ATOM   966  H HD22 . LEU A 1 87  ? -3.699  13.692  3.868   1.00 44.77 ? 95  LEU A HD22 1 
ATOM   967  H HD23 . LEU A 1 87  ? -4.648  12.822  4.798   1.00 44.77 ? 95  LEU A HD23 1 
ATOM   968  N N    . GLY A 1 88  ? -5.993  9.958   0.228   1.00 38.08 ? 96  GLY A N    1 
ATOM   969  C CA   . GLY A 1 88  ? -5.365  9.345   -0.914  1.00 43.82 ? 96  GLY A CA   1 
ATOM   970  C C    . GLY A 1 88  ? -5.623  7.856   -0.921  1.00 37.95 ? 96  GLY A C    1 
ATOM   971  O O    . GLY A 1 88  ? -6.577  7.352   -0.334  1.00 55.07 ? 96  GLY A O    1 
ATOM   972  H H    . GLY A 1 88  ? -6.302  9.402   0.806   1.00 33.19 ? 96  GLY A H    1 
ATOM   973  H HA2  . GLY A 1 88  ? -5.721  9.728   -1.731  1.00 40.09 ? 96  GLY A HA2  1 
ATOM   974  H HA3  . GLY A 1 88  ? -4.407  9.497   -0.884  1.00 40.09 ? 96  GLY A HA3  1 
ATOM   975  N N    . SER A 1 89  ? -4.779  7.142   -1.607  1.00 37.97 ? 97  SER A N    1 
ATOM   976  C CA   . SER A 1 89  ? -5.025  5.725   -1.859  1.00 38.48 ? 97  SER A CA   1 
ATOM   977  C C    . SER A 1 89  ? -3.708  4.996   -1.602  1.00 45.35 ? 97  SER A C    1 
ATOM   978  O O    . SER A 1 89  ? -2.634  5.555   -1.836  1.00 43.57 ? 97  SER A O    1 
ATOM   979  C CB   . SER A 1 89  ? -5.578  5.536   -3.316  1.00 48.80 ? 97  SER A CB   1 
ATOM   980  O OG   . SER A 1 89  ? -5.694  4.187   -3.636  1.00 55.99 ? 97  SER A OG   1 
ATOM   981  H H    . SER A 1 89  ? -4.048  7.443   -1.945  1.00 33.38 ? 97  SER A H    1 
ATOM   982  H HA   . SER A 1 89  ? -5.687  5.331   -1.269  1.00 33.99 ? 97  SER A HA   1 
ATOM   983  H HB2  . SER A 1 89  ? -6.452  5.950   -3.376  1.00 46.37 ? 97  SER A HB2  1 
ATOM   984  H HB3  . SER A 1 89  ? -4.968  5.957   -3.941  1.00 46.37 ? 97  SER A HB3  1 
ATOM   985  H HG   . SER A 1 89  ? -6.444  4.038   -3.982  1.00 55.00 ? 97  SER A HG   1 
ATOM   986  N N    . LEU A 1 90  ? -3.797  3.864   -0.903  1.00 44.47 ? 98  LEU A N    1 
ATOM   987  C CA   . LEU A 1 90  ? -2.588  3.166   -0.474  1.00 35.49 ? 98  LEU A CA   1 
ATOM   988  C C    . LEU A 1 90  ? -1.739  2.788   -1.684  1.00 33.56 ? 98  LEU A C    1 
ATOM   989  O O    . LEU A 1 90  ? -2.255  2.474   -2.760  1.00 38.53 ? 98  LEU A O    1 
ATOM   990  C CB   . LEU A 1 90  ? -2.938  1.915   0.330   1.00 30.51 ? 98  LEU A CB   1 
ATOM   991  C CG   . LEU A 1 90  ? -1.793  1.000   0.778   1.00 30.30 ? 98  LEU A CG   1 
ATOM   992  C CD1  . LEU A 1 90  ? -0.948  1.678   1.841   1.00 37.09 ? 98  LEU A CD1  1 
ATOM   993  C CD2  . LEU A 1 90  ? -2.361  -0.322  1.286   1.00 31.81 ? 98  LEU A CD2  1 
ATOM   994  H H    . LEU A 1 90  ? -4.533  3.485   -0.668  1.00 43.32 ? 98  LEU A H    1 
ATOM   995  H HA   . LEU A 1 90  ? -2.069  3.752   0.100   1.00 32.55 ? 98  LEU A HA   1 
ATOM   996  H HB2  . LEU A 1 90  ? -3.396  2.201   1.135   1.00 26.57 ? 98  LEU A HB2  1 
ATOM   997  H HB3  . LEU A 1 90  ? -3.531  1.373   -0.214  1.00 26.57 ? 98  LEU A HB3  1 
ATOM   998  H HG   . LEU A 1 90  ? -1.212  0.814   0.024   1.00 26.32 ? 98  LEU A HG   1 
ATOM   999  H HD11 . LEU A 1 90  ? -0.414  1.006   2.294   1.00 34.47 ? 98  LEU A HD11 1 
ATOM   1000 H HD12 . LEU A 1 90  ? -0.368  2.329   1.418   1.00 34.47 ? 98  LEU A HD12 1 
ATOM   1001 H HD13 . LEU A 1 90  ? -1.532  2.118   2.477   1.00 34.47 ? 98  LEU A HD13 1 
ATOM   1002 H HD21 . LEU A 1 90  ? -1.628  -0.899  1.554   1.00 28.13 ? 98  LEU A HD21 1 
ATOM   1003 H HD22 . LEU A 1 90  ? -2.938  -0.146  2.046   1.00 28.13 ? 98  LEU A HD22 1 
ATOM   1004 H HD23 . LEU A 1 90  ? -2.870  -0.741  0.576   1.00 28.13 ? 98  LEU A HD23 1 
ATOM   1005 N N    . VAL A 1 91  ? -0.418  2.813   -1.506  1.00 38.68 ? 99  VAL A N    1 
ATOM   1006 C CA   . VAL A 1 91  ? 0.524   2.521   -2.585  1.00 33.83 ? 99  VAL A CA   1 
ATOM   1007 C C    . VAL A 1 91  ? 1.680   1.698   -2.037  1.00 30.31 ? 99  VAL A C    1 
ATOM   1008 O O    . VAL A 1 91  ? 2.169   1.954   -0.933  1.00 31.52 ? 99  VAL A O    1 
ATOM   1009 C CB   . VAL A 1 91  ? 1.061   3.809   -3.245  1.00 31.40 ? 99  VAL A CB   1 
ATOM   1010 C CG1  . VAL A 1 91  ? 1.915   3.467   -4.459  1.00 33.46 ? 99  VAL A CG1  1 
ATOM   1011 C CG2  . VAL A 1 91  ? -0.090  4.723   -3.632  1.00 38.78 ? 99  VAL A CG2  1 
ATOM   1012 H H    . VAL A 1 91  ? -0.038  2.999   -0.757  1.00 37.37 ? 99  VAL A H    1 
ATOM   1013 H HA   . VAL A 1 91  ? 0.062   1.994   -3.256  1.00 31.56 ? 99  VAL A HA   1 
ATOM   1014 H HB   . VAL A 1 91  ? 1.620   4.283   -2.609  1.00 28.64 ? 99  VAL A HB   1 
ATOM   1015 H HG11 . VAL A 1 91  ? 2.227   4.290   -4.868  1.00 31.11 ? 99  VAL A HG11 1 
ATOM   1016 H HG12 . VAL A 1 91  ? 2.671   2.932   -4.174  1.00 31.11 ? 99  VAL A HG12 1 
ATOM   1017 H HG13 . VAL A 1 91  ? 1.376   2.967   -5.093  1.00 31.11 ? 99  VAL A HG13 1 
ATOM   1018 H HG21 . VAL A 1 91  ? 0.268   5.518   -4.059  1.00 37.49 ? 99  VAL A HG21 1 
ATOM   1019 H HG22 . VAL A 1 91  ? -0.675  4.253   -4.246  1.00 37.49 ? 99  VAL A HG22 1 
ATOM   1020 H HG23 . VAL A 1 91  ? -0.579  4.971   -2.832  1.00 37.49 ? 99  VAL A HG23 1 
ATOM   1021 N N    . VAL A 1 92  ? 2.128   0.724   -2.826  1.00 31.27 ? 100 VAL A N    1 
ATOM   1022 C CA   . VAL A 1 92  ? 3.268   -0.119  -2.490  1.00 30.78 ? 100 VAL A CA   1 
ATOM   1023 C C    . VAL A 1 92  ? 4.360   0.122   -3.523  1.00 33.91 ? 100 VAL A C    1 
ATOM   1024 O O    . VAL A 1 92  ? 4.110   0.029   -4.730  1.00 37.29 ? 100 VAL A O    1 
ATOM   1025 C CB   . VAL A 1 92  ? 2.884   -1.610  -2.450  1.00 34.82 ? 100 VAL A CB   1 
ATOM   1026 C CG1  . VAL A 1 92  ? 3.976   -2.422  -1.767  1.00 38.89 ? 100 VAL A CG1  1 
ATOM   1027 C CG2  . VAL A 1 92  ? 1.548   -1.803  -1.753  1.00 41.51 ? 100 VAL A CG2  1 
ATOM   1028 H H    . VAL A 1 92  ? 1.774   0.526   -3.585  1.00 29.72 ? 100 VAL A H    1 
ATOM   1029 H HA   . VAL A 1 92  ? 3.605   0.135   -1.616  1.00 29.13 ? 100 VAL A HA   1 
ATOM   1030 H HB   . VAL A 1 92  ? 2.791   -1.935  -3.359  1.00 33.98 ? 100 VAL A HB   1 
ATOM   1031 H HG11 . VAL A 1 92  ? 3.709   -3.354  -1.745  1.00 38.86 ? 100 VAL A HG11 1 
ATOM   1032 H HG12 . VAL A 1 92  ? 4.801   -2.326  -2.267  1.00 38.86 ? 100 VAL A HG12 1 
ATOM   1033 H HG13 . VAL A 1 92  ? 4.097   -2.091  -0.863  1.00 38.86 ? 100 VAL A HG13 1 
ATOM   1034 H HG21 . VAL A 1 92  ? 1.474   -2.724  -1.460  1.00 42.01 ? 100 VAL A HG21 1 
ATOM   1035 H HG22 . VAL A 1 92  ? 1.502   -1.207  -0.988  1.00 42.01 ? 100 VAL A HG22 1 
ATOM   1036 H HG23 . VAL A 1 92  ? 0.834   -1.596  -2.376  1.00 42.01 ? 100 VAL A HG23 1 
ATOM   1037 N N    . ARG A 1 93  ? 5.566   0.425   -3.050  1.00 34.33 ? 101 ARG A N    1 
ATOM   1038 C CA   . ARG A 1 93  ? 6.727   0.610   -3.912  1.00 35.08 ? 101 ARG A CA   1 
ATOM   1039 C C    . ARG A 1 93  ? 7.550   -0.672  -3.898  1.00 40.47 ? 101 ARG A C    1 
ATOM   1040 O O    . ARG A 1 93  ? 8.053   -1.080  -2.846  1.00 33.81 ? 101 ARG A O    1 
ATOM   1041 C CB   . ARG A 1 93  ? 7.570   1.797   -3.447  1.00 30.75 ? 101 ARG A CB   1 
ATOM   1042 C CG   . ARG A 1 93  ? 8.807   2.051   -4.293  1.00 35.80 ? 101 ARG A CG   1 
ATOM   1043 C CD   . ARG A 1 93  ? 9.286   3.486   -4.145  1.00 37.37 ? 101 ARG A CD   1 
ATOM   1044 N NE   . ARG A 1 93  ? 8.403   4.431   -4.825  1.00 38.41 ? 101 ARG A NE   1 
ATOM   1045 C CZ   . ARG A 1 93  ? 8.602   5.744   -4.869  1.00 40.61 ? 101 ARG A CZ   1 
ATOM   1046 N NH1  . ARG A 1 93  ? 9.655   6.279   -4.267  1.00 39.80 ? 101 ARG A NH1  1 
ATOM   1047 N NH2  . ARG A 1 93  ? 7.746   6.525   -5.515  1.00 43.06 ? 101 ARG A NH2  1 
ATOM   1048 H H    . ARG A 1 93  ? 5.740   0.530   -2.214  1.00 31.11 ? 101 ARG A H    1 
ATOM   1049 H HA   . ARG A 1 93  ? 6.434   0.785   -4.820  1.00 32.01 ? 101 ARG A HA   1 
ATOM   1050 H HB2  . ARG A 1 93  ? 7.022   2.596   -3.478  1.00 26.82 ? 101 ARG A HB2  1 
ATOM   1051 H HB3  . ARG A 1 93  ? 7.864   1.631   -2.539  1.00 26.82 ? 101 ARG A HB3  1 
ATOM   1052 H HG2  . ARG A 1 93  ? 9.520   1.459   -4.009  1.00 32.88 ? 101 ARG A HG2  1 
ATOM   1053 H HG3  . ARG A 1 93  ? 8.597   1.894   -5.228  1.00 32.88 ? 101 ARG A HG3  1 
ATOM   1054 H HD2  . ARG A 1 93  ? 9.309   3.719   -3.203  1.00 34.76 ? 101 ARG A HD2  1 
ATOM   1055 H HD3  . ARG A 1 93  ? 10.173  3.568   -4.528  1.00 34.76 ? 101 ARG A HD3  1 
ATOM   1056 H HE   . ARG A 1 93  ? 7.710   4.115   -5.224  1.00 36.01 ? 101 ARG A HE   1 
ATOM   1057 H HH11 . ARG A 1 93  ? 10.212  5.777   -3.849  1.00 37.67 ? 101 ARG A HH11 1 
ATOM   1058 H HH12 . ARG A 1 93  ? 9.781   7.130   -4.297  1.00 37.67 ? 101 ARG A HH12 1 
ATOM   1059 H HH21 . ARG A 1 93  ? 7.062   6.182   -5.906  1.00 41.58 ? 101 ARG A HH21 1 
ATOM   1060 H HH22 . ARG A 1 93  ? 7.876   7.375   -5.542  1.00 41.58 ? 101 ARG A HH22 1 
ATOM   1061 N N    . CYS A 1 94  ? 7.685   -1.300  -5.062  1.00 34.90 ? 102 CYS A N    1 
ATOM   1062 C CA   . CYS A 1 94  ? 8.381   -2.572  -5.200  1.00 42.27 ? 102 CYS A CA   1 
ATOM   1063 C C    . CYS A 1 94  ? 9.699   -2.368  -5.932  1.00 39.32 ? 102 CYS A C    1 
ATOM   1064 O O    . CYS A 1 94  ? 9.780   -1.576  -6.876  1.00 42.79 ? 102 CYS A O    1 
ATOM   1065 C CB   . CYS A 1 94  ? 7.520   -3.583  -5.960  1.00 46.56 ? 102 CYS A CB   1 
ATOM   1066 S SG   . CYS A 1 94  ? 5.810   -3.655  -5.395  1.00 45.06 ? 102 CYS A SG   1 
ATOM   1067 H H    . CYS A 1 94  ? 7.372   -1.001  -5.805  1.00 29.92 ? 102 CYS A H    1 
ATOM   1068 H HA   . CYS A 1 94  ? 8.574   -2.930  -4.320  1.00 38.77 ? 102 CYS A HA   1 
ATOM   1069 H HB2  . CYS A 1 94  ? 7.511   -3.340  -6.899  1.00 43.91 ? 102 CYS A HB2  1 
ATOM   1070 H HB3  . CYS A 1 94  ? 7.906   -4.465  -5.849  1.00 43.91 ? 102 CYS A HB3  1 
ATOM   1071 N N    . SER A 1 95  ? 10.730  -3.092  -5.499  1.00 39.35 ? 103 SER A N    1 
ATOM   1072 C CA   . SER A 1 95  ? 12.036  -2.993  -6.132  1.00 48.59 ? 103 SER A CA   1 
ATOM   1073 C C    . SER A 1 95  ? 12.778  -4.317  -6.036  1.00 44.70 ? 103 SER A C    1 
ATOM   1074 O O    . SER A 1 95  ? 12.711  -5.007  -5.015  1.00 40.29 ? 103 SER A O    1 
ATOM   1075 C CB   . SER A 1 95  ? 12.885  -1.889  -5.493  1.00 43.00 ? 103 SER A CB   1 
ATOM   1076 O OG   . SER A 1 95  ? 14.151  -1.805  -6.122  1.00 40.66 ? 103 SER A OG   1 
ATOM   1077 H H    . SER A 1 95  ? 10.695  -3.646  -4.843  1.00 36.76 ? 103 SER A H    1 
ATOM   1078 H HA   . SER A 1 95  ? 11.904  -2.795  -7.072  1.00 47.85 ? 103 SER A HA   1 
ATOM   1079 H HB2  . SER A 1 95  ? 12.426  -1.040  -5.591  1.00 41.14 ? 103 SER A HB2  1 
ATOM   1080 H HB3  . SER A 1 95  ? 13.011  -2.090  -4.552  1.00 41.14 ? 103 SER A HB3  1 
ATOM   1081 H HG   . SER A 1 95  ? 14.055  -1.631  -6.938  1.00 38.33 ? 103 SER A HG   1 
ATOM   1082 N N    . PHE A 1 96  ? 13.492  -4.653  -7.114  1.00 48.89 ? 104 PHE A N    1 
ATOM   1083 C CA   . PHE A 1 96  ? 14.363  -5.823  -7.131  1.00 55.51 ? 104 PHE A CA   1 
ATOM   1084 C C    . PHE A 1 96  ? 15.600  -5.620  -6.263  1.00 51.29 ? 104 PHE A C    1 
ATOM   1085 O O    . PHE A 1 96  ? 16.216  -6.604  -5.841  1.00 50.46 ? 104 PHE A O    1 
ATOM   1086 C CB   . PHE A 1 96  ? 14.748  -6.130  -8.587  1.00 39.24 ? 104 PHE A CB   1 
ATOM   1087 C CG   . PHE A 1 96  ? 15.721  -7.267  -8.747  1.00 39.24 ? 104 PHE A CG   1 
ATOM   1088 C CD1  . PHE A 1 96  ? 17.084  -7.063  -8.602  1.00 39.24 ? 104 PHE A CD1  1 
ATOM   1089 C CD2  . PHE A 1 96  ? 15.270  -8.541  -9.057  1.00 39.24 ? 104 PHE A CD2  1 
ATOM   1090 C CE1  . PHE A 1 96  ? 17.975  -8.106  -8.751  1.00 39.24 ? 104 PHE A CE1  1 
ATOM   1091 C CE2  . PHE A 1 96  ? 16.159  -9.591  -9.208  1.00 39.24 ? 104 PHE A CE2  1 
ATOM   1092 C CZ   . PHE A 1 96  ? 17.514  -9.372  -9.056  1.00 39.24 ? 104 PHE A CZ   1 
ATOM   1093 H H    . PHE A 1 96  ? 13.488  -4.213  -7.853  1.00 38.02 ? 104 PHE A H    1 
ATOM   1094 H HA   . PHE A 1 96  ? 13.897  -6.597  -6.779  1.00 45.97 ? 104 PHE A HA   1 
ATOM   1095 H HB2  . PHE A 1 96  ? 13.943  -6.360  -9.078  1.00 30.00 ? 104 PHE A HB2  1 
ATOM   1096 H HB3  . PHE A 1 96  ? 15.156  -5.338  -8.973  1.00 30.00 ? 104 PHE A HB3  1 
ATOM   1097 H HD1  . PHE A 1 96  ? 17.402  -6.212  -8.401  1.00 30.00 ? 104 PHE A HD1  1 
ATOM   1098 H HD2  . PHE A 1 96  ? 14.359  -8.692  -9.163  1.00 30.00 ? 104 PHE A HD2  1 
ATOM   1099 H HE1  . PHE A 1 96  ? 18.887  -7.957  -8.647  1.00 30.00 ? 104 PHE A HE1  1 
ATOM   1100 H HE2  . PHE A 1 96  ? 15.844  -10.442 -9.411  1.00 30.00 ? 104 PHE A HE2  1 
ATOM   1101 H HZ   . PHE A 1 96  ? 18.114  -10.074 -9.159  1.00 30.00 ? 104 PHE A HZ   1 
ATOM   1102 N N    . TYR A 1 97  ? 15.956  -4.374  -5.966  1.00 41.98 ? 105 TYR A N    1 
ATOM   1103 C CA   . TYR A 1 97  ? 17.162  -4.046  -5.225  1.00 42.23 ? 105 TYR A CA   1 
ATOM   1104 C C    . TYR A 1 97  ? 16.809  -3.458  -3.865  1.00 42.05 ? 105 TYR A C    1 
ATOM   1105 O O    . TYR A 1 97  ? 15.761  -2.831  -3.692  1.00 45.43 ? 105 TYR A O    1 
ATOM   1106 C CB   . TYR A 1 97  ? 18.024  -3.065  -6.019  1.00 38.50 ? 105 TYR A CB   1 
ATOM   1107 C CG   . TYR A 1 97  ? 18.317  -3.543  -7.421  1.00 41.65 ? 105 TYR A CG   1 
ATOM   1108 C CD1  . TYR A 1 97  ? 19.341  -4.446  -7.665  1.00 44.79 ? 105 TYR A CD1  1 
ATOM   1109 C CD2  . TYR A 1 97  ? 17.561  -3.102  -8.499  1.00 43.07 ? 105 TYR A CD2  1 
ATOM   1110 C CE1  . TYR A 1 97  ? 19.613  -4.891  -8.944  1.00 36.86 ? 105 TYR A CE1  1 
ATOM   1111 C CE2  . TYR A 1 97  ? 17.825  -3.541  -9.784  1.00 44.29 ? 105 TYR A CE2  1 
ATOM   1112 C CZ   . TYR A 1 97  ? 18.854  -4.436  -10.000 1.00 44.00 ? 105 TYR A CZ   1 
ATOM   1113 O OH   . TYR A 1 97  ? 19.126  -4.880  -11.273 1.00 46.91 ? 105 TYR A OH   1 
ATOM   1114 H H    . TYR A 1 97  ? 15.497  -3.681  -6.191  1.00 42.79 ? 105 TYR A H    1 
ATOM   1115 H HA   . TYR A 1 97  ? 17.680  -4.851  -5.066  1.00 43.10 ? 105 TYR A HA   1 
ATOM   1116 H HB2  . TYR A 1 97  ? 17.559  -2.217  -6.082  1.00 38.63 ? 105 TYR A HB2  1 
ATOM   1117 H HB3  . TYR A 1 97  ? 18.871  -2.947  -5.560  1.00 38.63 ? 105 TYR A HB3  1 
ATOM   1118 H HD1  . TYR A 1 97  ? 19.855  -4.757  -6.955  1.00 46.16 ? 105 TYR A HD1  1 
ATOM   1119 H HD2  . TYR A 1 97  ? 16.866  -2.501  -8.355  1.00 44.10 ? 105 TYR A HD2  1 
ATOM   1120 H HE1  . TYR A 1 97  ? 20.304  -5.495  -9.092  1.00 36.66 ? 105 TYR A HE1  1 
ATOM   1121 H HE2  . TYR A 1 97  ? 17.313  -3.236  -10.499 1.00 45.57 ? 105 TYR A HE2  1 
ATOM   1122 H HH   . TYR A 1 97  ? 18.850  -4.322  -11.837 1.00 48.71 ? 105 TYR A HH   1 
ATOM   1123 N N    . GLU A 1 98  ? 17.707  -3.665  -2.899  1.00 45.23 ? 106 GLU A N    1 
ATOM   1124 C CA   . GLU A 1 98  ? 17.416  -3.272  -1.526  1.00 41.90 ? 106 GLU A CA   1 
ATOM   1125 C C    . GLU A 1 98  ? 17.351  -1.758  -1.365  1.00 40.60 ? 106 GLU A C    1 
ATOM   1126 O O    . GLU A 1 98  ? 16.571  -1.262  -0.546  1.00 47.19 ? 106 GLU A O    1 
ATOM   1127 C CB   . GLU A 1 98  ? 18.466  -3.851  -0.579  1.00 46.85 ? 106 GLU A CB   1 
ATOM   1128 C CG   . GLU A 1 98  ? 17.999  -3.968  0.865   1.00 51.82 ? 106 GLU A CG   1 
ATOM   1129 C CD   . GLU A 1 98  ? 19.035  -4.620  1.766   1.00 57.85 ? 106 GLU A CD   1 
ATOM   1130 O OE1  . GLU A 1 98  ? 19.848  -5.422  1.258   1.00 45.45 ? 106 GLU A OE1  1 
ATOM   1131 O OE2  . GLU A 1 98  ? 19.033  -4.330  2.981   1.00 61.26 ? 106 GLU A OE2  1 
ATOM   1132 H H    . GLU A 1 98  ? 18.480  -4.024  -3.013  1.00 45.20 ? 106 GLU A H    1 
ATOM   1133 H HA   . GLU A 1 98  ? 16.550  -3.636  -1.284  1.00 41.20 ? 106 GLU A HA   1 
ATOM   1134 H HB2  . GLU A 1 98  ? 18.705  -4.740  -0.885  1.00 47.14 ? 106 GLU A HB2  1 
ATOM   1135 H HB3  . GLU A 1 98  ? 19.247  -3.275  -0.591  1.00 47.14 ? 106 GLU A HB3  1 
ATOM   1136 H HG2  . GLU A 1 98  ? 17.817  -3.080  1.212   1.00 53.11 ? 106 GLU A HG2  1 
ATOM   1137 H HG3  . GLU A 1 98  ? 17.194  -4.507  0.895   1.00 53.11 ? 106 GLU A HG3  1 
ATOM   1138 N N    . ASP A 1 99  ? 18.158  -1.012  -2.119  1.00 43.24 ? 107 ASP A N    1 
ATOM   1139 C CA   . ASP A 1 99  ? 18.176  0.442   -2.033  1.00 45.72 ? 107 ASP A CA   1 
ATOM   1140 C C    . ASP A 1 99  ? 17.417  1.102   -3.178  1.00 38.65 ? 107 ASP A C    1 
ATOM   1141 O O    . ASP A 1 99  ? 17.585  2.302   -3.417  1.00 41.41 ? 107 ASP A O    1 
ATOM   1142 C CB   . ASP A 1 99  ? 19.617  0.954   -1.984  1.00 36.36 ? 107 ASP A CB   1 
ATOM   1143 C CG   . ASP A 1 99  ? 20.493  0.346   -3.059  1.00 40.54 ? 107 ASP A CG   1 
ATOM   1144 O OD1  . ASP A 1 99  ? 20.008  -0.534  -3.802  1.00 44.96 ? 107 ASP A OD1  1 
ATOM   1145 O OD2  . ASP A 1 99  ? 21.673  0.744   -3.156  1.00 47.65 ? 107 ASP A OD2  1 
ATOM   1146 H H    . ASP A 1 99  ? 18.712  -1.333  -2.694  1.00 40.47 ? 107 ASP A H    1 
ATOM   1147 H HA   . ASP A 1 99  ? 17.743  0.701   -1.205  1.00 43.45 ? 107 ASP A HA   1 
ATOM   1148 H HB2  . ASP A 1 99  ? 19.615  1.916   -2.108  1.00 32.22 ? 107 ASP A HB2  1 
ATOM   1149 H HB3  . ASP A 1 99  ? 20.002  0.732   -1.122  1.00 32.22 ? 107 ASP A HB3  1 
ATOM   1150 N N    . PHE A 1 100 ? 16.593  0.341   -3.896  1.00 35.51 ? 108 PHE A N    1 
ATOM   1151 C CA   . PHE A 1 100 ? 15.648  0.892   -4.866  1.00 42.01 ? 108 PHE A CA   1 
ATOM   1152 C C    . PHE A 1 100 ? 16.369  1.678   -5.962  1.00 43.07 ? 108 PHE A C    1 
ATOM   1153 O O    . PHE A 1 100 ? 16.161  2.877   -6.151  1.00 45.59 ? 108 PHE A O    1 
ATOM   1154 C CB   . PHE A 1 100 ? 14.600  1.761   -4.158  1.00 36.55 ? 108 PHE A CB   1 
ATOM   1155 C CG   . PHE A 1 100 ? 13.706  0.988   -3.230  1.00 41.17 ? 108 PHE A CG   1 
ATOM   1156 C CD1  . PHE A 1 100 ? 14.202  0.464   -2.046  1.00 46.16 ? 108 PHE A CD1  1 
ATOM   1157 C CD2  . PHE A 1 100 ? 12.376  0.772   -3.545  1.00 43.23 ? 108 PHE A CD2  1 
ATOM   1158 C CE1  . PHE A 1 100 ? 13.388  -0.258  -1.196  1.00 43.11 ? 108 PHE A CE1  1 
ATOM   1159 C CE2  . PHE A 1 100 ? 11.557  0.050   -2.698  1.00 40.56 ? 108 PHE A CE2  1 
ATOM   1160 C CZ   . PHE A 1 100 ? 12.064  -0.468  -1.524  1.00 39.49 ? 108 PHE A CZ   1 
ATOM   1161 H H    . PHE A 1 100 ? 16.561  -0.516  -3.838  1.00 33.95 ? 108 PHE A H    1 
ATOM   1162 H HA   . PHE A 1 100 ? 15.194  0.153   -5.300  1.00 41.75 ? 108 PHE A HA   1 
ATOM   1163 H HB2  . PHE A 1 100 ? 15.057  2.439   -3.634  1.00 35.21 ? 108 PHE A HB2  1 
ATOM   1164 H HB3  . PHE A 1 100 ? 14.038  2.182   -4.828  1.00 35.21 ? 108 PHE A HB3  1 
ATOM   1165 H HD1  . PHE A 1 100 ? 15.094  0.602   -1.821  1.00 46.73 ? 108 PHE A HD1  1 
ATOM   1166 H HD2  . PHE A 1 100 ? 12.030  1.117   -4.335  1.00 43.21 ? 108 PHE A HD2  1 
ATOM   1167 H HE1  . PHE A 1 100 ? 13.732  -0.603  -0.404  1.00 43.08 ? 108 PHE A HE1  1 
ATOM   1168 H HE2  . PHE A 1 100 ? 10.664  -0.086  -2.919  1.00 40.02 ? 108 PHE A HE2  1 
ATOM   1169 H HZ   . PHE A 1 100 ? 11.516  -0.958  -0.955  1.00 38.73 ? 108 PHE A HZ   1 
ATOM   1170 N N    . LEU A 1 101 ? 17.231  0.969   -6.693  1.00 47.53 ? 109 LEU A N    1 
ATOM   1171 C CA   . LEU A 1 101 ? 17.817  1.542   -7.900  1.00 42.67 ? 109 LEU A CA   1 
ATOM   1172 C C    . LEU A 1 101 ? 16.751  1.737   -8.970  1.00 45.52 ? 109 LEU A C    1 
ATOM   1173 O O    . LEU A 1 101 ? 16.641  2.814   -9.567  1.00 49.63 ? 109 LEU A O    1 
ATOM   1174 C CB   . LEU A 1 101 ? 18.943  0.646   -8.414  1.00 42.86 ? 109 LEU A CB   1 
ATOM   1175 C CG   . LEU A 1 101 ? 19.858  0.012   -7.364  1.00 45.60 ? 109 LEU A CG   1 
ATOM   1176 C CD1  . LEU A 1 101 ? 20.736  -1.047  -8.021  1.00 46.25 ? 109 LEU A CD1  1 
ATOM   1177 C CD2  . LEU A 1 101 ? 20.702  1.067   -6.674  1.00 42.30 ? 109 LEU A CD2  1 
ATOM   1178 H H    . LEU A 1 101 ? 17.487  0.167   -6.514  1.00 46.18 ? 109 LEU A H    1 
ATOM   1179 H HA   . LEU A 1 101 ? 18.202  2.407   -7.688  1.00 40.35 ? 109 LEU A HA   1 
ATOM   1180 H HB2  . LEU A 1 101 ? 18.541  -0.081  -8.915  1.00 40.57 ? 109 LEU A HB2  1 
ATOM   1181 H HB3  . LEU A 1 101 ? 19.506  1.178   -8.997  1.00 40.57 ? 109 LEU A HB3  1 
ATOM   1182 H HG   . LEU A 1 101 ? 19.319  -0.414  -6.680  1.00 43.86 ? 109 LEU A HG   1 
ATOM   1183 H HD11 . LEU A 1 101 ? 21.254  -1.497  -7.335  1.00 44.64 ? 109 LEU A HD11 1 
ATOM   1184 H HD12 . LEU A 1 101 ? 20.168  -1.686  -8.480  1.00 44.64 ? 109 LEU A HD12 1 
ATOM   1185 H HD13 . LEU A 1 101 ? 21.330  -0.616  -8.655  1.00 44.64 ? 109 LEU A HD13 1 
ATOM   1186 H HD21 . LEU A 1 101 ? 21.276  0.636   -6.022  1.00 39.90 ? 109 LEU A HD21 1 
ATOM   1187 H HD22 . LEU A 1 101 ? 21.241  1.525   -7.339  1.00 39.90 ? 109 LEU A HD22 1 
ATOM   1188 H HD23 . LEU A 1 101 ? 20.116  1.701   -6.231  1.00 39.90 ? 109 LEU A HD23 1 
ATOM   1189 N N    . GLU A 1 102 ? 15.968  0.694   -9.235  1.00 53.74 ? 110 GLU A N    1 
ATOM   1190 C CA   . GLU A 1 102 ? 14.719  0.800   -9.972  1.00 49.53 ? 110 GLU A CA   1 
ATOM   1191 C C    . GLU A 1 102 ? 13.592  0.325   -9.064  1.00 53.94 ? 110 GLU A C    1 
ATOM   1192 O O    . GLU A 1 102 ? 13.756  -0.644  -8.317  1.00 60.42 ? 110 GLU A O    1 
ATOM   1193 C CB   . GLU A 1 102 ? 14.737  -0.028  -11.261 1.00 40.83 ? 110 GLU A CB   1 
ATOM   1194 C CG   . GLU A 1 102 ? 13.382  -0.057  -11.965 1.00 40.83 ? 110 GLU A CG   1 
ATOM   1195 C CD   . GLU A 1 102 ? 13.184  -1.298  -12.802 1.00 40.83 ? 110 GLU A CD   1 
ATOM   1196 O OE1  . GLU A 1 102 ? 12.074  -1.873  -12.792 1.00 40.83 ? 110 GLU A OE1  1 
ATOM   1197 O OE2  . GLU A 1 102 ? 14.141  -1.673  -13.509 1.00 40.83 ? 110 GLU A OE2  1 
ATOM   1198 H H    . GLU A 1 102 ? 16.148  -0.110  -8.988  1.00 43.50 ? 110 GLU A H    1 
ATOM   1199 H HA   . GLU A 1 102 ? 14.563  1.722   -10.229 1.00 38.45 ? 110 GLU A HA   1 
ATOM   1200 H HB2  . GLU A 1 102 ? 15.386  0.356   -11.873 1.00 30.00 ? 110 GLU A HB2  1 
ATOM   1201 H HB3  . GLU A 1 102 ? 14.984  -0.941  -11.046 1.00 30.00 ? 110 GLU A HB3  1 
ATOM   1202 H HG2  . GLU A 1 102 ? 12.678  -0.031  -11.298 1.00 30.00 ? 110 GLU A HG2  1 
ATOM   1203 H HG3  . GLU A 1 102 ? 13.312  0.714   -12.551 1.00 30.00 ? 110 GLU A HG3  1 
ATOM   1204 N N    . TYR A 1 103 ? 12.453  1.010   -9.129  1.00 42.93 ? 111 TYR A N    1 
ATOM   1205 C CA   . TYR A 1 103 ? 11.279  0.609   -8.371  1.00 41.64 ? 111 TYR A CA   1 
ATOM   1206 C C    . TYR A 1 103 ? 10.043  0.731   -9.250  1.00 45.69 ? 111 TYR A C    1 
ATOM   1207 O O    . TYR A 1 103 ? 10.033  1.452   -10.250 1.00 42.49 ? 111 TYR A O    1 
ATOM   1208 C CB   . TYR A 1 103 ? 11.114  1.448   -7.093  1.00 39.68 ? 111 TYR A CB   1 
ATOM   1209 C CG   . TYR A 1 103 ? 11.009  2.936   -7.335  1.00 35.92 ? 111 TYR A CG   1 
ATOM   1210 C CD1  . TYR A 1 103 ? 9.792   3.524   -7.648  1.00 44.79 ? 111 TYR A CD1  1 
ATOM   1211 C CD2  . TYR A 1 103 ? 12.126  3.753   -7.243  1.00 35.88 ? 111 TYR A CD2  1 
ATOM   1212 C CE1  . TYR A 1 103 ? 9.691   4.883   -7.869  1.00 34.17 ? 111 TYR A CE1  1 
ATOM   1213 C CE2  . TYR A 1 103 ? 12.035  5.115   -7.460  1.00 41.95 ? 111 TYR A CE2  1 
ATOM   1214 C CZ   . TYR A 1 103 ? 10.815  5.674   -7.773  1.00 45.29 ? 111 TYR A CZ   1 
ATOM   1215 O OH   . TYR A 1 103 ? 10.718  7.029   -7.992  1.00 48.04 ? 111 TYR A OH   1 
ATOM   1216 H H    . TYR A 1 103 ? 12.337  1.714   -9.609  1.00 46.52 ? 111 TYR A H    1 
ATOM   1217 H HA   . TYR A 1 103 ? 11.369  -0.322  -8.111  1.00 44.97 ? 111 TYR A HA   1 
ATOM   1218 H HB2  . TYR A 1 103 ? 10.303  1.166   -6.640  1.00 42.62 ? 111 TYR A HB2  1 
ATOM   1219 H HB3  . TYR A 1 103 ? 11.883  1.297   -6.522  1.00 42.62 ? 111 TYR A HB3  1 
ATOM   1220 H HD1  . TYR A 1 103 ? 9.031   2.993   -7.712  1.00 48.75 ? 111 TYR A HD1  1 
ATOM   1221 H HD2  . TYR A 1 103 ? 12.950  3.378   -7.029  1.00 38.06 ? 111 TYR A HD2  1 
ATOM   1222 H HE1  . TYR A 1 103 ? 8.870   5.263   -8.082  1.00 36.01 ? 111 TYR A HE1  1 
ATOM   1223 H HE2  . TYR A 1 103 ? 12.793  5.651   -7.396  1.00 45.34 ? 111 TYR A HE2  1 
ATOM   1224 H HH   . TYR A 1 103 ? 11.466  7.393   -7.877  1.00 52.65 ? 111 TYR A HH   1 
ATOM   1225 N N    A HIS A 1 104 ? 9.006   -0.009  -8.861  0.54 37.56 ? 112 HIS A N    1 
ATOM   1226 N N    B HIS A 1 104 ? 8.990   0.013   -8.866  0.46 37.56 ? 112 HIS A N    1 
ATOM   1227 C CA   A HIS A 1 104 ? 7.708   0.005   -9.519  0.54 33.82 ? 112 HIS A CA   1 
ATOM   1228 C CA   B HIS A 1 104 ? 7.713   0.091   -9.564  0.46 33.82 ? 112 HIS A CA   1 
ATOM   1229 C C    A HIS A 1 104 ? 6.632   0.160   -8.456  0.54 33.36 ? 112 HIS A C    1 
ATOM   1230 C C    B HIS A 1 104 ? 6.595   0.103   -8.536  0.46 33.36 ? 112 HIS A C    1 
ATOM   1231 O O    A HIS A 1 104 ? 6.677   -0.520  -7.427  0.54 42.39 ? 112 HIS A O    1 
ATOM   1232 O O    B HIS A 1 104 ? 6.574   -0.721  -7.617  0.46 42.39 ? 112 HIS A O    1 
ATOM   1233 C CB   A HIS A 1 104 ? 7.465   -1.284  -10.307 0.54 41.29 ? 112 HIS A CB   1 
ATOM   1234 C CB   B HIS A 1 104 ? 7.554   -1.065  -10.567 0.46 41.29 ? 112 HIS A CB   1 
ATOM   1235 C CG   A HIS A 1 104 ? 8.400   -1.474  -11.458 0.54 53.06 ? 112 HIS A CG   1 
ATOM   1236 C CG   B HIS A 1 104 ? 6.970   -2.317  -9.987  0.46 53.06 ? 112 HIS A CG   1 
ATOM   1237 N ND1  A HIS A 1 104 ? 8.426   -0.627  -12.544 0.54 54.60 ? 112 HIS A ND1  1 
ATOM   1238 N ND1  B HIS A 1 104 ? 5.643   -2.432  -9.637  0.46 54.60 ? 112 HIS A ND1  1 
ATOM   1239 C CD2  A HIS A 1 104 ? 9.340   -2.419  -11.695 0.54 55.83 ? 112 HIS A CD2  1 
ATOM   1240 C CD2  B HIS A 1 104 ? 7.534   -3.519  -9.721  0.46 55.83 ? 112 HIS A CD2  1 
ATOM   1241 C CE1  A HIS A 1 104 ? 9.341   -1.041  -13.402 0.54 58.91 ? 112 HIS A CE1  1 
ATOM   1242 C CE1  B HIS A 1 104 ? 5.416   -3.646  -9.167  0.46 58.91 ? 112 HIS A CE1  1 
ATOM   1243 N NE2  A HIS A 1 104 ? 9.911   -2.126  -12.909 0.54 58.15 ? 112 HIS A NE2  1 
ATOM   1244 N NE2  B HIS A 1 104 ? 6.548   -4.324  -9.205  0.46 58.15 ? 112 HIS A NE2  1 
ATOM   1245 H H    A HIS A 1 104 ? 9.035   -0.548  -8.191  0.54 44.57 ? 112 HIS A H    1 
ATOM   1246 H H    B HIS A 1 104 ? 8.992   -0.528  -8.198  0.46 44.57 ? 112 HIS A H    1 
ATOM   1247 H HA   A HIS A 1 104 ? 7.663   0.753   -10.135 0.54 40.09 ? 112 HIS A HA   1 
ATOM   1248 H HA   B HIS A 1 104 ? 7.655   0.916   -10.069 0.46 40.09 ? 112 HIS A HA   1 
ATOM   1249 H HB2  A HIS A 1 104 ? 7.575   -2.039  -9.709  0.54 49.05 ? 112 HIS A HB2  1 
ATOM   1250 H HB2  B HIS A 1 104 ? 6.968   -0.774  -11.283 0.46 49.05 ? 112 HIS A HB2  1 
ATOM   1251 H HB3  A HIS A 1 104 ? 6.562   -1.268  -10.659 0.54 49.05 ? 112 HIS A HB3  1 
ATOM   1252 H HB3  B HIS A 1 104 ? 8.428   -1.287  -10.924 0.46 49.05 ? 112 HIS A HB3  1 
ATOM   1253 H HD2  A HIS A 1 104 ? 9.558   -3.132  -11.141 0.54 66.50 ? 112 HIS A HD2  1 
ATOM   1254 H HD2  B HIS A 1 104 ? 8.423   -3.755  -9.862  0.46 66.50 ? 112 HIS A HD2  1 
ATOM   1255 H HE1  A HIS A 1 104 ? 9.549   -0.636  -14.213 0.54 70.20 ? 112 HIS A HE1  1 
ATOM   1256 H HE1  B HIS A 1 104 ? 4.599   -3.969  -8.861  0.46 70.20 ? 112 HIS A HE1  1 
ATOM   1257 H HE2  A HIS A 1 104 ? 10.538  -2.576  -13.289 0.54 69.28 ? 112 HIS A HE2  1 
ATOM   1258 H HE2  B HIS A 1 104 ? 6.651   -5.139  -8.950  0.46 69.28 ? 112 HIS A HE2  1 
ATOM   1259 N N    . ASP A 1 105 ? 5.674   1.044   -8.700  1.00 31.61 ? 113 ASP A N    1 
ATOM   1260 C CA   . ASP A 1 105 ? 4.630   1.308   -7.721  1.00 33.20 ? 113 ASP A CA   1 
ATOM   1261 C C    . ASP A 1 105 ? 3.390   0.504   -8.077  1.00 40.09 ? 113 ASP A C    1 
ATOM   1262 O O    . ASP A 1 105 ? 3.133   0.207   -9.246  1.00 38.30 ? 113 ASP A O    1 
ATOM   1263 C CB   . ASP A 1 105 ? 4.285   2.797   -7.653  1.00 37.49 ? 113 ASP A CB   1 
ATOM   1264 C CG   . ASP A 1 105 ? 5.406   3.636   -7.059  1.00 37.19 ? 113 ASP A CG   1 
ATOM   1265 O OD1  . ASP A 1 105 ? 6.392   3.053   -6.566  1.00 38.41 ? 113 ASP A OD1  1 
ATOM   1266 O OD2  . ASP A 1 105 ? 5.295   4.882   -7.086  1.00 39.99 ? 113 ASP A OD2  1 
ATOM   1267 H H    . ASP A 1 105 ? 5.606   1.504   -9.423  1.00 29.03 ? 113 ASP A H    1 
ATOM   1268 H HA   . ASP A 1 105 ? 4.939   1.046   -6.840  1.00 30.95 ? 113 ASP A HA   1 
ATOM   1269 H HB2  . ASP A 1 105 ? 4.110   3.123   -8.550  1.00 36.09 ? 113 ASP A HB2  1 
ATOM   1270 H HB3  . ASP A 1 105 ? 3.497   2.915   -7.099  1.00 36.09 ? 113 ASP A HB3  1 
ATOM   1271 N N    . VAL A 1 106 ? 2.628   0.140   -7.050  1.00 39.44 ? 114 VAL A N    1 
ATOM   1272 C CA   . VAL A 1 106 ? 1.409   -0.643  -7.212  1.00 32.86 ? 114 VAL A CA   1 
ATOM   1273 C C    . VAL A 1 106 ? 0.348   -0.047  -6.310  1.00 31.41 ? 114 VAL A C    1 
ATOM   1274 O O    . VAL A 1 106 ? 0.497   -0.060  -5.079  1.00 26.25 ? 114 VAL A O    1 
ATOM   1275 C CB   . VAL A 1 106 ? 1.624   -2.129  -6.876  1.00 35.66 ? 114 VAL A CB   1 
ATOM   1276 C CG1  . VAL A 1 106 ? 0.323   -2.902  -7.035  1.00 39.28 ? 114 VAL A CG1  1 
ATOM   1277 C CG2  . VAL A 1 106 ? 2.718   -2.721  -7.748  1.00 43.68 ? 114 VAL A CG2  1 
ATOM   1278 H H    . VAL A 1 106 ? 2.801   0.340   -6.231  1.00 36.45 ? 114 VAL A H    1 
ATOM   1279 H HA   . VAL A 1 106 ? 1.104   -0.578  -8.131  1.00 28.55 ? 114 VAL A HA   1 
ATOM   1280 H HB   . VAL A 1 106 ? 1.906   -2.205  -5.951  1.00 31.91 ? 114 VAL A HB   1 
ATOM   1281 H HG11 . VAL A 1 106 ? 0.518   -3.852  -7.033  1.00 36.25 ? 114 VAL A HG11 1 
ATOM   1282 H HG12 . VAL A 1 106 ? -0.267  -2.684  -6.296  1.00 36.25 ? 114 VAL A HG12 1 
ATOM   1283 H HG13 . VAL A 1 106 ? -0.092  -2.651  -7.875  1.00 36.25 ? 114 VAL A HG13 1 
ATOM   1284 H HG21 . VAL A 1 106 ? 2.773   -3.675  -7.581  1.00 41.54 ? 114 VAL A HG21 1 
ATOM   1285 H HG22 . VAL A 1 106 ? 2.500   -2.562  -8.679  1.00 41.54 ? 114 VAL A HG22 1 
ATOM   1286 H HG23 . VAL A 1 106 ? 3.561   -2.298  -7.528  1.00 41.54 ? 114 VAL A HG23 1 
ATOM   1287 N N    A ARG A 1 107 ? -0.719  0.489   -6.896  0.51 36.12 ? 115 ARG A N    1 
ATOM   1288 N N    B ARG A 1 107 ? -0.729  0.469   -6.899  0.49 36.12 ? 115 ARG A N    1 
ATOM   1289 C CA   A ARG A 1 107 ? -1.811  1.030   -6.103  0.51 32.27 ? 115 ARG A CA   1 
ATOM   1290 C CA   B ARG A 1 107 ? -1.831  1.023   -6.126  0.49 32.27 ? 115 ARG A CA   1 
ATOM   1291 C C    A ARG A 1 107 ? -2.648  -0.104  -5.527  0.51 31.77 ? 115 ARG A C    1 
ATOM   1292 C C    B ARG A 1 107 ? -2.680  -0.097  -5.541  0.49 31.77 ? 115 ARG A C    1 
ATOM   1293 O O    A ARG A 1 107 ? -2.891  -1.115  -6.191  0.51 35.30 ? 115 ARG A O    1 
ATOM   1294 O O    B ARG A 1 107 ? -2.971  -1.090  -6.214  0.49 35.30 ? 115 ARG A O    1 
ATOM   1295 C CB   A ARG A 1 107 ? -2.700  1.954   -6.933  0.51 29.80 ? 115 ARG A CB   1 
ATOM   1296 C CB   B ARG A 1 107 ? -2.694  1.929   -7.003  0.49 29.80 ? 115 ARG A CB   1 
ATOM   1297 C CG   A ARG A 1 107 ? -3.790  2.619   -6.092  0.51 47.68 ? 115 ARG A CG   1 
ATOM   1298 C CG   B ARG A 1 107 ? -3.250  3.152   -6.286  0.49 47.68 ? 115 ARG A CG   1 
ATOM   1299 C CD   A ARG A 1 107 ? -4.403  3.841   -6.761  0.51 46.83 ? 115 ARG A CD   1 
ATOM   1300 C CD   B ARG A 1 107 ? -4.654  3.500   -6.763  0.49 46.83 ? 115 ARG A CD   1 
ATOM   1301 N NE   A ARG A 1 107 ? -3.414  4.661   -7.458  0.51 54.72 ? 115 ARG A NE   1 
ATOM   1302 N NE   B ARG A 1 107 ? -4.743  4.884   -7.226  0.49 54.72 ? 115 ARG A NE   1 
ATOM   1303 C CZ   A ARG A 1 107 ? -3.696  5.793   -8.093  0.51 59.30 ? 115 ARG A CZ   1 
ATOM   1304 C CZ   B ARG A 1 107 ? -5.823  5.650   -7.107  0.49 59.30 ? 115 ARG A CZ   1 
ATOM   1305 N NH1  A ARG A 1 107 ? -4.942  6.251   -8.116  0.51 53.94 ? 115 ARG A NH1  1 
ATOM   1306 N NH1  B ARG A 1 107 ? -6.921  5.174   -6.536  0.49 53.94 ? 115 ARG A NH1  1 
ATOM   1307 N NH2  A ARG A 1 107 ? -2.735  6.469   -8.704  0.51 60.59 ? 115 ARG A NH2  1 
ATOM   1308 N NH2  B ARG A 1 107 ? -5.805  6.899   -7.556  0.49 60.59 ? 115 ARG A NH2  1 
ATOM   1309 H H    A ARG A 1 107 ? -0.832  0.550   -7.747  0.51 36.30 ? 115 ARG A H    1 
ATOM   1310 H H    B ARG A 1 107 ? -0.844  0.508   -7.749  0.49 36.30 ? 115 ARG A H    1 
ATOM   1311 H HA   A ARG A 1 107 ? -1.441  1.554   -5.376  0.51 31.68 ? 115 ARG A HA   1 
ATOM   1312 H HA   B ARG A 1 107 ? -1.478  1.556   -5.395  0.49 31.68 ? 115 ARG A HA   1 
ATOM   1313 H HB2  A ARG A 1 107 ? -2.152  2.651   -7.326  0.51 28.72 ? 115 ARG A HB2  1 
ATOM   1314 H HB2  B ARG A 1 107 ? -2.157  2.244   -7.747  0.49 28.72 ? 115 ARG A HB2  1 
ATOM   1315 H HB3  A ARG A 1 107 ? -3.131  1.437   -7.631  0.51 28.72 ? 115 ARG A HB3  1 
ATOM   1316 H HB3  B ARG A 1 107 ? -3.447  1.414   -7.332  0.49 28.72 ? 115 ARG A HB3  1 
ATOM   1317 H HG2  A ARG A 1 107 ? -4.500  1.978   -5.933  0.51 50.17 ? 115 ARG A HG2  1 
ATOM   1318 H HG2  B ARG A 1 107 ? -3.289  2.974   -5.332  0.49 50.17 ? 115 ARG A HG2  1 
ATOM   1319 H HG3  A ARG A 1 107 ? -3.405  2.905   -5.249  0.51 50.17 ? 115 ARG A HG3  1 
ATOM   1320 H HG3  B ARG A 1 107 ? -2.674  3.913   -6.457  0.49 50.17 ? 115 ARG A HG3  1 
ATOM   1321 H HD2  A ARG A 1 107 ? -5.060  3.547   -7.412  0.51 49.16 ? 115 ARG A HD2  1 
ATOM   1322 H HD2  B ARG A 1 107 ? -4.896  2.917   -7.500  0.49 49.16 ? 115 ARG A HD2  1 
ATOM   1323 H HD3  A ARG A 1 107 ? -4.827  4.392   -6.086  0.51 49.16 ? 115 ARG A HD3  1 
ATOM   1324 H HD3  B ARG A 1 107 ? -5.279  3.384   -6.030  0.49 49.16 ? 115 ARG A HD3  1 
ATOM   1325 H HE   A ARG A 1 107 ? -2.597  4.393   -7.457  0.51 58.63 ? 115 ARG A HE   1 
ATOM   1326 H HE   B ARG A 1 107 ? -4.049  5.226   -7.602  0.49 58.63 ? 115 ARG A HE   1 
ATOM   1327 H HH11 A ARG A 1 107 ? -5.568  5.815   -7.718  0.51 57.69 ? 115 ARG A HH11 1 
ATOM   1328 H HH11 B ARG A 1 107 ? -7.618  5.674   -6.460  0.49 57.69 ? 115 ARG A HH11 1 
ATOM   1329 H HH12 A ARG A 1 107 ? -5.123  6.984   -8.527  0.51 57.69 ? 115 ARG A HH12 1 
ATOM   1330 H HH12 B ARG A 1 107 ? -6.938  4.366   -6.241  0.49 57.69 ? 115 ARG A HH12 1 
ATOM   1331 H HH21 A ARG A 1 107 ? -1.926  6.176   -8.690  0.51 65.67 ? 115 ARG A HH21 1 
ATOM   1332 H HH21 B ARG A 1 107 ? -5.094  7.211   -7.926  0.49 65.67 ? 115 ARG A HH21 1 
ATOM   1333 H HH22 A ARG A 1 107 ? -2.919  7.203   -9.115  0.51 65.67 ? 115 ARG A HH22 1 
ATOM   1334 H HH22 B ARG A 1 107 ? -6.503  7.394   -7.479  0.49 65.67 ? 115 ARG A HH22 1 
ATOM   1335 N N    . VAL A 1 108 ? -3.085  0.069   -4.285  1.00 32.19 ? 116 VAL A N    1 
ATOM   1336 C CA   . VAL A 1 108 ? -3.895  -0.919  -3.583  1.00 28.47 ? 116 VAL A CA   1 
ATOM   1337 C C    . VAL A 1 108 ? -5.282  -0.331  -3.390  1.00 29.86 ? 116 VAL A C    1 
ATOM   1338 O O    . VAL A 1 108 ? -5.447  0.685   -2.699  1.00 31.24 ? 116 VAL A O    1 
ATOM   1339 C CB   . VAL A 1 108 ? -3.270  -1.324  -2.241  1.00 37.14 ? 116 VAL A CB   1 
ATOM   1340 C CG1  . VAL A 1 108 ? -4.296  -2.048  -1.382  1.00 36.58 ? 116 VAL A CG1  1 
ATOM   1341 C CG2  . VAL A 1 108 ? -2.054  -2.213  -2.471  1.00 40.96 ? 116 VAL A CG2  1 
ATOM   1342 H H    . VAL A 1 108 ? -2.924  0.769   -3.813  1.00 29.13 ? 116 VAL A H    1 
ATOM   1343 H HA   . VAL A 1 108 ? -3.972  -1.716  -4.130  1.00 24.66 ? 116 VAL A HA   1 
ATOM   1344 H HB   . VAL A 1 108 ? -2.981  -0.526  -1.772  1.00 35.07 ? 116 VAL A HB   1 
ATOM   1345 H HG11 . VAL A 1 108 ? -3.834  -2.540  -0.686  1.00 34.40 ? 116 VAL A HG11 1 
ATOM   1346 H HG12 . VAL A 1 108 ? -4.892  -1.394  -0.984  1.00 34.40 ? 116 VAL A HG12 1 
ATOM   1347 H HG13 . VAL A 1 108 ? -4.801  -2.659  -1.941  1.00 34.40 ? 116 VAL A HG13 1 
ATOM   1348 H HG21 . VAL A 1 108 ? -1.659  -2.435  -1.614  1.00 39.66 ? 116 VAL A HG21 1 
ATOM   1349 H HG22 . VAL A 1 108 ? -2.335  -3.022  -2.926  1.00 39.66 ? 116 VAL A HG22 1 
ATOM   1350 H HG23 . VAL A 1 108 ? -1.410  -1.733  -3.016  1.00 39.66 ? 116 VAL A HG23 1 
ATOM   1351 N N    . VAL A 1 109 ? -6.273  -0.959  -4.013  1.00 36.53 ? 117 VAL A N    1 
ATOM   1352 C CA   . VAL A 1 109 ? -7.661  -0.531  -3.952  1.00 30.34 ? 117 VAL A CA   1 
ATOM   1353 C C    . VAL A 1 109 ? -8.475  -1.649  -3.312  1.00 35.50 ? 117 VAL A C    1 
ATOM   1354 O O    . VAL A 1 109 ? -8.319  -2.826  -3.668  1.00 45.34 ? 117 VAL A O    1 
ATOM   1355 C CB   . VAL A 1 109 ? -8.194  -0.184  -5.352  1.00 37.22 ? 117 VAL A CB   1 
ATOM   1356 C CG1  . VAL A 1 109 ? -7.941  -1.340  -6.315  1.00 47.27 ? 117 VAL A CG1  1 
ATOM   1357 C CG2  . VAL A 1 109 ? -9.698  0.121   -5.281  1.00 43.70 ? 117 VAL A CG2  1 
ATOM   1358 H H    . VAL A 1 109 ? -6.158  -1.662  -4.494  1.00 37.25 ? 117 VAL A H    1 
ATOM   1359 H HA   . VAL A 1 109 ? -7.742  0.256   -3.391  1.00 29.82 ? 117 VAL A HA   1 
ATOM   1360 H HB   . VAL A 1 109 ? -7.731  0.601   -5.684  1.00 38.08 ? 117 VAL A HB   1 
ATOM   1361 H HG11 . VAL A 1 109 ? -8.335  -1.126  -7.175  1.00 50.15 ? 117 VAL A HG11 1 
ATOM   1362 H HG12 . VAL A 1 109 ? -6.983  -1.467  -6.412  1.00 50.15 ? 117 VAL A HG12 1 
ATOM   1363 H HG13 . VAL A 1 109 ? -8.346  -2.144  -5.956  1.00 50.15 ? 117 VAL A HG13 1 
ATOM   1364 H HG21 . VAL A 1 109 ? -10.014 0.362   -6.166  1.00 45.86 ? 117 VAL A HG21 1 
ATOM   1365 H HG22 . VAL A 1 109 ? -10.166 -0.667  -4.965  1.00 45.86 ? 117 VAL A HG22 1 
ATOM   1366 H HG23 . VAL A 1 109 ? -9.841  0.860   -4.668  1.00 45.86 ? 117 VAL A HG23 1 
ATOM   1367 N N    . LEU A 1 110 ? -9.348  -1.283  -2.383  1.00 34.10 ? 118 LEU A N    1 
ATOM   1368 C CA   . LEU A 1 110 ? -10.129 -2.236  -1.614  1.00 47.51 ? 118 LEU A CA   1 
ATOM   1369 C C    . LEU A 1 110 ? -11.587 -2.229  -2.058  1.00 47.96 ? 118 LEU A C    1 
ATOM   1370 O O    . LEU A 1 110 ? -12.116 -1.204  -2.500  1.00 42.14 ? 118 LEU A O    1 
ATOM   1371 C CB   . LEU A 1 110 ? -10.070 -1.903  -0.120  1.00 42.70 ? 118 LEU A CB   1 
ATOM   1372 C CG   . LEU A 1 110 ? -8.734  -1.610  0.562   1.00 48.38 ? 118 LEU A CG   1 
ATOM   1373 C CD1  . LEU A 1 110 ? -8.980  -1.035  1.955   1.00 37.63 ? 118 LEU A CD1  1 
ATOM   1374 C CD2  . LEU A 1 110 ? -7.906  -2.871  0.644   1.00 38.38 ? 118 LEU A CD2  1 
ATOM   1375 H H    . LEU A 1 110 ? -9.509  -0.465  -2.176  1.00 28.23 ? 118 LEU A H    1 
ATOM   1376 H HA   . LEU A 1 110 ? -9.770  -3.125  -1.762  1.00 44.33 ? 118 LEU A HA   1 
ATOM   1377 H HB2  . LEU A 1 110 ? -10.618 -1.114  0.017   1.00 38.55 ? 118 LEU A HB2  1 
ATOM   1378 H HB3  . LEU A 1 110 ? -10.452 -2.658  0.354   1.00 38.55 ? 118 LEU A HB3  1 
ATOM   1379 H HG   . LEU A 1 110 ? -8.238  -0.956  0.045   1.00 45.37 ? 118 LEU A HG   1 
ATOM   1380 H HD11 . LEU A 1 110 ? -8.127  -0.876  2.386   1.00 32.47 ? 118 LEU A HD11 1 
ATOM   1381 H HD12 . LEU A 1 110 ? -9.469  -0.202  1.871   1.00 32.47 ? 118 LEU A HD12 1 
ATOM   1382 H HD13 . LEU A 1 110 ? -9.499  -1.671  2.473   1.00 32.47 ? 118 LEU A HD13 1 
ATOM   1383 H HD21 . LEU A 1 110 ? -7.064  -2.669  1.082   1.00 33.37 ? 118 LEU A HD21 1 
ATOM   1384 H HD22 . LEU A 1 110 ? -8.392  -3.536  1.156   1.00 33.37 ? 118 LEU A HD22 1 
ATOM   1385 H HD23 . LEU A 1 110 ? -7.741  -3.199  -0.253  1.00 33.37 ? 118 LEU A HD23 1 
ATOM   1386 N N    . ASP A 1 111 ? -12.232 -3.387  -1.931  1.00 46.22 ? 119 ASP A N    1 
ATOM   1387 C CA   . ASP A 1 111 ? -13.685 -3.498  -1.973  1.00 50.76 ? 119 ASP A CA   1 
ATOM   1388 C C    . ASP A 1 111 ? -14.121 -4.362  -0.798  1.00 50.69 ? 119 ASP A C    1 
ATOM   1389 O O    . ASP A 1 111 ? -13.347 -5.170  -0.278  1.00 43.28 ? 119 ASP A O    1 
ATOM   1390 C CB   . ASP A 1 111 ? -14.196 -4.070  -3.306  1.00 44.98 ? 119 ASP A CB   1 
ATOM   1391 C CG   . ASP A 1 111 ? -13.618 -5.423  -3.632  1.00 49.95 ? 119 ASP A CG   1 
ATOM   1392 O OD1  . ASP A 1 111 ? -13.144 -6.122  -2.713  1.00 57.17 ? 119 ASP A OD1  1 
ATOM   1393 O OD2  . ASP A 1 111 ? -13.639 -5.782  -4.826  1.00 40.01 ? 119 ASP A OD2  1 
ATOM   1394 H H    . ASP A 1 111 ? -11.837 -4.143  -1.814  1.00 44.85 ? 119 ASP A H    1 
ATOM   1395 H HA   . ASP A 1 111 ? -14.092 -2.621  -1.887  1.00 50.29 ? 119 ASP A HA   1 
ATOM   1396 H HB2  . ASP A 1 111 ? -15.161 -4.162  -3.259  1.00 43.36 ? 119 ASP A HB2  1 
ATOM   1397 H HB3  . ASP A 1 111 ? -13.956 -3.462  -4.022  1.00 43.36 ? 119 ASP A HB3  1 
ATOM   1398 N N    . PHE A 1 112 ? -15.364 -4.181  -0.371  1.00 49.15 ? 120 PHE A N    1 
ATOM   1399 C CA   . PHE A 1 112 ? -15.794 -4.618  0.953   1.00 47.13 ? 120 PHE A CA   1 
ATOM   1400 C C    . PHE A 1 112 ? -16.766 -5.787  0.866   1.00 50.80 ? 120 PHE A C    1 
ATOM   1401 O O    . PHE A 1 112 ? -17.909 -5.627  0.428   1.00 48.69 ? 120 PHE A O    1 
ATOM   1402 C CB   . PHE A 1 112 ? -16.421 -3.447  1.709   1.00 43.98 ? 120 PHE A CB   1 
ATOM   1403 C CG   . PHE A 1 112 ? -15.527 -2.243  1.805   1.00 48.06 ? 120 PHE A CG   1 
ATOM   1404 C CD1  . PHE A 1 112 ? -14.327 -2.316  2.487   1.00 48.37 ? 120 PHE A CD1  1 
ATOM   1405 C CD2  . PHE A 1 112 ? -15.884 -1.041  1.213   1.00 49.15 ? 120 PHE A CD2  1 
ATOM   1406 C CE1  . PHE A 1 112 ? -13.498 -1.217  2.581   1.00 44.08 ? 120 PHE A CE1  1 
ATOM   1407 C CE2  . PHE A 1 112 ? -15.055 0.065   1.304   1.00 47.78 ? 120 PHE A CE2  1 
ATOM   1408 C CZ   . PHE A 1 112 ? -13.863 -0.026  1.989   1.00 46.91 ? 120 PHE A CZ   1 
ATOM   1409 H H    . PHE A 1 112 ? -15.983 -3.804  -0.834  1.00 48.07 ? 120 PHE A H    1 
ATOM   1410 H HA   . PHE A 1 112 ? -15.014 -4.948  1.424   1.00 45.64 ? 120 PHE A HA   1 
ATOM   1411 H HB2  . PHE A 1 112 ? -17.232 -3.177  1.252   1.00 41.86 ? 120 PHE A HB2  1 
ATOM   1412 H HB3  . PHE A 1 112 ? -16.629 -3.733  2.612   1.00 41.86 ? 120 PHE A HB3  1 
ATOM   1413 H HD1  . PHE A 1 112 ? -14.074 -3.116  2.886   1.00 47.12 ? 120 PHE A HD1  1 
ATOM   1414 H HD2  . PHE A 1 112 ? -16.688 -0.977  0.750   1.00 48.06 ? 120 PHE A HD2  1 
ATOM   1415 H HE1  . PHE A 1 112 ? -12.695 -1.279  3.045   1.00 41.99 ? 120 PHE A HE1  1 
ATOM   1416 H HE2  . PHE A 1 112 ? -15.303 0.866   0.904   1.00 46.43 ? 120 PHE A HE2  1 
ATOM   1417 H HZ   . PHE A 1 112 ? -13.304 0.715   2.052   1.00 45.37 ? 120 PHE A HZ   1 
ATOM   1418 N N    . ILE A 1 113 ? -16.300 -6.957  1.293   1.00 50.33 ? 121 ILE A N    1 
ATOM   1419 C CA   . ILE A 1 113 ? -17.159 -8.074  1.656   1.00 44.21 ? 121 ILE A CA   1 
ATOM   1420 C C    . ILE A 1 113 ? -17.543 -7.919  3.119   1.00 47.25 ? 121 ILE A C    1 
ATOM   1421 O O    . ILE A 1 113 ? -18.469 -7.185  3.468   1.00 48.27 ? 121 ILE A O    1 
ATOM   1422 C CB   . ILE A 1 113 ? -16.462 -9.424  1.407   1.00 50.63 ? 121 ILE A CB   1 
ATOM   1423 C CG1  . ILE A 1 113 ? -17.381 -10.575 1.833   1.00 64.38 ? 121 ILE A CG1  1 
ATOM   1424 C CG2  . ILE A 1 113 ? -15.128 -9.485  2.122   1.00 47.49 ? 121 ILE A CG2  1 
ATOM   1425 C CD1  . ILE A 1 113 ? -18.675 -10.688 1.062   1.00 50.64 ? 121 ILE A CD1  1 
ATOM   1426 H H    . ILE A 1 113 ? -15.464 -7.133  1.385   1.00 55.52 ? 121 ILE A H    1 
ATOM   1427 H HA   . ILE A 1 113 ? -17.958 -8.071  1.106   1.00 48.18 ? 121 ILE A HA   1 
ATOM   1428 H HB   . ILE A 1 113 ? -16.287 -9.512  0.457   1.00 55.88 ? 121 ILE A HB   1 
ATOM   1429 H HG12 . ILE A 1 113 ? -16.900 -11.409 1.715   1.00 72.37 ? 121 ILE A HG12 1 
ATOM   1430 H HG13 . ILE A 1 113 ? -17.611 -10.453 2.768   1.00 72.37 ? 121 ILE A HG13 1 
ATOM   1431 H HG21 . ILE A 1 113 ? -14.741 -10.366 1.994   1.00 52.11 ? 121 ILE A HG21 1 
ATOM   1432 H HG22 . ILE A 1 113 ? -14.540 -8.808  1.751   1.00 52.11 ? 121 ILE A HG22 1 
ATOM   1433 H HG23 . ILE A 1 113 ? -15.268 -9.319  3.067   1.00 52.11 ? 121 ILE A HG23 1 
ATOM   1434 H HD11 . ILE A 1 113 ? -19.187 -11.434 1.413   1.00 55.89 ? 121 ILE A HD11 1 
ATOM   1435 H HD12 . ILE A 1 113 ? -19.177 -9.865  1.166   1.00 55.89 ? 121 ILE A HD12 1 
ATOM   1436 H HD13 . ILE A 1 113 ? -18.473 -10.837 0.125   1.00 55.89 ? 121 ILE A HD13 1 
HETATM 1437 O O    . HOH B 2 .   ? -2.476  14.963  -6.274  1.00 34.35 ? 201 HOH A O    1 
HETATM 1438 O O    . HOH B 2 .   ? 0.934   -7.329  5.197   1.00 28.96 ? 202 HOH A O    1 
HETATM 1439 O O    . HOH B 2 .   ? -6.139  2.108   -0.594  1.00 29.25 ? 203 HOH A O    1 
HETATM 1440 O O    . HOH B 2 .   ? -6.552  1.300   2.130   1.00 28.57 ? 204 HOH A O    1 
HETATM 1441 O O    . HOH B 2 .   ? -7.658  -9.625  9.285   1.00 35.88 ? 205 HOH A O    1 
HETATM 1442 O O    . HOH B 2 .   ? -13.416 3.465   3.115   1.00 36.33 ? 206 HOH A O    1 
HETATM 1443 O O    . HOH B 2 .   ? 1.371   -9.598  -7.957  1.00 30.54 ? 207 HOH A O    1 
HETATM 1444 O O    . HOH B 2 .   ? -11.004 -6.876  7.062   1.00 36.18 ? 208 HOH A O    1 
HETATM 1445 O O    . HOH B 2 .   ? 20.224  -5.097  -3.974  1.00 40.41 ? 209 HOH A O    1 
HETATM 1446 O O    . HOH B 2 .   ? -10.279 -9.219  -5.121  1.00 42.31 ? 210 HOH A O    1 
HETATM 1447 O O    . HOH B 2 .   ? 11.911  -7.788  1.597   1.00 40.06 ? 211 HOH A O    1 
# 
